data_9CI8
#
_entry.id   9CI8
#
_cell.length_a   1.00
_cell.length_b   1.00
_cell.length_c   1.00
_cell.angle_alpha   90.00
_cell.angle_beta   90.00
_cell.angle_gamma   90.00
#
_symmetry.space_group_name_H-M   'P 1'
#
loop_
_entity.id
_entity.type
_entity.pdbx_description
1 polymer 'UCHT1 Fab'
2 polymer 'UCHT1 Fab chain 2'
3 polymer 'T-cell surface glycoprotein CD3 zeta chain'
4 polymer 'T-cell surface glycoprotein CD3 delta chain'
5 polymer 'T-cell surface glycoprotein CD3 epsilon chain'
6 polymer 'T-cell surface glycoprotein CD3 gamma chain'
7 polymer 'T cell receptor delta constant'
8 polymer 'T cell receptor gamma constant 1'
#
loop_
_entity_poly.entity_id
_entity_poly.type
_entity_poly.pdbx_seq_one_letter_code
_entity_poly.pdbx_strand_id
1 'polypeptide(L)'
;MDIQMTQTTSSLSASLGDRVTISCRASQDIRNYLNWYQQKPDGTVKLLIYYTSRLHSGVPSKFSGSGSGTDYSLTISNLE
QEDIATYFCQQGNTLPWTFAGGTKLEI(UNK)(UNK)RADAAPTVSIFPPASEQLTSGGASVVCFLNNFYPKSINSKWKI
DGSERQNGVLNSWTDQDSKDSTYSMSSTLTLTKNEYERHNSYTCEATHK(UNK)(UNK)(UNK)SPIVKSFNRS
;
A,C
2 'polypeptide(L)'
;EVQLQQSGPELVKPGASMKISCKASGYSFTGYTMNWVKQSHGKNLEWMGLINPYKGVSTYNQKFKDKATLTVDKSSSTAY
MELLSLTSEDSAVYYCARSGYYGDSDWYFDVWGQGTTLTVFSAKTTPPSVYPLAPGS(UNK)(UNK)(UNK)(UNK)
(UNK)(UNK)MVTLGCLVKGYFPEPVTVTWNSGSLSSGVHTFPAVLKSDLYTLSSSVTV(UNK)(UNK)(UNK)(UNK)
(UNK)(UNK)(UNK)(UNK)(UNK)VTCNVAHPASSTTVDKKIVPR
;
B,D
3 'polypeptide(L)' LDPKLCYLLDGILFIYGVILTALFLRVKFSR a,b
4 'polypeptide(L)'
;FKIPIEELEDRVFVNCNTSITWVEGTVGTLLSDITRLDLGKRILDPRGIYRCNGTDIYKDKESTVQVHYRMCQSCVELDP
ATVAGIIVTDVIATLLLALGVFCFA
;
d
5 'polypeptide(L)'
;QTPYKVSISGTTVILTCPQYPGSEILWQHNDKNIGGDEDDKNIGSDEDHLSLKEFSELEQSGYYVCYPRGSKPEDANFYL
YLRARVCENCMEMDVMSVATIVIVDICITGGLLLLVYYWSKNRK
;
e,f
6 'polypeptide(L)'
;SIKGNHLVKVYDYQEDGSVLLTCDAEAKNITWFKDGKMIGFLTEDKKKWNLGSNAKDPRGMYQCKGSQNKSKPLQVYYRM
CQNCIELNAATISGFLFAEIVSIFVLAVGVYFIAG
;
g
7 'polypeptide(L)' HTEKVNMMSLTVLGLRMLFAKTVAVNFLLTAKLFFL m
8 'polypeptide(L)' TLLLQLTNTSAYYMYLLLLLKSVVYFAIITCCLLRRTA n
#
# COMPACT_ATOMS: atom_id res chain seq x y z
N ASP A 2 19.26 36.12 -30.80
CA ASP A 2 18.30 35.05 -30.53
C ASP A 2 17.81 34.43 -31.84
N ILE A 3 16.69 33.72 -31.77
CA ILE A 3 16.09 33.07 -32.93
C ILE A 3 14.91 33.93 -33.38
N GLN A 4 14.96 34.41 -34.61
CA GLN A 4 13.90 35.24 -35.16
C GLN A 4 12.71 34.37 -35.51
N MET A 5 11.54 34.76 -35.00
CA MET A 5 10.30 34.01 -35.16
C MET A 5 9.30 34.89 -35.88
N THR A 6 8.92 34.51 -37.10
CA THR A 6 8.15 35.37 -37.99
C THR A 6 6.96 34.61 -38.56
N GLN A 7 5.98 35.39 -39.02
CA GLN A 7 4.82 34.87 -39.72
C GLN A 7 4.79 35.48 -41.11
N THR A 8 4.64 34.63 -42.13
CA THR A 8 4.68 35.10 -43.52
C THR A 8 3.44 35.90 -43.86
N THR A 9 2.27 35.47 -43.38
CA THR A 9 1.01 36.16 -43.64
C THR A 9 0.65 36.99 -42.41
N SER A 10 0.90 38.30 -42.48
CA SER A 10 0.50 39.18 -41.40
C SER A 10 -1.01 39.36 -41.36
N SER A 11 -1.67 39.32 -42.51
CA SER A 11 -3.12 39.37 -42.58
C SER A 11 -3.59 38.43 -43.69
N LEU A 12 -4.68 37.71 -43.42
CA LEU A 12 -5.26 36.81 -44.38
C LEU A 12 -6.78 36.95 -44.37
N SER A 13 -7.40 36.58 -45.49
CA SER A 13 -8.85 36.63 -45.64
C SER A 13 -9.39 35.21 -45.69
N ALA A 14 -10.27 34.88 -44.76
CA ALA A 14 -10.87 33.55 -44.70
C ALA A 14 -12.33 33.69 -44.35
N SER A 15 -13.18 32.95 -45.07
CA SER A 15 -14.62 33.08 -44.94
C SER A 15 -15.12 32.36 -43.69
N LEU A 16 -16.39 32.61 -43.37
CA LEU A 16 -17.03 31.95 -42.23
C LEU A 16 -17.30 30.49 -42.57
N GLY A 17 -16.78 29.58 -41.75
CA GLY A 17 -16.90 28.16 -42.00
C GLY A 17 -15.81 27.56 -42.85
N ASP A 18 -14.60 28.12 -42.83
CA ASP A 18 -13.51 27.69 -43.69
C ASP A 18 -12.42 27.00 -42.87
N ARG A 19 -11.59 26.22 -43.58
CA ARG A 19 -10.34 25.69 -43.05
C ARG A 19 -9.21 26.45 -43.72
N VAL A 20 -8.45 27.20 -42.94
CA VAL A 20 -7.34 27.98 -43.46
C VAL A 20 -6.12 27.73 -42.60
N THR A 21 -4.94 27.98 -43.17
CA THR A 21 -3.68 27.71 -42.48
C THR A 21 -2.91 29.00 -42.25
N ILE A 22 -2.15 29.00 -41.17
CA ILE A 22 -1.30 30.12 -40.77
C ILE A 22 0.12 29.59 -40.66
N SER A 23 1.05 30.23 -41.35
CA SER A 23 2.42 29.75 -41.47
C SER A 23 3.35 30.53 -40.55
N CYS A 24 4.31 29.82 -39.96
CA CYS A 24 5.27 30.40 -39.04
C CYS A 24 6.65 29.84 -39.35
N ARG A 25 7.65 30.71 -39.40
CA ARG A 25 9.01 30.33 -39.74
C ARG A 25 9.96 30.85 -38.67
N ALA A 26 10.87 29.97 -38.23
CA ALA A 26 11.90 30.34 -37.28
C ALA A 26 13.25 30.42 -37.98
N SER A 27 14.17 31.18 -37.37
CA SER A 27 15.51 31.34 -37.93
C SER A 27 16.29 30.02 -37.87
N GLN A 28 16.17 29.30 -36.76
CA GLN A 28 16.79 27.99 -36.59
C GLN A 28 15.72 26.97 -36.26
N ASP A 29 16.11 25.69 -36.28
CA ASP A 29 15.19 24.63 -35.91
C ASP A 29 14.92 24.67 -34.41
N ILE A 30 13.65 24.75 -34.04
CA ILE A 30 13.27 24.89 -32.63
C ILE A 30 12.65 23.60 -32.10
N ARG A 31 12.90 22.46 -32.77
CA ARG A 31 12.60 21.11 -32.28
C ARG A 31 11.11 20.91 -31.99
N ASN A 32 10.25 21.56 -32.79
CA ASN A 32 8.80 21.58 -32.64
C ASN A 32 8.33 22.11 -31.28
N TYR A 33 9.15 22.93 -30.62
CA TYR A 33 8.74 23.61 -29.40
C TYR A 33 8.06 24.91 -29.79
N LEU A 34 6.78 24.80 -30.13
CA LEU A 34 6.01 25.93 -30.61
C LEU A 34 4.61 25.88 -30.03
N ASN A 35 4.10 27.04 -29.66
CA ASN A 35 2.74 27.17 -29.13
C ASN A 35 2.00 28.27 -29.88
N TRP A 36 0.78 27.96 -30.30
CA TRP A 36 -0.08 28.95 -30.91
C TRP A 36 -1.06 29.48 -29.86
N TYR A 37 -1.27 30.80 -29.90
CA TYR A 37 -2.15 31.52 -28.99
C TYR A 37 -3.14 32.33 -29.80
N GLN A 38 -4.37 32.44 -29.27
CA GLN A 38 -5.44 33.20 -29.90
C GLN A 38 -5.75 34.41 -29.04
N GLN A 39 -5.58 35.61 -29.59
CA GLN A 39 -5.94 36.86 -28.93
C GLN A 39 -7.16 37.42 -29.63
N LYS A 40 -8.27 37.47 -28.91
CA LYS A 40 -9.47 38.10 -29.42
C LYS A 40 -9.27 39.62 -29.46
N PRO A 41 -9.98 40.34 -30.34
CA PRO A 41 -9.73 41.78 -30.48
C PRO A 41 -10.07 42.62 -29.26
N ASP A 42 -10.82 42.09 -28.29
CA ASP A 42 -11.11 42.87 -27.08
C ASP A 42 -9.88 43.00 -26.19
N GLY A 43 -8.98 42.01 -26.23
CA GLY A 43 -7.76 42.07 -25.45
C GLY A 43 -7.38 40.75 -24.81
N THR A 44 -8.35 39.88 -24.59
CA THR A 44 -8.08 38.58 -23.96
C THR A 44 -7.35 37.65 -24.91
N VAL A 45 -6.45 36.86 -24.35
CA VAL A 45 -5.62 35.92 -25.10
C VAL A 45 -5.54 34.60 -24.34
N LYS A 46 -5.54 33.50 -25.08
CA LYS A 46 -5.60 32.16 -24.52
C LYS A 46 -4.63 31.24 -25.25
N LEU A 47 -4.22 30.17 -24.58
CA LEU A 47 -3.35 29.17 -25.20
C LEU A 47 -4.17 28.30 -26.13
N LEU A 48 -3.89 28.36 -27.43
CA LEU A 48 -4.64 27.54 -28.37
C LEU A 48 -4.06 26.13 -28.43
N ILE A 49 -2.81 25.99 -28.88
CA ILE A 49 -2.15 24.69 -28.93
C ILE A 49 -0.72 24.85 -28.44
N TYR A 50 -0.13 23.73 -28.00
CA TYR A 50 1.26 23.70 -27.57
C TYR A 50 1.94 22.46 -28.13
N TYR A 51 3.28 22.53 -28.18
CA TYR A 51 4.17 21.46 -28.68
C TYR A 51 3.87 21.10 -30.12
N THR A 52 3.30 22.06 -30.87
CA THR A 52 2.95 22.03 -32.30
C THR A 52 1.83 21.03 -32.62
N SER A 53 1.39 20.23 -31.65
CA SER A 53 0.31 19.28 -31.93
C SER A 53 -0.74 19.14 -30.84
N ARG A 54 -0.45 19.47 -29.59
CA ARG A 54 -1.34 19.12 -28.49
C ARG A 54 -2.55 20.06 -28.44
N LEU A 55 -3.51 19.72 -27.59
CA LEU A 55 -4.74 20.49 -27.45
C LEU A 55 -4.94 20.84 -25.98
N HIS A 56 -5.07 22.13 -25.70
CA HIS A 56 -5.34 22.58 -24.35
C HIS A 56 -6.79 22.31 -23.97
N SER A 57 -7.04 22.19 -22.66
CA SER A 57 -8.38 21.98 -22.15
C SER A 57 -9.22 23.24 -22.38
N GLY A 58 -10.42 23.05 -22.92
CA GLY A 58 -11.29 24.15 -23.28
C GLY A 58 -11.15 24.61 -24.73
N VAL A 59 -10.11 24.17 -25.42
CA VAL A 59 -9.92 24.50 -26.83
C VAL A 59 -10.57 23.38 -27.66
N PRO A 60 -11.50 23.70 -28.55
CA PRO A 60 -12.15 22.64 -29.35
C PRO A 60 -11.21 22.09 -30.40
N SER A 61 -11.65 21.00 -31.02
CA SER A 61 -10.83 20.23 -31.94
C SER A 61 -10.73 20.84 -33.33
N LYS A 62 -11.31 22.02 -33.56
CA LYS A 62 -11.22 22.66 -34.86
C LYS A 62 -9.85 23.25 -35.14
N PHE A 63 -9.01 23.42 -34.11
CA PHE A 63 -7.67 23.95 -34.26
C PHE A 63 -6.68 22.78 -34.26
N SER A 64 -5.87 22.68 -35.32
CA SER A 64 -4.92 21.58 -35.44
C SER A 64 -3.57 22.14 -35.88
N GLY A 65 -2.54 21.88 -35.09
CA GLY A 65 -1.21 22.30 -35.46
C GLY A 65 -0.44 21.24 -36.24
N SER A 66 0.57 21.70 -36.97
CA SER A 66 1.44 20.80 -37.72
C SER A 66 2.74 21.53 -38.00
N GLY A 67 3.70 20.79 -38.55
CA GLY A 67 4.97 21.35 -38.96
C GLY A 67 6.14 20.77 -38.19
N SER A 68 7.33 21.03 -38.72
CA SER A 68 8.56 20.53 -38.15
C SER A 68 9.72 21.39 -38.64
N GLY A 69 10.90 21.13 -38.07
CA GLY A 69 12.11 21.84 -38.44
C GLY A 69 12.04 23.32 -38.14
N THR A 70 11.92 24.12 -39.20
CA THR A 70 11.71 25.56 -39.07
C THR A 70 10.35 26.01 -39.57
N ASP A 71 9.57 25.14 -40.19
CA ASP A 71 8.31 25.52 -40.83
C ASP A 71 7.15 24.90 -40.06
N TYR A 72 6.23 25.74 -39.60
CA TYR A 72 5.13 25.29 -38.76
C TYR A 72 3.84 25.95 -39.25
N SER A 73 2.71 25.33 -38.94
CA SER A 73 1.44 25.83 -39.43
C SER A 73 0.33 25.48 -38.44
N LEU A 74 -0.70 26.34 -38.44
CA LEU A 74 -1.93 26.09 -37.69
C LEU A 74 -3.11 26.10 -38.66
N THR A 75 -3.90 25.04 -38.63
CA THR A 75 -5.06 24.90 -39.51
C THR A 75 -6.33 25.01 -38.68
N ILE A 76 -7.22 25.89 -39.12
CA ILE A 76 -8.48 26.16 -38.42
C ILE A 76 -9.62 25.77 -39.33
N SER A 77 -10.48 24.88 -38.85
CA SER A 77 -11.67 24.45 -39.56
C SER A 77 -12.90 25.15 -38.99
N ASN A 78 -13.93 25.29 -39.83
CA ASN A 78 -15.29 25.82 -39.53
C ASN A 78 -15.23 27.08 -38.65
N LEU A 79 -14.63 28.11 -39.27
CA LEU A 79 -14.43 29.40 -38.61
C LEU A 79 -15.76 30.06 -38.27
N GLU A 80 -15.94 30.39 -37.00
CA GLU A 80 -17.17 30.96 -36.48
C GLU A 80 -16.95 32.43 -36.14
N GLN A 81 -17.98 33.06 -35.57
CA GLN A 81 -17.88 34.45 -35.18
C GLN A 81 -16.99 34.63 -33.95
N GLU A 82 -16.89 33.61 -33.10
CA GLU A 82 -15.98 33.65 -31.96
C GLU A 82 -14.55 33.32 -32.34
N ASP A 83 -14.31 32.88 -33.58
CA ASP A 83 -12.98 32.56 -34.05
C ASP A 83 -12.26 33.76 -34.65
N ILE A 84 -12.96 34.88 -34.83
CA ILE A 84 -12.37 36.09 -35.42
C ILE A 84 -11.42 36.70 -34.40
N ALA A 85 -10.12 36.55 -34.64
CA ALA A 85 -9.09 36.92 -33.66
C ALA A 85 -7.75 36.99 -34.38
N THR A 86 -6.67 37.18 -33.61
CA THR A 86 -5.32 37.11 -34.15
C THR A 86 -4.59 35.92 -33.53
N TYR A 87 -3.66 35.36 -34.30
CA TYR A 87 -3.01 34.11 -33.96
C TYR A 87 -1.49 34.30 -33.92
N PHE A 88 -0.88 33.69 -32.91
CA PHE A 88 0.48 34.00 -32.49
C PHE A 88 1.26 32.70 -32.32
N CYS A 89 2.40 32.59 -32.98
CA CYS A 89 3.28 31.45 -32.79
C CYS A 89 4.46 31.87 -31.91
N GLN A 90 4.66 31.15 -30.81
CA GLN A 90 5.72 31.43 -29.85
C GLN A 90 6.64 30.23 -29.77
N GLN A 91 7.93 30.47 -29.92
CA GLN A 91 8.91 29.41 -29.75
C GLN A 91 9.13 29.16 -28.25
N GLY A 92 9.32 27.89 -27.90
CA GLY A 92 9.56 27.52 -26.53
C GLY A 92 10.84 26.71 -26.43
N ASN A 93 11.84 27.08 -27.24
CA ASN A 93 13.08 26.32 -27.34
C ASN A 93 14.21 26.97 -26.56
N THR A 94 14.54 28.22 -26.88
CA THR A 94 15.64 28.94 -26.27
C THR A 94 15.12 30.17 -25.54
N LEU A 95 15.75 30.49 -24.41
CA LEU A 95 15.47 31.75 -23.74
C LEU A 95 16.15 32.90 -24.47
N PRO A 96 15.48 34.05 -24.61
CA PRO A 96 14.08 34.34 -24.26
C PRO A 96 13.10 33.78 -25.29
N TRP A 97 11.87 33.46 -24.89
CA TRP A 97 10.87 32.96 -25.83
C TRP A 97 10.46 34.07 -26.79
N THR A 98 10.48 33.77 -28.08
CA THR A 98 10.18 34.75 -29.11
C THR A 98 8.83 34.45 -29.74
N PHE A 99 7.97 35.46 -29.81
CA PHE A 99 6.70 35.36 -30.51
C PHE A 99 6.88 35.81 -31.95
N ALA A 100 5.78 36.00 -32.66
CA ALA A 100 5.78 36.58 -34.00
C ALA A 100 4.77 37.71 -34.04
N GLY A 101 4.66 38.34 -35.22
CA GLY A 101 3.72 39.44 -35.39
C GLY A 101 2.27 39.00 -35.37
N GLY A 102 1.99 37.75 -35.69
CA GLY A 102 0.64 37.23 -35.66
C GLY A 102 -0.11 37.49 -36.95
N THR A 103 -1.11 36.64 -37.20
CA THR A 103 -2.00 36.83 -38.34
C THR A 103 -3.37 37.28 -37.81
N LYS A 104 -4.06 38.06 -38.62
CA LYS A 104 -5.40 38.55 -38.28
C LYS A 104 -6.42 37.81 -39.13
N LEU A 105 -7.49 37.34 -38.49
CA LEU A 105 -8.48 36.54 -39.19
C LEU A 105 -9.88 36.91 -38.71
N ALA A 111 -17.36 41.29 -50.49
CA ALA A 111 -16.79 41.48 -51.83
C ALA A 111 -15.92 42.73 -51.87
N ASP A 112 -15.23 42.92 -52.99
CA ASP A 112 -14.36 44.07 -53.20
C ASP A 112 -15.23 45.32 -53.33
N ALA A 113 -15.26 46.15 -52.28
CA ALA A 113 -16.10 47.32 -52.22
C ALA A 113 -15.29 48.56 -52.62
N ALA A 114 -15.90 49.74 -52.45
CA ALA A 114 -15.29 51.01 -52.79
C ALA A 114 -15.40 51.96 -51.61
N PRO A 115 -14.40 52.83 -51.41
CA PRO A 115 -14.46 53.78 -50.30
C PRO A 115 -15.40 54.94 -50.60
N THR A 116 -16.27 55.25 -49.64
CA THR A 116 -17.13 56.43 -49.72
C THR A 116 -16.32 57.62 -49.21
N VAL A 117 -15.47 58.14 -50.09
CA VAL A 117 -14.54 59.20 -49.71
C VAL A 117 -15.31 60.51 -49.56
N SER A 118 -15.30 61.06 -48.36
CA SER A 118 -15.93 62.35 -48.08
C SER A 118 -14.89 63.26 -47.45
N ILE A 119 -14.64 64.39 -48.10
CA ILE A 119 -13.68 65.37 -47.61
C ILE A 119 -14.42 66.35 -46.70
N PHE A 120 -13.73 66.81 -45.66
CA PHE A 120 -14.37 67.66 -44.67
C PHE A 120 -13.46 68.84 -44.32
N PRO A 121 -13.91 70.06 -44.61
CA PRO A 121 -13.17 71.26 -44.20
C PRO A 121 -13.28 71.49 -42.71
N PRO A 122 -12.36 72.26 -42.12
CA PRO A 122 -12.50 72.65 -40.72
C PRO A 122 -13.65 73.64 -40.55
N ALA A 123 -14.08 73.80 -39.30
CA ALA A 123 -15.17 74.69 -38.94
C ALA A 123 -14.62 76.01 -38.42
N SER A 124 -15.53 76.94 -38.15
CA SER A 124 -15.14 78.25 -37.65
C SER A 124 -14.63 78.21 -36.22
N GLU A 125 -14.94 77.14 -35.47
CA GLU A 125 -14.41 76.99 -34.13
C GLU A 125 -12.90 76.76 -34.15
N GLN A 126 -12.42 75.96 -35.10
CA GLN A 126 -10.99 75.63 -35.14
C GLN A 126 -10.16 76.79 -35.66
N LEU A 127 -10.71 77.59 -36.60
CA LEU A 127 -10.01 78.77 -37.06
C LEU A 127 -9.88 79.82 -35.96
N THR A 128 -10.87 79.92 -35.08
CA THR A 128 -10.71 80.75 -33.89
C THR A 128 -9.77 80.10 -32.87
N SER A 129 -9.69 78.76 -32.88
CA SER A 129 -8.73 78.06 -32.02
C SER A 129 -7.30 78.18 -32.51
N GLY A 130 -7.09 78.50 -33.79
CA GLY A 130 -5.77 78.73 -34.35
C GLY A 130 -5.28 77.65 -35.27
N GLY A 131 -5.89 76.46 -35.23
CA GLY A 131 -5.49 75.36 -36.10
C GLY A 131 -6.46 75.14 -37.24
N ALA A 132 -6.16 74.11 -38.03
CA ALA A 132 -7.04 73.70 -39.13
C ALA A 132 -6.78 72.24 -39.43
N SER A 133 -7.78 71.39 -39.20
CA SER A 133 -7.70 69.96 -39.49
C SER A 133 -8.66 69.64 -40.62
N VAL A 134 -8.12 69.31 -41.79
CA VAL A 134 -8.92 68.89 -42.92
C VAL A 134 -8.94 67.36 -42.95
N VAL A 135 -10.15 66.79 -43.02
CA VAL A 135 -10.35 65.37 -42.79
C VAL A 135 -10.85 64.71 -44.06
N CYS A 136 -10.67 63.40 -44.15
CA CYS A 136 -11.20 62.60 -45.24
C CYS A 136 -11.63 61.25 -44.69
N PHE A 137 -12.90 60.91 -44.87
CA PHE A 137 -13.47 59.66 -44.39
C PHE A 137 -13.60 58.69 -45.56
N LEU A 138 -13.16 57.45 -45.35
CA LEU A 138 -13.12 56.40 -46.36
C LEU A 138 -13.76 55.17 -45.73
N ASN A 139 -15.08 55.05 -45.81
CA ASN A 139 -15.81 54.04 -45.05
C ASN A 139 -16.29 52.92 -45.95
N ASN A 140 -16.36 51.72 -45.36
CA ASN A 140 -17.00 50.54 -45.94
C ASN A 140 -16.34 50.11 -47.25
N PHE A 141 -15.07 49.74 -47.14
CA PHE A 141 -14.28 49.33 -48.29
C PHE A 141 -13.34 48.20 -47.87
N TYR A 142 -12.91 47.43 -48.88
CA TYR A 142 -12.18 46.18 -48.71
C TYR A 142 -11.30 46.00 -49.93
N PRO A 143 -10.05 45.54 -49.78
CA PRO A 143 -9.34 45.13 -48.56
C PRO A 143 -8.68 46.28 -47.82
N LYS A 144 -7.69 46.00 -46.97
CA LYS A 144 -7.06 47.04 -46.16
C LYS A 144 -5.99 47.83 -46.90
N SER A 145 -5.54 47.34 -48.06
CA SER A 145 -4.44 47.97 -48.78
C SER A 145 -4.95 49.22 -49.50
N ILE A 146 -4.48 50.39 -49.06
CA ILE A 146 -4.89 51.66 -49.65
C ILE A 146 -3.77 52.68 -49.39
N ASN A 147 -3.63 53.62 -50.32
CA ASN A 147 -2.72 54.75 -50.17
C ASN A 147 -3.53 56.04 -50.23
N SER A 148 -3.39 56.88 -49.22
CA SER A 148 -4.10 58.14 -49.14
C SER A 148 -3.11 59.27 -49.46
N LYS A 149 -3.26 59.86 -50.64
CA LYS A 149 -2.38 60.93 -51.10
C LYS A 149 -3.07 62.27 -50.90
N TRP A 150 -2.38 63.18 -50.22
CA TRP A 150 -2.92 64.50 -49.92
C TRP A 150 -2.28 65.54 -50.83
N LYS A 151 -3.11 66.38 -51.44
CA LYS A 151 -2.66 67.43 -52.34
C LYS A 151 -3.16 68.78 -51.84
N ILE A 152 -2.22 69.69 -51.57
CA ILE A 152 -2.53 71.07 -51.22
C ILE A 152 -2.26 71.91 -52.47
N ASP A 153 -3.34 72.48 -53.03
CA ASP A 153 -3.31 73.30 -54.25
C ASP A 153 -2.67 72.57 -55.42
N GLY A 154 -2.88 71.26 -55.51
CA GLY A 154 -2.29 70.47 -56.57
C GLY A 154 -0.87 69.99 -56.31
N SER A 155 -0.31 70.24 -55.13
CA SER A 155 1.04 69.82 -54.78
C SER A 155 0.97 68.75 -53.70
N GLU A 156 1.69 67.65 -53.90
CA GLU A 156 1.65 66.53 -52.97
C GLU A 156 2.30 66.90 -51.64
N ARG A 157 1.66 66.51 -50.54
CA ARG A 157 2.14 66.81 -49.20
C ARG A 157 2.24 65.52 -48.40
N GLN A 158 3.30 65.43 -47.58
CA GLN A 158 3.54 64.24 -46.76
C GLN A 158 3.56 64.52 -45.27
N ASN A 159 3.70 65.78 -44.84
CA ASN A 159 3.76 66.12 -43.43
C ASN A 159 2.37 66.31 -42.85
N GLY A 160 2.23 65.94 -41.57
CA GLY A 160 0.97 66.09 -40.88
C GLY A 160 -0.07 65.04 -41.19
N VAL A 161 0.29 63.97 -41.88
CA VAL A 161 -0.66 62.92 -42.24
C VAL A 161 -0.92 62.05 -41.01
N LEU A 162 -2.18 61.94 -40.62
CA LEU A 162 -2.57 61.05 -39.53
C LEU A 162 -3.64 60.10 -40.04
N ASN A 163 -3.38 58.81 -39.93
CA ASN A 163 -4.26 57.77 -40.46
C ASN A 163 -4.80 56.93 -39.33
N SER A 164 -6.12 56.82 -39.25
CA SER A 164 -6.79 56.02 -38.24
C SER A 164 -7.67 54.98 -38.93
N TRP A 165 -7.26 53.71 -38.82
CA TRP A 165 -8.06 52.63 -39.39
C TRP A 165 -8.90 51.95 -38.31
N THR A 166 -10.10 51.55 -38.70
CA THR A 166 -11.01 50.81 -37.84
C THR A 166 -11.05 49.37 -38.34
N ASP A 167 -11.05 48.42 -37.39
CA ASP A 167 -11.02 47.01 -37.71
C ASP A 167 -12.31 46.57 -38.39
N GLN A 168 -12.27 45.36 -38.96
CA GLN A 168 -13.40 44.83 -39.71
C GLN A 168 -14.58 44.55 -38.78
N ASP A 169 -15.76 45.02 -39.18
CA ASP A 169 -16.97 44.80 -38.41
C ASP A 169 -17.58 43.45 -38.77
N SER A 170 -18.46 42.96 -37.89
CA SER A 170 -19.10 41.68 -38.10
C SER A 170 -20.27 41.74 -39.06
N LYS A 171 -20.69 42.94 -39.49
CA LYS A 171 -21.85 43.10 -40.35
C LYS A 171 -21.46 43.22 -41.82
N ASP A 172 -20.63 44.20 -42.16
CA ASP A 172 -20.27 44.46 -43.55
C ASP A 172 -18.92 43.87 -43.95
N SER A 173 -18.08 43.51 -42.97
CA SER A 173 -16.73 42.97 -43.19
C SER A 173 -15.87 43.91 -44.04
N THR A 174 -15.85 45.18 -43.65
CA THR A 174 -15.10 46.21 -44.38
C THR A 174 -14.44 47.15 -43.37
N TYR A 175 -13.64 48.07 -43.90
CA TYR A 175 -12.80 48.93 -43.08
C TYR A 175 -13.22 50.40 -43.22
N SER A 176 -12.84 51.19 -42.22
CA SER A 176 -13.13 52.61 -42.19
C SER A 176 -11.84 53.37 -41.87
N MET A 177 -11.43 54.24 -42.78
CA MET A 177 -10.19 55.00 -42.68
C MET A 177 -10.49 56.47 -42.48
N SER A 178 -9.78 57.10 -41.55
CA SER A 178 -9.85 58.54 -41.35
C SER A 178 -8.46 59.12 -41.60
N SER A 179 -8.34 59.97 -42.61
CA SER A 179 -7.07 60.61 -42.96
C SER A 179 -7.19 62.10 -42.64
N THR A 180 -6.38 62.57 -41.70
CA THR A 180 -6.45 63.95 -41.23
C THR A 180 -5.13 64.67 -41.50
N LEU A 181 -5.24 65.93 -41.91
CA LEU A 181 -4.11 66.84 -42.01
C LEU A 181 -4.32 67.99 -41.04
N THR A 182 -3.29 68.28 -40.24
CA THR A 182 -3.32 69.37 -39.26
C THR A 182 -2.32 70.44 -39.69
N LEU A 183 -2.81 71.66 -39.89
CA LEU A 183 -1.99 72.78 -40.31
C LEU A 183 -2.34 74.01 -39.47
N THR A 184 -1.50 75.03 -39.56
CA THR A 184 -1.79 76.31 -38.94
C THR A 184 -2.85 77.06 -39.74
N LYS A 185 -3.49 78.03 -39.08
CA LYS A 185 -4.53 78.82 -39.74
C LYS A 185 -3.95 79.69 -40.83
N ASN A 186 -2.79 80.32 -40.58
CA ASN A 186 -2.13 81.10 -41.62
C ASN A 186 -1.60 80.22 -42.74
N GLU A 187 -1.19 78.99 -42.41
CA GLU A 187 -0.79 78.05 -43.45
C GLU A 187 -1.99 77.51 -44.22
N TYR A 188 -3.14 77.37 -43.55
CA TYR A 188 -4.34 76.92 -44.23
C TYR A 188 -4.89 77.99 -45.16
N GLU A 189 -4.79 79.25 -44.77
CA GLU A 189 -5.27 80.34 -45.62
C GLU A 189 -4.36 80.60 -46.81
N ARG A 190 -3.13 80.08 -46.78
CA ARG A 190 -2.19 80.30 -47.89
C ARG A 190 -2.57 79.49 -49.12
N HIS A 191 -3.33 78.42 -48.98
CA HIS A 191 -3.74 77.58 -50.10
C HIS A 191 -5.26 77.59 -50.21
N ASN A 192 -5.77 77.08 -51.32
CA ASN A 192 -7.20 77.12 -51.59
C ASN A 192 -7.81 75.76 -51.87
N SER A 193 -7.11 74.87 -52.58
CA SER A 193 -7.65 73.58 -52.98
C SER A 193 -6.99 72.49 -52.16
N TYR A 194 -7.81 71.69 -51.46
CA TYR A 194 -7.35 70.57 -50.66
C TYR A 194 -8.00 69.31 -51.17
N THR A 195 -7.19 68.27 -51.42
CA THR A 195 -7.67 67.06 -52.07
C THR A 195 -7.07 65.84 -51.39
N CYS A 196 -7.86 64.78 -51.27
CA CYS A 196 -7.37 63.48 -50.85
C CYS A 196 -7.74 62.44 -51.90
N GLU A 197 -6.80 61.55 -52.21
CA GLU A 197 -6.99 60.53 -53.22
C GLU A 197 -6.71 59.16 -52.63
N ALA A 198 -7.61 58.21 -52.89
CA ALA A 198 -7.49 56.83 -52.43
C ALA A 198 -7.05 55.97 -53.61
N THR A 199 -5.78 55.55 -53.59
CA THR A 199 -5.22 54.70 -54.64
C THR A 199 -4.98 53.31 -54.07
N HIS A 200 -5.61 52.31 -54.67
CA HIS A 200 -5.43 50.92 -54.26
C HIS A 200 -4.69 50.11 -55.31
N LYS A 201 -5.20 50.08 -56.54
CA LYS A 201 -4.56 49.35 -57.63
C LYS A 201 -4.66 50.11 -58.95
N SER A 205 -9.71 53.98 -61.82
CA SER A 205 -9.69 53.22 -60.57
C SER A 205 -9.68 54.05 -59.25
N PRO A 206 -8.81 55.05 -59.07
CA PRO A 206 -8.86 55.78 -57.79
C PRO A 206 -10.04 56.74 -57.73
N ILE A 207 -10.55 56.91 -56.51
CA ILE A 207 -11.67 57.80 -56.24
C ILE A 207 -11.12 59.05 -55.57
N VAL A 208 -11.42 60.22 -56.13
CA VAL A 208 -10.88 61.48 -55.65
C VAL A 208 -12.04 62.40 -55.27
N LYS A 209 -11.77 63.28 -54.31
CA LYS A 209 -12.75 64.25 -53.82
C LYS A 209 -12.02 65.51 -53.40
N SER A 210 -12.51 66.66 -53.84
CA SER A 210 -11.84 67.92 -53.58
C SER A 210 -12.84 68.98 -53.16
N PHE A 211 -12.35 69.98 -52.41
CA PHE A 211 -13.13 71.16 -52.10
C PHE A 211 -12.21 72.37 -52.21
N ASN A 212 -12.82 73.54 -52.37
CA ASN A 212 -12.11 74.81 -52.44
C ASN A 212 -12.35 75.60 -51.17
N ARG A 213 -11.28 76.21 -50.64
CA ARG A 213 -11.39 77.02 -49.43
C ARG A 213 -12.22 78.28 -49.70
N SER A 214 -12.02 78.91 -50.84
CA SER A 214 -12.78 80.10 -51.20
C SER A 214 -14.17 79.73 -51.72
N GLU B 1 -12.87 28.84 -10.09
CA GLU B 1 -12.35 28.88 -11.45
C GLU B 1 -10.98 29.55 -11.49
N VAL B 2 -10.08 28.99 -12.30
CA VAL B 2 -8.74 29.54 -12.44
C VAL B 2 -8.82 30.85 -13.22
N GLN B 3 -8.32 31.93 -12.61
CA GLN B 3 -8.40 33.24 -13.25
C GLN B 3 -7.22 34.10 -12.78
N LEU B 4 -6.65 34.85 -13.71
CA LEU B 4 -5.65 35.86 -13.42
C LEU B 4 -6.22 37.22 -13.77
N GLN B 5 -6.22 38.14 -12.80
CA GLN B 5 -6.74 39.48 -13.00
C GLN B 5 -5.62 40.50 -12.76
N GLN B 6 -5.71 41.63 -13.45
CA GLN B 6 -4.68 42.66 -13.36
C GLN B 6 -5.30 43.99 -12.92
N SER B 7 -4.48 45.05 -12.96
CA SER B 7 -4.87 46.36 -12.50
C SER B 7 -5.48 47.16 -13.65
N GLY B 8 -5.66 48.47 -13.44
CA GLY B 8 -6.30 49.33 -14.41
C GLY B 8 -5.34 49.88 -15.44
N PRO B 9 -5.63 51.09 -15.94
CA PRO B 9 -4.80 51.67 -17.00
C PRO B 9 -3.43 52.14 -16.52
N GLU B 10 -3.36 52.70 -15.31
CA GLU B 10 -2.14 53.10 -14.62
C GLU B 10 -1.33 54.10 -15.45
N LEU B 11 -1.91 55.30 -15.59
CA LEU B 11 -1.24 56.41 -16.27
C LEU B 11 0.00 56.82 -15.48
N VAL B 12 1.17 56.63 -16.09
CA VAL B 12 2.45 56.85 -15.42
C VAL B 12 3.26 57.82 -16.28
N LYS B 13 3.84 58.84 -15.63
CA LYS B 13 4.71 59.79 -16.31
C LYS B 13 6.00 59.10 -16.77
N PRO B 14 6.62 59.60 -17.85
CA PRO B 14 7.90 59.01 -18.29
C PRO B 14 9.01 59.22 -17.26
N GLY B 15 9.89 58.22 -17.19
CA GLY B 15 10.97 58.24 -16.22
C GLY B 15 10.61 57.78 -14.83
N ALA B 16 9.35 57.42 -14.59
CA ALA B 16 8.89 56.98 -13.29
C ALA B 16 8.88 55.45 -13.23
N SER B 17 8.30 54.92 -12.15
CA SER B 17 8.18 53.48 -11.94
C SER B 17 6.71 53.12 -11.83
N MET B 18 6.35 51.97 -12.40
CA MET B 18 4.95 51.55 -12.45
C MET B 18 4.79 50.18 -11.80
N LYS B 19 3.65 49.95 -11.16
CA LYS B 19 3.33 48.68 -10.54
C LYS B 19 2.14 48.06 -11.26
N ILE B 20 2.36 46.88 -11.83
CA ILE B 20 1.32 46.11 -12.51
C ILE B 20 1.08 44.83 -11.71
N SER B 21 -0.14 44.66 -11.22
CA SER B 21 -0.48 43.53 -10.36
C SER B 21 -1.10 42.40 -11.17
N CYS B 22 -1.13 41.21 -10.55
CA CYS B 22 -1.83 40.07 -11.12
C CYS B 22 -2.24 39.16 -9.95
N LYS B 23 -3.52 39.19 -9.62
CA LYS B 23 -4.09 38.28 -8.64
C LYS B 23 -4.43 36.95 -9.31
N ALA B 24 -3.96 35.87 -8.72
CA ALA B 24 -4.20 34.52 -9.21
C ALA B 24 -5.22 33.83 -8.31
N SER B 25 -6.17 33.14 -8.92
CA SER B 25 -7.20 32.45 -8.15
C SER B 25 -7.57 31.15 -8.85
N GLY B 26 -8.18 30.24 -8.08
CA GLY B 26 -8.63 28.97 -8.58
C GLY B 26 -7.61 27.85 -8.56
N TYR B 27 -6.38 28.13 -8.13
CA TYR B 27 -5.32 27.12 -8.13
C TYR B 27 -4.27 27.53 -7.11
N SER B 28 -3.32 26.61 -6.88
CA SER B 28 -2.20 26.87 -5.97
C SER B 28 -1.26 27.88 -6.60
N PHE B 29 -1.23 29.09 -6.05
CA PHE B 29 -0.52 30.21 -6.66
C PHE B 29 0.99 29.97 -6.70
N THR B 30 1.55 29.34 -5.68
CA THR B 30 2.98 29.06 -5.65
C THR B 30 3.39 27.88 -6.55
N GLY B 31 2.42 27.12 -7.06
CA GLY B 31 2.70 25.94 -7.85
C GLY B 31 2.79 26.13 -9.34
N TYR B 32 2.74 27.37 -9.83
CA TYR B 32 2.82 27.63 -11.26
C TYR B 32 3.60 28.91 -11.51
N THR B 33 4.51 28.87 -12.47
CA THR B 33 5.36 30.02 -12.76
C THR B 33 4.55 31.10 -13.47
N MET B 34 4.73 32.35 -13.04
CA MET B 34 3.98 33.46 -13.62
C MET B 34 4.93 34.26 -14.51
N ASN B 35 4.79 34.09 -15.82
CA ASN B 35 5.50 34.94 -16.75
C ASN B 35 4.75 36.27 -16.89
N TRP B 36 5.50 37.28 -17.31
CA TRP B 36 4.92 38.54 -17.75
C TRP B 36 5.38 38.78 -19.18
N VAL B 37 4.45 39.23 -20.02
CA VAL B 37 4.63 39.23 -21.47
C VAL B 37 4.17 40.59 -22.00
N LYS B 38 4.98 41.19 -22.88
CA LYS B 38 4.74 42.52 -23.43
C LYS B 38 4.13 42.43 -24.82
N GLN B 39 3.08 43.21 -25.06
CA GLN B 39 2.50 43.39 -26.39
C GLN B 39 2.68 44.84 -26.79
N SER B 40 3.55 45.07 -27.78
CA SER B 40 3.87 46.41 -28.26
C SER B 40 3.06 46.71 -29.52
N HIS B 41 2.48 47.91 -29.57
CA HIS B 41 1.72 48.47 -30.69
C HIS B 41 0.46 47.69 -31.01
N GLY B 42 0.03 46.77 -30.15
CA GLY B 42 -1.14 45.96 -30.40
C GLY B 42 -0.92 44.76 -31.29
N LYS B 43 0.24 44.64 -31.93
CA LYS B 43 0.50 43.56 -32.87
C LYS B 43 1.68 42.68 -32.48
N ASN B 44 2.79 43.28 -32.04
CA ASN B 44 4.01 42.53 -31.77
C ASN B 44 4.01 42.05 -30.32
N LEU B 45 4.18 40.75 -30.12
CA LEU B 45 4.22 40.15 -28.79
C LEU B 45 5.66 39.81 -28.42
N GLU B 46 6.02 40.10 -27.17
CA GLU B 46 7.36 39.84 -26.68
C GLU B 46 7.27 39.29 -25.26
N TRP B 47 8.06 38.26 -24.98
CA TRP B 47 8.14 37.69 -23.64
C TRP B 47 9.12 38.51 -22.81
N MET B 48 8.69 38.90 -21.61
CA MET B 48 9.41 39.86 -20.80
C MET B 48 10.11 39.23 -19.60
N GLY B 49 9.46 38.31 -18.90
CA GLY B 49 10.14 37.63 -17.82
C GLY B 49 9.27 36.56 -17.21
N LEU B 50 9.81 35.89 -16.20
CA LEU B 50 9.04 34.95 -15.40
C LEU B 50 9.46 35.06 -13.94
N ILE B 51 8.52 34.78 -13.04
CA ILE B 51 8.80 34.69 -11.61
C ILE B 51 8.26 33.36 -11.09
N ASN B 52 9.08 32.69 -10.26
CA ASN B 52 8.64 31.55 -9.50
C ASN B 52 7.97 32.08 -8.23
N PRO B 53 6.68 31.83 -8.02
CA PRO B 53 6.03 32.37 -6.82
C PRO B 53 6.42 31.63 -5.54
N TYR B 54 6.83 30.37 -5.63
CA TYR B 54 7.21 29.63 -4.43
C TYR B 54 8.55 30.10 -3.89
N LYS B 55 9.54 30.30 -4.76
CA LYS B 55 10.89 30.59 -4.34
C LYS B 55 11.32 32.04 -4.58
N GLY B 56 10.52 32.83 -5.30
CA GLY B 56 10.83 34.22 -5.50
C GLY B 56 11.90 34.52 -6.51
N VAL B 57 12.37 33.52 -7.25
CA VAL B 57 13.44 33.71 -8.23
C VAL B 57 12.81 34.16 -9.54
N SER B 58 13.39 35.21 -10.14
CA SER B 58 12.89 35.78 -11.38
C SER B 58 13.94 35.63 -12.47
N THR B 59 13.51 35.17 -13.64
CA THR B 59 14.38 35.03 -14.81
C THR B 59 13.86 35.97 -15.89
N TYR B 60 14.74 36.84 -16.37
CA TYR B 60 14.33 37.94 -17.23
C TYR B 60 14.83 37.76 -18.66
N ASN B 61 14.09 38.36 -19.58
CA ASN B 61 14.61 38.71 -20.89
C ASN B 61 15.77 39.68 -20.70
N GLN B 62 16.86 39.48 -21.46
CA GLN B 62 18.00 40.39 -21.32
C GLN B 62 17.71 41.77 -21.88
N LYS B 63 16.69 41.92 -22.72
CA LYS B 63 16.25 43.25 -23.11
C LYS B 63 15.56 43.97 -21.95
N PHE B 64 14.81 43.22 -21.14
CA PHE B 64 14.00 43.80 -20.07
C PHE B 64 14.52 43.45 -18.68
N LYS B 65 15.81 43.11 -18.55
CA LYS B 65 16.34 42.80 -17.23
C LYS B 65 16.53 44.05 -16.38
N ASP B 66 16.73 45.21 -17.02
CA ASP B 66 16.85 46.47 -16.31
C ASP B 66 15.58 47.31 -16.37
N LYS B 67 14.50 46.77 -16.94
CA LYS B 67 13.25 47.50 -17.08
C LYS B 67 12.10 46.87 -16.30
N ALA B 68 12.33 45.78 -15.59
CA ALA B 68 11.29 45.12 -14.84
C ALA B 68 11.87 44.46 -13.60
N THR B 69 11.15 44.55 -12.48
CA THR B 69 11.46 43.82 -11.26
C THR B 69 10.20 43.11 -10.81
N LEU B 70 10.25 41.78 -10.74
CA LEU B 70 9.08 40.99 -10.41
C LEU B 70 9.12 40.61 -8.93
N THR B 71 8.00 40.86 -8.24
CA THR B 71 7.82 40.47 -6.84
C THR B 71 6.61 39.56 -6.70
N VAL B 72 6.50 38.91 -5.54
CA VAL B 72 5.43 37.97 -5.24
C VAL B 72 4.99 38.17 -3.80
N ASP B 73 3.67 38.29 -3.60
CA ASP B 73 3.08 38.30 -2.25
C ASP B 73 2.24 37.04 -2.14
N LYS B 74 2.77 36.05 -1.42
CA LYS B 74 2.09 34.77 -1.26
C LYS B 74 0.91 34.84 -0.29
N SER B 75 0.88 35.84 0.60
CA SER B 75 -0.25 36.00 1.50
C SER B 75 -1.50 36.43 0.75
N SER B 76 -1.36 37.37 -0.19
CA SER B 76 -2.47 37.79 -1.03
C SER B 76 -2.50 37.05 -2.36
N SER B 77 -1.51 36.18 -2.61
CA SER B 77 -1.37 35.40 -3.85
C SER B 77 -1.35 36.28 -5.10
N THR B 78 -0.56 37.35 -5.05
CA THR B 78 -0.51 38.34 -6.12
C THR B 78 0.93 38.52 -6.60
N ALA B 79 1.12 38.50 -7.91
CA ALA B 79 2.43 38.71 -8.53
C ALA B 79 2.49 40.11 -9.12
N TYR B 80 3.57 40.82 -8.84
CA TYR B 80 3.71 42.22 -9.22
C TYR B 80 4.89 42.43 -10.15
N MET B 81 4.75 43.38 -11.06
CA MET B 81 5.87 44.02 -11.73
C MET B 81 6.04 45.45 -11.23
N GLU B 82 7.30 45.86 -11.10
CA GLU B 82 7.66 47.27 -10.98
C GLU B 82 8.57 47.58 -12.16
N LEU B 83 8.08 48.39 -13.08
CA LEU B 83 8.84 48.84 -14.24
C LEU B 83 9.58 50.12 -13.91
N LEU B 84 10.86 50.16 -14.28
CA LEU B 84 11.80 51.17 -13.83
C LEU B 84 12.29 52.01 -15.00
N SER B 85 12.27 53.34 -14.83
CA SER B 85 12.81 54.32 -15.78
C SER B 85 12.17 54.17 -17.17
N LEU B 86 10.88 53.90 -17.18
CA LEU B 86 10.15 53.65 -18.41
C LEU B 86 9.97 54.94 -19.23
N THR B 87 10.07 54.79 -20.54
CA THR B 87 9.92 55.87 -21.51
C THR B 87 8.56 55.75 -22.20
N SER B 88 8.36 56.56 -23.23
CA SER B 88 7.15 56.47 -24.05
C SER B 88 7.16 55.24 -24.95
N GLU B 89 8.32 54.63 -25.16
CA GLU B 89 8.39 53.37 -25.91
C GLU B 89 7.74 52.22 -25.14
N ASP B 90 7.75 52.29 -23.82
CA ASP B 90 7.18 51.25 -22.96
C ASP B 90 5.70 51.46 -22.69
N SER B 91 4.99 52.16 -23.57
CA SER B 91 3.54 52.23 -23.54
C SER B 91 3.01 51.03 -24.30
N ALA B 92 2.54 50.02 -23.57
CA ALA B 92 2.24 48.72 -24.17
C ALA B 92 1.26 47.99 -23.28
N VAL B 93 0.82 46.81 -23.74
CA VAL B 93 -0.14 46.00 -23.01
C VAL B 93 0.61 44.83 -22.38
N TYR B 94 0.60 44.77 -21.05
CA TYR B 94 1.39 43.77 -20.33
C TYR B 94 0.46 42.74 -19.70
N TYR B 95 0.72 41.47 -19.98
CA TYR B 95 -0.10 40.36 -19.52
C TYR B 95 0.67 39.53 -18.51
N CYS B 96 -0.03 39.02 -17.50
CA CYS B 96 0.49 37.95 -16.65
C CYS B 96 -0.01 36.63 -17.22
N ALA B 97 0.92 35.71 -17.43
CA ALA B 97 0.65 34.48 -18.17
C ALA B 97 1.15 33.30 -17.35
N ARG B 98 0.24 32.38 -17.03
CA ARG B 98 0.59 31.24 -16.20
C ARG B 98 1.24 30.15 -17.06
N SER B 99 2.40 29.68 -16.64
CA SER B 99 3.05 28.52 -17.21
C SER B 99 3.39 27.55 -16.08
N GLY B 100 3.87 26.37 -16.45
CA GLY B 100 4.19 25.36 -15.47
C GLY B 100 5.37 25.74 -14.60
N TYR B 101 5.41 25.13 -13.41
CA TYR B 101 6.51 25.34 -12.48
C TYR B 101 7.83 24.87 -13.06
N TYR B 102 7.82 23.72 -13.73
CA TYR B 102 9.03 23.06 -14.15
C TYR B 102 9.21 23.20 -15.66
N GLY B 103 10.38 22.77 -16.13
CA GLY B 103 10.79 23.00 -17.51
C GLY B 103 9.99 22.27 -18.56
N ASP B 104 9.20 21.27 -18.18
CA ASP B 104 8.40 20.55 -19.17
C ASP B 104 7.15 21.31 -19.56
N SER B 105 6.75 22.32 -18.78
CA SER B 105 5.49 23.02 -18.99
C SER B 105 5.64 24.54 -18.84
N ASP B 106 6.88 25.04 -18.86
CA ASP B 106 7.14 26.47 -18.69
C ASP B 106 7.37 27.17 -20.02
N TRP B 107 7.13 26.49 -21.13
CA TRP B 107 7.29 27.09 -22.45
C TRP B 107 5.97 27.41 -23.13
N TYR B 108 4.84 26.96 -22.59
CA TYR B 108 3.52 27.38 -23.06
C TYR B 108 2.79 28.05 -21.92
N PHE B 109 2.13 29.16 -22.23
CA PHE B 109 1.45 29.98 -21.25
C PHE B 109 -0.04 29.73 -21.34
N ASP B 110 -0.59 29.00 -20.36
CA ASP B 110 -1.95 28.49 -20.46
C ASP B 110 -3.00 29.51 -20.02
N VAL B 111 -2.91 30.04 -18.80
CA VAL B 111 -3.82 31.06 -18.32
C VAL B 111 -3.13 32.40 -18.43
N TRP B 112 -3.65 33.27 -19.28
CA TRP B 112 -3.16 34.63 -19.43
C TRP B 112 -4.00 35.58 -18.60
N GLY B 113 -3.80 36.88 -18.81
CA GLY B 113 -4.56 37.91 -18.12
C GLY B 113 -5.25 38.84 -19.10
N GLN B 114 -6.09 39.72 -18.55
CA GLN B 114 -6.81 40.69 -19.38
C GLN B 114 -5.87 41.71 -19.98
N GLY B 115 -4.86 42.14 -19.22
CA GLY B 115 -3.87 43.06 -19.73
C GLY B 115 -3.89 44.42 -19.04
N THR B 116 -2.71 44.95 -18.77
CA THR B 116 -2.55 46.31 -18.24
C THR B 116 -2.02 47.19 -19.37
N THR B 117 -2.80 48.19 -19.75
CA THR B 117 -2.46 49.03 -20.89
C THR B 117 -1.74 50.26 -20.37
N LEU B 118 -0.43 50.14 -20.20
CA LEU B 118 0.37 51.26 -19.71
C LEU B 118 0.61 52.22 -20.87
N THR B 119 -0.20 53.27 -20.94
CA THR B 119 -0.06 54.32 -21.94
C THR B 119 0.73 55.47 -21.33
N VAL B 120 1.92 55.70 -21.86
CA VAL B 120 2.89 56.65 -21.28
C VAL B 120 3.29 57.61 -22.39
N PHE B 121 3.18 58.90 -22.12
CA PHE B 121 3.60 59.93 -23.06
C PHE B 121 4.02 61.20 -22.33
N ALA B 123 2.21 64.38 -20.00
CA ALA B 123 0.97 65.01 -20.45
C ALA B 123 -0.10 64.94 -19.37
N LYS B 124 -0.84 66.03 -19.20
CA LYS B 124 -1.91 66.11 -18.21
C LYS B 124 -3.26 65.84 -18.87
N THR B 125 -4.33 65.98 -18.09
CA THR B 125 -5.69 65.78 -18.59
C THR B 125 -6.12 67.04 -19.36
N THR B 126 -5.69 67.09 -20.62
CA THR B 126 -6.02 68.21 -21.48
C THR B 126 -7.50 68.16 -21.86
N PRO B 127 -8.24 69.26 -21.74
CA PRO B 127 -9.63 69.26 -22.14
C PRO B 127 -9.76 69.10 -23.64
N PRO B 128 -10.80 68.42 -24.11
CA PRO B 128 -10.94 68.17 -25.55
C PRO B 128 -11.47 69.38 -26.30
N SER B 129 -11.21 69.38 -27.60
CA SER B 129 -11.75 70.37 -28.52
C SER B 129 -12.56 69.64 -29.59
N VAL B 130 -13.81 70.06 -29.77
CA VAL B 130 -14.74 69.39 -30.66
C VAL B 130 -14.98 70.24 -31.91
N TYR B 131 -14.92 69.60 -33.07
CA TYR B 131 -15.10 70.27 -34.35
C TYR B 131 -16.13 69.51 -35.17
N PRO B 132 -17.14 70.18 -35.72
CA PRO B 132 -18.06 69.52 -36.64
C PRO B 132 -17.44 69.33 -38.02
N LEU B 133 -18.00 68.37 -38.76
CA LEU B 133 -17.51 68.02 -40.10
C LEU B 133 -18.73 67.89 -41.01
N ALA B 134 -18.93 68.88 -41.87
CA ALA B 134 -20.02 68.95 -42.82
C ALA B 134 -19.48 69.17 -44.24
N PRO B 135 -20.15 68.64 -45.27
CA PRO B 135 -19.68 68.84 -46.64
C PRO B 135 -19.85 70.28 -47.14
N MET B 144 -26.21 58.92 -50.11
CA MET B 144 -26.27 59.28 -48.69
C MET B 144 -25.39 60.48 -48.41
N VAL B 145 -25.41 60.95 -47.15
CA VAL B 145 -24.63 62.10 -46.73
C VAL B 145 -23.79 61.69 -45.51
N THR B 146 -22.52 62.07 -45.52
CA THR B 146 -21.60 61.73 -44.44
C THR B 146 -21.36 62.97 -43.59
N LEU B 147 -21.48 62.80 -42.27
CA LEU B 147 -21.21 63.86 -41.31
C LEU B 147 -20.21 63.32 -40.28
N GLY B 148 -19.47 64.23 -39.65
CA GLY B 148 -18.43 63.81 -38.74
C GLY B 148 -18.26 64.73 -37.55
N CYS B 149 -17.58 64.20 -36.54
CA CYS B 149 -17.26 64.93 -35.31
C CYS B 149 -15.84 64.59 -34.92
N LEU B 150 -15.00 65.61 -34.74
CA LEU B 150 -13.58 65.43 -34.43
C LEU B 150 -13.32 65.91 -33.01
N VAL B 151 -12.76 65.02 -32.19
CA VAL B 151 -12.39 65.32 -30.82
C VAL B 151 -10.86 65.32 -30.79
N LYS B 152 -10.27 66.51 -30.72
CA LYS B 152 -8.83 66.67 -30.82
C LYS B 152 -8.28 67.28 -29.53
N GLY B 153 -7.05 66.88 -29.19
CA GLY B 153 -6.35 67.53 -28.10
C GLY B 153 -6.82 67.15 -26.72
N TYR B 154 -7.24 65.91 -26.51
CA TYR B 154 -7.54 65.38 -25.19
C TYR B 154 -6.53 64.30 -24.85
N PHE B 155 -6.42 64.01 -23.56
CA PHE B 155 -5.51 62.98 -23.09
C PHE B 155 -5.91 62.48 -21.71
N PRO B 156 -5.95 61.16 -21.48
CA PRO B 156 -5.77 60.07 -22.45
C PRO B 156 -7.09 59.47 -22.93
N GLU B 157 -7.02 58.32 -23.59
CA GLU B 157 -8.20 57.55 -23.96
C GLU B 157 -8.89 57.04 -22.69
N PRO B 158 -10.22 56.81 -22.73
CA PRO B 158 -11.17 56.91 -23.85
C PRO B 158 -12.16 58.07 -23.78
N VAL B 159 -12.91 58.23 -24.86
CA VAL B 159 -14.05 59.14 -24.93
C VAL B 159 -15.24 58.35 -25.44
N THR B 160 -16.38 58.48 -24.76
CA THR B 160 -17.61 57.80 -25.16
C THR B 160 -18.38 58.74 -26.07
N VAL B 161 -18.28 58.51 -27.38
CA VAL B 161 -18.88 59.37 -28.39
C VAL B 161 -20.14 58.68 -28.92
N THR B 162 -21.29 59.32 -28.70
CA THR B 162 -22.57 58.84 -29.18
C THR B 162 -23.22 59.90 -30.04
N TRP B 163 -24.08 59.45 -30.96
CA TRP B 163 -24.80 60.34 -31.87
C TRP B 163 -26.25 60.44 -31.44
N ASN B 164 -26.73 61.67 -31.27
CA ASN B 164 -28.11 61.98 -30.85
C ASN B 164 -28.48 61.30 -29.53
N SER B 165 -27.52 61.28 -28.59
CA SER B 165 -27.63 60.66 -27.27
C SER B 165 -28.02 59.18 -27.33
N VAL B 172 -22.68 54.95 -37.90
CA VAL B 172 -21.85 55.35 -36.78
C VAL B 172 -20.54 54.57 -36.79
N HIS B 173 -19.44 55.27 -37.09
CA HIS B 173 -18.11 54.69 -37.12
C HIS B 173 -17.22 55.50 -36.20
N THR B 174 -16.76 54.89 -35.10
CA THR B 174 -15.88 55.54 -34.14
C THR B 174 -14.46 55.09 -34.40
N PHE B 175 -13.63 55.97 -34.95
CA PHE B 175 -12.25 55.66 -35.28
C PHE B 175 -11.40 55.70 -34.01
N PRO B 176 -10.39 54.84 -33.88
CA PRO B 176 -9.53 54.90 -32.69
C PRO B 176 -8.66 56.14 -32.67
N ALA B 177 -8.32 56.57 -31.45
CA ALA B 177 -7.55 57.78 -31.27
C ALA B 177 -6.09 57.57 -31.64
N VAL B 178 -5.50 58.57 -32.30
CA VAL B 178 -4.10 58.56 -32.68
C VAL B 178 -3.39 59.69 -31.93
N LEU B 179 -2.14 59.43 -31.55
CA LEU B 179 -1.34 60.40 -30.81
C LEU B 179 -0.59 61.32 -31.76
N LYS B 180 -0.58 62.61 -31.44
CA LYS B 180 0.28 63.58 -32.09
C LYS B 180 0.68 64.62 -31.07
N SER B 181 2.00 64.74 -30.84
CA SER B 181 2.60 65.66 -29.85
C SER B 181 2.02 65.46 -28.46
N ASP B 182 1.79 64.18 -28.11
CA ASP B 182 1.15 63.76 -26.85
C ASP B 182 -0.25 64.35 -26.66
N LEU B 183 -0.99 64.54 -27.76
CA LEU B 183 -2.42 64.82 -27.73
C LEU B 183 -3.15 63.77 -28.57
N TYR B 184 -4.26 63.27 -28.07
CA TYR B 184 -5.03 62.26 -28.79
C TYR B 184 -6.06 62.92 -29.70
N THR B 185 -6.29 62.28 -30.84
CA THR B 185 -7.29 62.71 -31.81
C THR B 185 -8.19 61.54 -32.14
N LEU B 186 -9.51 61.75 -32.03
CA LEU B 186 -10.51 60.75 -32.35
C LEU B 186 -11.50 61.36 -33.33
N SER B 187 -12.05 60.53 -34.21
CA SER B 187 -13.06 60.96 -35.16
C SER B 187 -14.26 60.03 -35.11
N SER B 188 -15.42 60.58 -35.41
CA SER B 188 -16.66 59.82 -35.46
C SER B 188 -17.42 60.19 -36.72
N SER B 189 -18.00 59.19 -37.38
CA SER B 189 -18.70 59.37 -38.63
C SER B 189 -20.14 58.87 -38.51
N VAL B 190 -21.04 59.52 -39.24
CA VAL B 190 -22.45 59.15 -39.25
C VAL B 190 -23.05 59.49 -40.61
N VAL B 202 -28.86 65.82 -36.17
CA VAL B 202 -27.57 65.17 -35.97
C VAL B 202 -26.77 65.92 -34.91
N THR B 203 -26.62 65.31 -33.74
CA THR B 203 -25.92 65.91 -32.61
C THR B 203 -24.79 64.99 -32.17
N CYS B 204 -23.60 65.57 -31.98
CA CYS B 204 -22.43 64.84 -31.52
C CYS B 204 -22.25 65.06 -30.03
N ASN B 205 -22.24 63.98 -29.26
CA ASN B 205 -22.08 64.02 -27.81
C ASN B 205 -20.77 63.34 -27.44
N VAL B 206 -19.90 64.07 -26.75
CA VAL B 206 -18.59 63.57 -26.32
C VAL B 206 -18.51 63.65 -24.81
N ALA B 207 -18.12 62.55 -24.17
CA ALA B 207 -17.91 62.50 -22.73
C ALA B 207 -16.49 62.00 -22.45
N HIS B 208 -15.72 62.80 -21.72
CA HIS B 208 -14.35 62.45 -21.36
C HIS B 208 -14.25 62.39 -19.84
N PRO B 209 -14.24 61.20 -19.24
CA PRO B 209 -14.22 61.12 -17.76
C PRO B 209 -12.90 61.52 -17.15
N ALA B 210 -11.81 61.55 -17.91
CA ALA B 210 -10.52 61.95 -17.35
C ALA B 210 -10.47 63.45 -17.07
N SER B 211 -10.98 64.26 -18.00
CA SER B 211 -11.02 65.71 -17.82
C SER B 211 -12.37 66.21 -17.36
N SER B 212 -13.34 65.31 -17.13
CA SER B 212 -14.71 65.63 -16.69
C SER B 212 -15.39 66.60 -17.64
N THR B 213 -15.34 66.28 -18.93
CA THR B 213 -15.87 67.15 -19.98
C THR B 213 -17.03 66.44 -20.68
N THR B 214 -18.12 67.17 -20.88
CA THR B 214 -19.30 66.64 -21.57
C THR B 214 -19.80 67.71 -22.52
N VAL B 215 -19.55 67.52 -23.83
CA VAL B 215 -19.91 68.50 -24.85
C VAL B 215 -20.94 67.89 -25.79
N ASP B 216 -21.97 68.67 -26.10
CA ASP B 216 -22.99 68.29 -27.08
C ASP B 216 -23.01 69.35 -28.17
N LYS B 217 -22.73 68.95 -29.40
CA LYS B 217 -22.66 69.86 -30.54
C LYS B 217 -23.57 69.38 -31.66
N LYS B 218 -24.38 70.30 -32.19
CA LYS B 218 -25.26 69.99 -33.31
C LYS B 218 -24.54 70.25 -34.62
N ILE B 219 -24.57 69.27 -35.52
CA ILE B 219 -23.89 69.37 -36.81
C ILE B 219 -24.81 70.09 -37.78
N VAL B 220 -24.28 71.15 -38.40
CA VAL B 220 -25.03 71.94 -39.38
C VAL B 220 -24.17 72.10 -40.62
N PRO B 221 -24.76 72.18 -41.82
CA PRO B 221 -23.95 72.38 -43.02
C PRO B 221 -23.37 73.80 -43.09
N ARG B 222 -22.27 73.92 -43.81
CA ARG B 222 -21.60 75.20 -43.98
C ARG B 222 -22.36 76.10 -44.94
N MET C 1 -27.54 -22.25 20.29
CA MET C 1 -26.24 -21.76 19.86
C MET C 1 -25.80 -22.49 18.60
N ASP C 2 -26.07 -23.79 18.55
CA ASP C 2 -25.71 -24.60 17.39
C ASP C 2 -26.56 -24.22 16.18
N ILE C 3 -25.96 -24.35 15.00
CA ILE C 3 -26.65 -24.00 13.75
C ILE C 3 -27.69 -25.06 13.45
N GLN C 4 -28.97 -24.67 13.49
CA GLN C 4 -30.07 -25.59 13.18
C GLN C 4 -30.22 -25.63 11.66
N MET C 5 -29.37 -26.43 11.03
CA MET C 5 -29.41 -26.58 9.58
C MET C 5 -30.62 -27.41 9.16
N THR C 6 -31.34 -26.90 8.16
CA THR C 6 -32.57 -27.54 7.71
C THR C 6 -32.61 -27.55 6.18
N GLN C 7 -33.24 -28.58 5.63
CA GLN C 7 -33.54 -28.62 4.20
C GLN C 7 -35.04 -28.47 3.99
N THR C 8 -35.40 -27.69 2.98
CA THR C 8 -36.82 -27.45 2.71
C THR C 8 -37.51 -28.70 2.19
N THR C 9 -36.81 -29.51 1.41
CA THR C 9 -37.37 -30.73 0.82
C THR C 9 -36.67 -31.94 1.45
N SER C 10 -37.47 -32.86 2.00
CA SER C 10 -36.96 -34.12 2.51
C SER C 10 -37.18 -35.28 1.56
N SER C 11 -37.98 -35.09 0.50
CA SER C 11 -38.22 -36.12 -0.50
C SER C 11 -38.58 -35.41 -1.79
N LEU C 12 -37.68 -35.47 -2.77
CA LEU C 12 -37.82 -34.71 -4.01
C LEU C 12 -38.31 -35.61 -5.13
N SER C 13 -39.35 -35.16 -5.83
CA SER C 13 -39.89 -35.88 -6.98
C SER C 13 -39.17 -35.41 -8.24
N ALA C 14 -38.54 -36.33 -8.96
CA ALA C 14 -37.77 -36.00 -10.13
C ALA C 14 -37.97 -37.09 -11.19
N SER C 15 -37.13 -37.06 -12.23
CA SER C 15 -37.23 -38.01 -13.32
C SER C 15 -35.84 -38.32 -13.84
N LEU C 16 -35.75 -39.37 -14.64
CA LEU C 16 -34.47 -39.78 -15.23
C LEU C 16 -34.00 -38.75 -16.26
N GLY C 17 -32.75 -38.33 -16.13
CA GLY C 17 -32.18 -37.35 -17.04
C GLY C 17 -32.60 -35.92 -16.80
N ASP C 18 -33.35 -35.65 -15.73
CA ASP C 18 -33.87 -34.32 -15.45
C ASP C 18 -32.77 -33.43 -14.85
N ARG C 19 -33.13 -32.19 -14.58
CA ARG C 19 -32.32 -31.27 -13.79
C ARG C 19 -33.15 -30.81 -12.61
N VAL C 20 -32.63 -30.99 -11.40
CA VAL C 20 -33.31 -30.57 -10.18
C VAL C 20 -32.34 -29.82 -9.29
N THR C 21 -32.91 -29.06 -8.35
CA THR C 21 -32.12 -28.32 -7.39
C THR C 21 -32.62 -28.65 -5.98
N ILE C 22 -31.68 -28.57 -5.04
CA ILE C 22 -31.90 -28.91 -3.64
C ILE C 22 -31.44 -27.72 -2.81
N SER C 23 -32.33 -27.20 -1.97
CA SER C 23 -32.08 -25.96 -1.24
C SER C 23 -31.80 -26.26 0.22
N CYS C 24 -30.68 -25.74 0.73
CA CYS C 24 -30.30 -25.87 2.12
C CYS C 24 -30.32 -24.49 2.77
N ARG C 25 -30.91 -24.40 3.96
CA ARG C 25 -31.08 -23.15 4.67
C ARG C 25 -30.24 -23.17 5.94
N ALA C 26 -29.28 -22.27 6.03
CA ALA C 26 -28.46 -22.11 7.23
C ALA C 26 -29.17 -21.20 8.21
N SER C 27 -29.06 -21.52 9.51
CA SER C 27 -29.68 -20.68 10.53
C SER C 27 -28.93 -19.38 10.71
N GLN C 28 -27.61 -19.40 10.61
CA GLN C 28 -26.79 -18.20 10.68
C GLN C 28 -25.90 -18.10 9.44
N ASP C 29 -25.38 -16.91 9.22
CA ASP C 29 -24.46 -16.67 8.10
C ASP C 29 -23.17 -17.46 8.32
N ILE C 30 -22.79 -18.24 7.33
CA ILE C 30 -21.71 -19.21 7.52
C ILE C 30 -20.63 -19.14 6.44
N ARG C 31 -20.50 -17.99 5.78
CA ARG C 31 -19.35 -17.63 4.94
C ARG C 31 -19.03 -18.67 3.86
N ASN C 32 -20.09 -19.18 3.22
CA ASN C 32 -20.02 -20.16 2.13
C ASN C 32 -19.35 -21.47 2.54
N TYR C 33 -19.39 -21.81 3.82
CA TYR C 33 -18.80 -23.06 4.31
C TYR C 33 -19.84 -24.17 4.38
N LEU C 34 -20.46 -24.44 3.23
CA LEU C 34 -21.35 -25.58 3.09
C LEU C 34 -20.71 -26.71 2.31
N ASN C 35 -21.10 -27.93 2.68
CA ASN C 35 -20.70 -29.14 1.99
C ASN C 35 -21.94 -29.95 1.64
N TRP C 36 -21.90 -30.55 0.46
CA TRP C 36 -22.96 -31.41 -0.05
C TRP C 36 -22.39 -32.81 -0.24
N TYR C 37 -23.05 -33.78 0.39
CA TYR C 37 -22.70 -35.20 0.36
C TYR C 37 -23.86 -36.02 -0.21
N GLN C 38 -23.51 -37.18 -0.75
CA GLN C 38 -24.44 -38.10 -1.39
C GLN C 38 -24.41 -39.43 -0.64
N GLN C 39 -25.54 -39.81 -0.05
CA GLN C 39 -25.70 -41.10 0.62
C GLN C 39 -26.58 -41.99 -0.25
N LYS C 40 -25.97 -43.01 -0.84
CA LYS C 40 -26.69 -44.02 -1.60
C LYS C 40 -27.51 -44.88 -0.64
N PRO C 41 -28.55 -45.57 -1.14
CA PRO C 41 -29.39 -46.39 -0.24
C PRO C 41 -28.68 -47.53 0.48
N ASP C 42 -27.53 -47.99 -0.01
CA ASP C 42 -26.80 -49.02 0.73
C ASP C 42 -26.15 -48.45 1.99
N GLY C 43 -25.74 -47.19 1.95
CA GLY C 43 -25.18 -46.54 3.12
C GLY C 43 -23.90 -45.77 2.87
N THR C 44 -23.44 -45.75 1.63
CA THR C 44 -22.17 -45.11 1.30
C THR C 44 -22.37 -43.61 1.16
N VAL C 45 -21.72 -42.83 2.02
CA VAL C 45 -21.75 -41.38 1.97
C VAL C 45 -20.44 -40.90 1.36
N LYS C 46 -20.52 -40.04 0.36
CA LYS C 46 -19.34 -39.51 -0.31
C LYS C 46 -19.50 -38.00 -0.50
N LEU C 47 -18.38 -37.30 -0.39
CA LEU C 47 -18.38 -35.86 -0.56
C LEU C 47 -18.53 -35.49 -2.03
N LEU C 48 -19.40 -34.53 -2.32
CA LEU C 48 -19.52 -33.98 -3.66
C LEU C 48 -18.95 -32.57 -3.74
N ILE C 49 -19.47 -31.65 -2.92
CA ILE C 49 -19.06 -30.24 -2.98
C ILE C 49 -18.68 -29.75 -1.59
N TYR C 50 -17.58 -28.99 -1.53
CA TYR C 50 -17.19 -28.27 -0.32
C TYR C 50 -16.94 -26.82 -0.72
N TYR C 51 -16.99 -25.94 0.29
CA TYR C 51 -16.86 -24.47 0.13
C TYR C 51 -17.89 -23.92 -0.85
N THR C 52 -19.07 -24.54 -0.89
CA THR C 52 -20.31 -24.13 -1.56
C THR C 52 -20.22 -24.26 -3.09
N SER C 53 -19.03 -24.35 -3.66
CA SER C 53 -18.88 -24.40 -5.11
C SER C 53 -17.81 -25.36 -5.61
N ARG C 54 -16.90 -25.83 -4.75
CA ARG C 54 -15.73 -26.54 -5.22
C ARG C 54 -16.02 -28.02 -5.38
N LEU C 55 -15.77 -28.55 -6.58
CA LEU C 55 -15.96 -29.96 -6.85
C LEU C 55 -14.78 -30.76 -6.31
N HIS C 56 -15.09 -31.93 -5.75
CA HIS C 56 -14.06 -32.81 -5.23
C HIS C 56 -13.38 -33.58 -6.36
N SER C 57 -12.38 -34.37 -6.01
CA SER C 57 -11.66 -35.19 -6.99
C SER C 57 -12.46 -36.46 -7.27
N GLY C 58 -12.94 -36.59 -8.51
CA GLY C 58 -13.67 -37.76 -8.93
C GLY C 58 -15.17 -37.58 -9.04
N VAL C 59 -15.72 -36.48 -8.53
CA VAL C 59 -17.16 -36.24 -8.66
C VAL C 59 -17.46 -35.83 -10.10
N PRO C 60 -18.57 -36.29 -10.68
CA PRO C 60 -18.94 -35.82 -12.02
C PRO C 60 -19.34 -34.35 -12.03
N SER C 61 -19.19 -33.73 -13.20
CA SER C 61 -19.48 -32.32 -13.37
C SER C 61 -20.97 -32.00 -13.39
N LYS C 62 -21.83 -33.01 -13.43
CA LYS C 62 -23.27 -32.78 -13.39
C LYS C 62 -23.72 -32.22 -12.05
N PHE C 63 -22.99 -32.53 -10.97
CA PHE C 63 -23.20 -31.88 -9.69
C PHE C 63 -22.59 -30.48 -9.72
N SER C 64 -23.35 -29.50 -9.24
CA SER C 64 -22.82 -28.15 -9.11
C SER C 64 -23.43 -27.51 -7.87
N GLY C 65 -22.67 -26.63 -7.24
CA GLY C 65 -23.11 -25.96 -6.02
C GLY C 65 -23.14 -24.46 -6.19
N SER C 66 -24.06 -23.82 -5.48
CA SER C 66 -24.17 -22.36 -5.50
C SER C 66 -24.80 -21.91 -4.19
N GLY C 67 -24.96 -20.60 -4.06
CA GLY C 67 -25.60 -20.01 -2.90
C GLY C 67 -24.65 -19.15 -2.10
N SER C 68 -25.23 -18.43 -1.15
CA SER C 68 -24.48 -17.53 -0.29
C SER C 68 -25.24 -17.30 1.00
N GLY C 69 -24.52 -16.80 2.00
CA GLY C 69 -25.11 -16.37 3.25
C GLY C 69 -25.76 -17.48 4.04
N THR C 70 -27.08 -17.49 4.05
CA THR C 70 -27.87 -18.49 4.74
C THR C 70 -28.63 -19.42 3.80
N ASP C 71 -28.43 -19.30 2.49
CA ASP C 71 -29.19 -20.08 1.53
C ASP C 71 -28.27 -20.61 0.44
N TYR C 72 -28.23 -21.94 0.28
CA TYR C 72 -27.34 -22.55 -0.69
C TYR C 72 -28.13 -23.61 -1.45
N SER C 73 -27.55 -24.09 -2.56
CA SER C 73 -28.28 -24.99 -3.43
C SER C 73 -27.34 -25.93 -4.17
N LEU C 74 -27.88 -27.11 -4.47
CA LEU C 74 -27.26 -28.12 -5.31
C LEU C 74 -28.07 -28.25 -6.60
N THR C 75 -27.41 -28.09 -7.74
CA THR C 75 -28.02 -28.31 -9.03
C THR C 75 -27.44 -29.58 -9.64
N ILE C 76 -28.30 -30.56 -9.90
CA ILE C 76 -27.89 -31.83 -10.49
C ILE C 76 -28.68 -32.03 -11.78
N SER C 77 -27.97 -32.20 -12.88
CA SER C 77 -28.54 -32.49 -14.18
C SER C 77 -28.19 -33.92 -14.59
N ASN C 78 -28.96 -34.43 -15.56
CA ASN C 78 -28.85 -35.78 -16.14
C ASN C 78 -28.74 -36.88 -15.07
N LEU C 79 -29.83 -36.98 -14.29
CA LEU C 79 -29.95 -38.00 -13.25
C LEU C 79 -29.88 -39.39 -13.84
N GLU C 80 -29.11 -40.26 -13.20
CA GLU C 80 -28.94 -41.65 -13.62
C GLU C 80 -29.52 -42.57 -12.55
N GLN C 81 -29.37 -43.88 -12.76
CA GLN C 81 -29.77 -44.85 -11.75
C GLN C 81 -28.87 -44.78 -10.53
N GLU C 82 -27.60 -44.40 -10.72
CA GLU C 82 -26.68 -44.27 -9.61
C GLU C 82 -26.99 -43.04 -8.76
N ASP C 83 -27.43 -41.95 -9.40
CA ASP C 83 -27.61 -40.67 -8.72
C ASP C 83 -28.80 -40.62 -7.78
N ILE C 84 -29.70 -41.61 -7.81
CA ILE C 84 -30.86 -41.62 -6.93
C ILE C 84 -30.39 -41.92 -5.51
N ALA C 85 -30.34 -40.89 -4.68
CA ALA C 85 -29.72 -40.98 -3.36
C ALA C 85 -30.22 -39.82 -2.50
N THR C 86 -29.77 -39.77 -1.26
CA THR C 86 -30.16 -38.73 -0.32
C THR C 86 -29.01 -37.74 -0.18
N TYR C 87 -29.30 -36.44 -0.32
CA TYR C 87 -28.27 -35.42 -0.43
C TYR C 87 -28.28 -34.53 0.81
N PHE C 88 -27.13 -34.41 1.46
CA PHE C 88 -26.99 -33.75 2.74
C PHE C 88 -26.14 -32.49 2.61
N CYS C 89 -26.42 -31.51 3.47
CA CYS C 89 -25.66 -30.28 3.55
C CYS C 89 -25.15 -30.07 4.98
N GLN C 90 -23.91 -29.60 5.09
CA GLN C 90 -23.24 -29.44 6.37
C GLN C 90 -22.53 -28.09 6.43
N GLN C 91 -22.69 -27.40 7.57
CA GLN C 91 -22.04 -26.12 7.81
C GLN C 91 -20.59 -26.32 8.26
N GLY C 92 -19.82 -25.23 8.22
CA GLY C 92 -18.40 -25.34 8.52
C GLY C 92 -17.75 -24.27 9.36
N ASN C 93 -18.52 -23.39 10.01
CA ASN C 93 -17.88 -22.36 10.86
C ASN C 93 -17.52 -22.89 12.24
N THR C 94 -18.54 -23.21 13.03
CA THR C 94 -18.38 -23.37 14.46
C THR C 94 -18.84 -24.76 14.88
N LEU C 95 -18.10 -25.33 15.84
CA LEU C 95 -18.39 -26.67 16.30
C LEU C 95 -19.67 -26.70 17.14
N PRO C 96 -20.49 -27.75 17.00
CA PRO C 96 -20.30 -28.94 16.15
C PRO C 96 -20.72 -28.73 14.69
N TRP C 97 -20.14 -29.51 13.78
CA TRP C 97 -20.65 -29.54 12.42
C TRP C 97 -22.01 -30.22 12.40
N THR C 98 -22.97 -29.60 11.71
CA THR C 98 -24.35 -30.06 11.77
C THR C 98 -24.84 -30.37 10.36
N PHE C 99 -25.37 -31.58 10.17
CA PHE C 99 -26.01 -31.97 8.93
C PHE C 99 -27.50 -31.64 8.99
N ALA C 100 -28.14 -31.73 7.84
CA ALA C 100 -29.58 -31.52 7.76
C ALA C 100 -30.26 -32.87 7.51
N GLY C 101 -31.58 -32.82 7.31
CA GLY C 101 -32.35 -34.04 7.16
C GLY C 101 -32.09 -34.79 5.86
N GLY C 102 -31.59 -34.10 4.84
CA GLY C 102 -31.32 -34.73 3.57
C GLY C 102 -32.51 -34.65 2.62
N THR C 103 -32.21 -34.84 1.34
CA THR C 103 -33.21 -34.75 0.28
C THR C 103 -33.05 -35.94 -0.65
N LYS C 104 -33.96 -36.91 -0.54
CA LYS C 104 -33.95 -38.08 -1.41
C LYS C 104 -34.66 -37.75 -2.72
N LEU C 105 -34.18 -38.37 -3.80
CA LEU C 105 -34.80 -38.18 -5.11
C LEU C 105 -35.78 -39.31 -5.37
N GLU C 106 -36.97 -38.95 -5.85
CA GLU C 106 -38.01 -39.91 -6.19
C GLU C 106 -38.27 -39.87 -7.69
N ILE C 107 -38.17 -41.02 -8.34
CA ILE C 107 -38.44 -41.11 -9.78
C ILE C 107 -39.71 -41.91 -10.02
N ARG C 110 -42.93 -40.41 -11.57
CA ARG C 110 -43.72 -40.96 -12.68
C ARG C 110 -45.19 -40.60 -12.52
N ALA C 111 -46.04 -41.30 -13.26
CA ALA C 111 -47.47 -41.03 -13.23
C ALA C 111 -48.11 -41.59 -11.96
N ASP C 112 -49.23 -40.98 -11.57
CA ASP C 112 -49.98 -41.44 -10.40
C ASP C 112 -50.64 -42.78 -10.71
N ALA C 113 -50.50 -43.72 -9.79
CA ALA C 113 -51.04 -45.07 -9.97
C ALA C 113 -51.71 -45.53 -8.70
N ALA C 114 -52.70 -46.43 -8.86
CA ALA C 114 -53.46 -47.03 -7.79
C ALA C 114 -52.72 -48.24 -7.20
N PRO C 115 -52.81 -48.45 -5.90
CA PRO C 115 -52.16 -49.62 -5.29
C PRO C 115 -52.87 -50.92 -5.65
N THR C 116 -52.09 -51.99 -5.74
CA THR C 116 -52.64 -53.34 -5.74
C THR C 116 -52.78 -53.77 -4.28
N VAL C 117 -54.02 -53.85 -3.81
CA VAL C 117 -54.31 -54.03 -2.39
C VAL C 117 -54.68 -55.49 -2.16
N SER C 118 -53.98 -56.14 -1.23
CA SER C 118 -54.24 -57.54 -0.90
C SER C 118 -54.31 -57.67 0.62
N ILE C 119 -55.44 -58.17 1.12
CA ILE C 119 -55.64 -58.37 2.55
C ILE C 119 -55.46 -59.85 2.86
N PHE C 120 -54.91 -60.14 4.04
CA PHE C 120 -54.60 -61.51 4.44
C PHE C 120 -55.03 -61.73 5.88
N PRO C 121 -55.88 -62.72 6.15
CA PRO C 121 -56.24 -63.05 7.53
C PRO C 121 -55.08 -63.73 8.24
N PRO C 122 -55.13 -63.81 9.57
CA PRO C 122 -54.13 -64.60 10.30
C PRO C 122 -54.19 -66.08 9.93
N ALA C 123 -53.02 -66.70 9.84
CA ALA C 123 -52.91 -68.10 9.49
C ALA C 123 -53.24 -68.99 10.69
N SER C 124 -53.46 -70.27 10.41
CA SER C 124 -53.73 -71.23 11.47
C SER C 124 -52.49 -71.52 12.30
N GLU C 125 -51.30 -71.37 11.72
CA GLU C 125 -50.06 -71.59 12.45
C GLU C 125 -49.88 -70.56 13.56
N GLN C 126 -50.19 -69.29 13.27
CA GLN C 126 -50.13 -68.25 14.29
C GLN C 126 -51.23 -68.42 15.33
N LEU C 127 -52.40 -68.93 14.92
CA LEU C 127 -53.47 -69.20 15.87
C LEU C 127 -53.09 -70.32 16.82
N THR C 128 -52.38 -71.34 16.33
CA THR C 128 -51.82 -72.35 17.23
C THR C 128 -50.69 -71.76 18.08
N SER C 129 -49.95 -70.80 17.54
CA SER C 129 -48.94 -70.11 18.34
C SER C 129 -49.58 -69.22 19.39
N GLY C 130 -50.69 -68.58 19.07
CA GLY C 130 -51.41 -67.76 20.04
C GLY C 130 -51.83 -66.40 19.53
N GLY C 131 -51.01 -65.78 18.66
CA GLY C 131 -51.31 -64.47 18.14
C GLY C 131 -52.19 -64.51 16.90
N ALA C 132 -52.47 -63.33 16.37
CA ALA C 132 -53.27 -63.21 15.15
C ALA C 132 -52.91 -61.90 14.46
N SER C 133 -52.35 -62.00 13.25
CA SER C 133 -51.88 -60.82 12.52
C SER C 133 -52.62 -60.71 11.20
N VAL C 134 -53.30 -59.59 11.00
CA VAL C 134 -53.96 -59.27 9.73
C VAL C 134 -53.02 -58.38 8.92
N VAL C 135 -52.79 -58.77 7.66
CA VAL C 135 -51.76 -58.15 6.83
C VAL C 135 -52.43 -57.48 5.63
N CYS C 136 -51.89 -56.33 5.22
CA CYS C 136 -52.36 -55.63 4.04
C CYS C 136 -51.16 -55.20 3.22
N PHE C 137 -51.05 -55.75 2.01
CA PHE C 137 -49.99 -55.40 1.06
C PHE C 137 -50.57 -54.42 0.06
N LEU C 138 -50.03 -53.20 0.06
CA LEU C 138 -50.37 -52.18 -0.93
C LEU C 138 -49.16 -52.10 -1.85
N ASN C 139 -49.16 -52.93 -2.88
CA ASN C 139 -48.00 -53.09 -3.74
C ASN C 139 -48.10 -52.21 -4.97
N ASN C 140 -46.97 -51.61 -5.34
CA ASN C 140 -46.80 -50.82 -6.57
C ASN C 140 -47.77 -49.64 -6.64
N PHE C 141 -47.69 -48.78 -5.63
CA PHE C 141 -48.41 -47.50 -5.64
C PHE C 141 -47.43 -46.35 -5.77
N TYR C 142 -47.91 -45.28 -6.41
CA TYR C 142 -47.13 -44.07 -6.60
C TYR C 142 -48.02 -42.89 -6.28
N PRO C 143 -47.51 -41.85 -5.59
CA PRO C 143 -46.16 -41.69 -5.02
C PRO C 143 -46.01 -42.37 -3.67
N LYS C 144 -45.00 -42.00 -2.89
CA LYS C 144 -44.76 -42.66 -1.61
C LYS C 144 -45.77 -42.26 -0.54
N SER C 145 -46.49 -41.16 -0.73
CA SER C 145 -47.45 -40.71 0.27
C SER C 145 -48.72 -41.55 0.19
N ILE C 146 -49.08 -42.19 1.30
CA ILE C 146 -50.29 -42.99 1.39
C ILE C 146 -50.76 -42.97 2.84
N ASN C 147 -52.08 -43.11 3.02
CA ASN C 147 -52.69 -43.21 4.34
C ASN C 147 -53.44 -44.52 4.42
N SER C 148 -53.11 -45.33 5.41
CA SER C 148 -53.74 -46.63 5.64
C SER C 148 -54.52 -46.58 6.94
N LYS C 149 -55.81 -46.92 6.86
CA LYS C 149 -56.70 -46.93 8.00
C LYS C 149 -57.23 -48.34 8.23
N TRP C 150 -57.19 -48.79 9.47
CA TRP C 150 -57.64 -50.13 9.83
C TRP C 150 -58.94 -50.02 10.61
N LYS C 151 -60.00 -50.65 10.09
CA LYS C 151 -61.29 -50.71 10.74
C LYS C 151 -61.53 -52.14 11.23
N ILE C 152 -61.87 -52.28 12.50
CA ILE C 152 -62.10 -53.58 13.09
C ILE C 152 -63.57 -53.72 13.48
N VAL C 161 -50.37 -51.49 15.12
CA VAL C 161 -50.20 -51.17 13.71
C VAL C 161 -48.72 -50.99 13.38
N LEU C 162 -48.19 -51.88 12.56
CA LEU C 162 -46.82 -51.76 12.06
C LEU C 162 -46.85 -51.51 10.56
N ASN C 163 -46.02 -50.57 10.12
CA ASN C 163 -45.97 -50.17 8.71
C ASN C 163 -44.53 -50.30 8.23
N SER C 164 -44.34 -50.93 7.07
CA SER C 164 -43.02 -51.09 6.47
C SER C 164 -43.13 -50.73 4.99
N TRP C 165 -42.44 -49.67 4.59
CA TRP C 165 -42.44 -49.24 3.20
C TRP C 165 -41.40 -50.04 2.42
N THR C 166 -41.22 -49.69 1.15
CA THR C 166 -40.22 -50.30 0.29
C THR C 166 -39.47 -49.20 -0.43
N ASP C 167 -38.19 -49.44 -0.71
CA ASP C 167 -37.43 -48.51 -1.53
C ASP C 167 -37.98 -48.48 -2.95
N GLN C 168 -37.78 -47.35 -3.61
CA GLN C 168 -38.29 -47.15 -4.97
C GLN C 168 -37.57 -48.10 -5.93
N ASP C 169 -38.35 -48.92 -6.62
CA ASP C 169 -37.79 -49.97 -7.48
C ASP C 169 -37.15 -49.36 -8.72
N SER C 170 -36.09 -50.02 -9.20
CA SER C 170 -35.40 -49.55 -10.39
C SER C 170 -36.17 -49.84 -11.67
N LYS C 171 -37.12 -50.78 -11.63
CA LYS C 171 -37.87 -51.16 -12.82
C LYS C 171 -39.20 -50.41 -12.93
N ASP C 172 -40.06 -50.55 -11.94
CA ASP C 172 -41.40 -49.96 -12.00
C ASP C 172 -41.44 -48.52 -11.49
N SER C 173 -40.42 -48.08 -10.77
CA SER C 173 -40.32 -46.73 -10.18
C SER C 173 -41.53 -46.40 -9.29
N THR C 174 -41.89 -47.37 -8.45
CA THR C 174 -43.02 -47.20 -7.54
C THR C 174 -42.65 -47.62 -6.12
N TYR C 175 -43.63 -47.65 -5.23
CA TYR C 175 -43.41 -47.99 -3.83
C TYR C 175 -44.39 -49.09 -3.41
N SER C 176 -44.03 -49.83 -2.37
CA SER C 176 -44.89 -50.84 -1.78
C SER C 176 -44.92 -50.67 -0.27
N MET C 177 -46.09 -50.90 0.32
CA MET C 177 -46.26 -50.75 1.76
C MET C 177 -46.91 -52.00 2.34
N SER C 178 -46.39 -52.46 3.47
CA SER C 178 -46.98 -53.57 4.21
C SER C 178 -47.45 -53.05 5.56
N SER C 179 -48.75 -53.19 5.83
CA SER C 179 -49.34 -52.76 7.08
C SER C 179 -49.93 -53.98 7.78
N THR C 180 -49.40 -54.29 8.97
CA THR C 180 -49.84 -55.47 9.71
C THR C 180 -50.33 -55.05 11.08
N LEU C 181 -51.46 -55.60 11.49
CA LEU C 181 -52.02 -55.38 12.83
C LEU C 181 -52.07 -56.71 13.56
N THR C 182 -51.42 -56.77 14.72
CA THR C 182 -51.29 -58.01 15.47
C THR C 182 -52.01 -57.88 16.81
N LEU C 183 -52.86 -58.87 17.11
CA LEU C 183 -53.60 -58.94 18.36
C LEU C 183 -53.44 -60.35 18.93
N THR C 184 -54.05 -60.58 20.09
CA THR C 184 -54.12 -61.90 20.67
C THR C 184 -55.27 -62.69 20.04
N LYS C 185 -55.41 -63.94 20.46
CA LYS C 185 -56.48 -64.79 19.92
C LYS C 185 -57.85 -64.35 20.43
N ASN C 186 -57.92 -63.93 21.69
CA ASN C 186 -59.21 -63.53 22.27
C ASN C 186 -59.74 -62.26 21.63
N GLU C 187 -58.85 -61.31 21.33
CA GLU C 187 -59.29 -60.08 20.68
C GLU C 187 -59.68 -60.34 19.22
N TYR C 188 -58.96 -61.24 18.55
CA TYR C 188 -59.29 -61.57 17.16
C TYR C 188 -60.62 -62.31 17.06
N GLU C 189 -60.90 -63.21 18.01
CA GLU C 189 -62.19 -63.91 18.00
C GLU C 189 -63.33 -63.03 18.50
N ARG C 190 -63.04 -61.86 19.08
CA ARG C 190 -64.10 -60.98 19.55
C ARG C 190 -64.77 -60.22 18.41
N HIS C 191 -64.13 -60.10 17.25
CA HIS C 191 -64.69 -59.40 16.12
C HIS C 191 -64.66 -60.29 14.88
N ASN C 192 -65.63 -60.06 14.00
CA ASN C 192 -65.87 -60.92 12.84
C ASN C 192 -65.47 -60.26 11.53
N SER C 193 -65.72 -58.96 11.37
CA SER C 193 -65.38 -58.26 10.14
C SER C 193 -64.13 -57.40 10.34
N TYR C 194 -63.20 -57.49 9.38
CA TYR C 194 -61.98 -56.70 9.39
C TYR C 194 -61.80 -56.01 8.05
N THR C 195 -61.28 -54.78 8.08
CA THR C 195 -61.14 -53.96 6.88
C THR C 195 -59.87 -53.12 6.99
N CYS C 196 -59.16 -52.96 5.87
CA CYS C 196 -58.10 -51.98 5.76
C CYS C 196 -58.31 -51.18 4.47
N GLU C 197 -58.00 -49.88 4.53
CA GLU C 197 -58.29 -48.95 3.46
C GLU C 197 -57.09 -48.06 3.18
N ALA C 198 -56.75 -47.90 1.91
CA ALA C 198 -55.66 -47.03 1.49
C ALA C 198 -56.21 -45.85 0.70
N THR C 199 -55.69 -44.66 0.99
CA THR C 199 -56.04 -43.47 0.25
C THR C 199 -54.79 -42.64 0.01
N HIS C 200 -54.84 -41.79 -1.01
CA HIS C 200 -53.72 -40.92 -1.33
C HIS C 200 -54.20 -39.64 -2.03
N ILE C 207 -58.76 -47.47 -2.39
CA ILE C 207 -59.17 -48.82 -2.71
C ILE C 207 -59.33 -49.63 -1.43
N VAL C 208 -60.52 -50.19 -1.23
CA VAL C 208 -60.88 -50.89 0.00
C VAL C 208 -60.88 -52.39 -0.29
N LYS C 209 -60.11 -53.14 0.49
CA LYS C 209 -60.14 -54.60 0.47
C LYS C 209 -60.37 -55.09 1.88
N SER C 210 -61.24 -56.09 2.02
CA SER C 210 -61.63 -56.57 3.34
C SER C 210 -61.94 -58.06 3.26
N PHE C 211 -62.17 -58.65 4.44
CA PHE C 211 -62.52 -60.05 4.56
C PHE C 211 -63.42 -60.21 5.78
N ASN C 212 -63.79 -61.46 6.06
CA ASN C 212 -64.61 -61.78 7.22
C ASN C 212 -63.97 -62.97 7.95
N ARG C 213 -64.14 -63.02 9.27
CA ARG C 213 -63.57 -64.10 10.05
C ARG C 213 -64.41 -65.37 9.91
N GLU D 1 -5.57 -47.80 -2.54
CA GLU D 1 -6.39 -46.61 -2.70
C GLU D 1 -6.83 -46.06 -1.35
N VAL D 2 -7.28 -44.81 -1.33
CA VAL D 2 -7.70 -44.15 -0.10
C VAL D 2 -9.07 -44.73 0.28
N GLN D 3 -9.12 -45.43 1.40
CA GLN D 3 -10.39 -45.98 1.88
C GLN D 3 -10.34 -46.17 3.39
N LEU D 4 -11.51 -46.12 4.01
CA LEU D 4 -11.67 -46.38 5.43
C LEU D 4 -12.58 -47.59 5.59
N GLN D 5 -12.06 -48.63 6.24
CA GLN D 5 -12.80 -49.87 6.43
C GLN D 5 -13.08 -50.06 7.91
N GLN D 6 -14.34 -50.26 8.26
CA GLN D 6 -14.74 -50.32 9.66
C GLN D 6 -15.05 -51.75 10.06
N SER D 7 -15.52 -51.91 11.30
CA SER D 7 -15.92 -53.21 11.80
C SER D 7 -17.27 -53.62 11.24
N GLY D 8 -17.71 -54.82 11.62
CA GLY D 8 -18.98 -55.33 11.18
C GLY D 8 -20.13 -54.77 12.00
N PRO D 9 -21.35 -55.22 11.70
CA PRO D 9 -22.50 -54.84 12.53
C PRO D 9 -22.36 -55.40 13.94
N GLU D 10 -22.58 -54.54 14.94
CA GLU D 10 -22.28 -54.88 16.32
C GLU D 10 -23.55 -54.80 17.16
N LEU D 11 -23.56 -55.56 18.25
CA LEU D 11 -24.77 -55.79 19.03
C LEU D 11 -24.43 -55.66 20.51
N VAL D 12 -25.14 -54.78 21.22
CA VAL D 12 -24.91 -54.54 22.64
C VAL D 12 -26.25 -54.45 23.35
N LYS D 13 -26.20 -54.18 24.64
CA LYS D 13 -27.33 -54.09 25.54
C LYS D 13 -27.39 -52.68 26.13
N PRO D 14 -28.53 -52.28 26.73
CA PRO D 14 -28.55 -51.02 27.48
C PRO D 14 -27.57 -51.04 28.66
N GLY D 15 -26.89 -49.91 28.86
CA GLY D 15 -25.92 -49.78 29.92
C GLY D 15 -24.57 -50.43 29.64
N ALA D 16 -24.32 -50.87 28.41
CA ALA D 16 -23.09 -51.55 28.06
C ALA D 16 -22.09 -50.57 27.44
N SER D 17 -20.99 -51.10 26.91
CA SER D 17 -19.98 -50.33 26.22
C SER D 17 -19.62 -51.03 24.91
N MET D 18 -19.45 -50.24 23.86
CA MET D 18 -19.21 -50.77 22.52
C MET D 18 -17.99 -50.10 21.89
N LYS D 19 -17.25 -50.88 21.10
CA LYS D 19 -16.02 -50.45 20.45
C LYS D 19 -16.13 -50.64 18.95
N ILE D 20 -15.86 -49.56 18.20
CA ILE D 20 -15.85 -49.59 16.74
C ILE D 20 -14.48 -49.15 16.26
N SER D 21 -13.92 -49.89 15.31
CA SER D 21 -12.63 -49.60 14.72
C SER D 21 -12.81 -49.02 13.31
N CYS D 22 -11.74 -48.38 12.83
CA CYS D 22 -11.71 -47.81 11.48
C CYS D 22 -10.27 -47.84 11.00
N LYS D 23 -10.00 -48.74 10.05
CA LYS D 23 -8.71 -48.82 9.37
C LYS D 23 -8.66 -47.77 8.26
N ALA D 24 -7.60 -46.97 8.24
CA ALA D 24 -7.38 -45.97 7.20
C ALA D 24 -6.26 -46.44 6.29
N SER D 25 -6.48 -46.36 4.98
CA SER D 25 -5.46 -46.82 4.04
C SER D 25 -5.45 -45.93 2.81
N GLY D 26 -4.31 -45.94 2.12
CA GLY D 26 -4.13 -45.18 0.90
C GLY D 26 -3.61 -43.76 1.09
N TYR D 27 -3.47 -43.31 2.33
CA TYR D 27 -3.07 -41.94 2.60
C TYR D 27 -2.32 -41.88 3.93
N SER D 28 -1.66 -40.75 4.16
CA SER D 28 -0.94 -40.52 5.41
C SER D 28 -1.95 -40.35 6.54
N PHE D 29 -2.01 -41.34 7.44
CA PHE D 29 -3.06 -41.42 8.44
C PHE D 29 -2.97 -40.29 9.47
N THR D 30 -1.77 -40.01 9.97
CA THR D 30 -1.62 -39.01 11.02
C THR D 30 -1.63 -37.58 10.49
N GLY D 31 -1.59 -37.39 9.18
CA GLY D 31 -1.70 -36.09 8.57
C GLY D 31 -3.11 -35.67 8.22
N TYR D 32 -4.12 -36.37 8.72
CA TYR D 32 -5.52 -36.04 8.48
C TYR D 32 -6.33 -36.33 9.73
N THR D 33 -7.42 -35.59 9.89
CA THR D 33 -8.29 -35.67 11.05
C THR D 33 -9.37 -36.72 10.82
N MET D 34 -9.65 -37.53 11.84
CA MET D 34 -10.74 -38.48 11.76
C MET D 34 -12.00 -37.87 12.38
N ASN D 35 -13.16 -38.25 11.86
CA ASN D 35 -14.44 -37.73 12.34
C ASN D 35 -15.42 -38.88 12.48
N TRP D 36 -15.94 -39.06 13.68
CA TRP D 36 -17.03 -40.00 13.90
C TRP D 36 -18.36 -39.27 13.71
N VAL D 37 -19.20 -39.85 12.85
CA VAL D 37 -20.51 -39.31 12.49
C VAL D 37 -21.56 -40.39 12.73
N LYS D 38 -22.66 -40.02 13.38
CA LYS D 38 -23.73 -40.96 13.69
C LYS D 38 -24.93 -40.68 12.79
N GLN D 39 -25.45 -41.73 12.16
CA GLN D 39 -26.67 -41.65 11.36
C GLN D 39 -27.75 -42.43 12.10
N SER D 40 -28.70 -41.70 12.68
CA SER D 40 -29.81 -42.28 13.42
C SER D 40 -31.10 -42.11 12.65
N HIS D 41 -32.08 -42.95 12.99
CA HIS D 41 -33.42 -43.04 12.41
C HIS D 41 -33.41 -43.43 10.93
N GLY D 42 -32.26 -43.76 10.36
CA GLY D 42 -32.12 -43.99 8.94
C GLY D 42 -32.03 -42.75 8.08
N LYS D 43 -32.23 -41.57 8.66
CA LYS D 43 -32.28 -40.32 7.90
C LYS D 43 -31.22 -39.32 8.32
N ASN D 44 -31.14 -38.98 9.61
CA ASN D 44 -30.40 -37.80 10.06
C ASN D 44 -28.95 -38.15 10.37
N LEU D 45 -28.03 -37.39 9.77
CA LEU D 45 -26.61 -37.53 10.05
C LEU D 45 -26.23 -36.57 11.18
N GLU D 46 -25.46 -37.07 12.14
CA GLU D 46 -25.02 -36.27 13.28
C GLU D 46 -23.53 -36.46 13.46
N TRP D 47 -22.77 -35.38 13.29
CA TRP D 47 -21.33 -35.42 13.51
C TRP D 47 -21.05 -35.54 15.00
N MET D 48 -20.45 -36.65 15.41
CA MET D 48 -20.25 -36.96 16.82
C MET D 48 -18.96 -36.36 17.36
N GLY D 49 -17.88 -36.42 16.59
CA GLY D 49 -16.63 -35.87 17.09
C GLY D 49 -15.51 -36.01 16.10
N LEU D 50 -14.33 -35.55 16.52
CA LEU D 50 -13.14 -35.55 15.70
C LEU D 50 -11.93 -35.95 16.54
N ILE D 51 -11.01 -36.66 15.90
CA ILE D 51 -9.76 -37.11 16.49
C ILE D 51 -8.61 -36.48 15.72
N ASN D 52 -7.71 -35.83 16.44
CA ASN D 52 -6.35 -35.64 15.97
C ASN D 52 -5.60 -36.95 16.24
N PRO D 53 -5.19 -37.68 15.21
CA PRO D 53 -4.43 -38.93 15.47
C PRO D 53 -3.01 -38.67 15.93
N TYR D 54 -2.43 -37.52 15.58
CA TYR D 54 -1.07 -37.19 16.00
C TYR D 54 -1.04 -36.83 17.49
N LYS D 55 -1.75 -35.76 17.86
CA LYS D 55 -1.66 -35.25 19.22
C LYS D 55 -2.53 -36.02 20.21
N GLY D 56 -3.50 -36.79 19.71
CA GLY D 56 -4.41 -37.52 20.57
C GLY D 56 -5.55 -36.70 21.13
N VAL D 57 -5.61 -35.40 20.84
CA VAL D 57 -6.70 -34.55 21.32
C VAL D 57 -7.93 -34.80 20.47
N SER D 58 -9.07 -34.98 21.13
CA SER D 58 -10.34 -35.24 20.46
C SER D 58 -11.33 -34.15 20.83
N THR D 59 -12.01 -33.61 19.83
CA THR D 59 -13.03 -32.59 20.03
C THR D 59 -14.41 -33.23 19.88
N TYR D 60 -15.24 -33.08 20.89
CA TYR D 60 -16.52 -33.76 20.98
C TYR D 60 -17.68 -32.80 20.70
N ASN D 61 -18.72 -33.34 20.08
CA ASN D 61 -20.02 -32.67 20.13
C ASN D 61 -20.50 -32.61 21.57
N GLN D 62 -21.11 -31.48 21.93
CA GLN D 62 -21.56 -31.28 23.31
C GLN D 62 -22.66 -32.25 23.72
N LYS D 63 -23.43 -32.76 22.76
CA LYS D 63 -24.38 -33.83 23.05
C LYS D 63 -23.65 -35.14 23.31
N PHE D 64 -22.58 -35.42 22.56
CA PHE D 64 -21.89 -36.70 22.61
C PHE D 64 -20.55 -36.63 23.34
N LYS D 65 -20.42 -35.73 24.32
CA LYS D 65 -19.20 -35.70 25.13
C LYS D 65 -19.08 -36.94 26.00
N ASP D 66 -20.14 -37.27 26.75
CA ASP D 66 -20.14 -38.43 27.61
C ASP D 66 -20.69 -39.68 26.93
N LYS D 67 -21.24 -39.56 25.72
CA LYS D 67 -21.78 -40.69 25.00
C LYS D 67 -20.74 -41.40 24.15
N ALA D 68 -19.53 -40.87 24.04
CA ALA D 68 -18.49 -41.49 23.25
C ALA D 68 -17.12 -41.10 23.81
N THR D 69 -16.15 -41.99 23.61
CA THR D 69 -14.75 -41.73 23.93
C THR D 69 -13.94 -42.22 22.75
N LEU D 70 -13.09 -41.36 22.19
CA LEU D 70 -12.45 -41.63 20.92
C LEU D 70 -10.95 -41.83 21.12
N THR D 71 -10.44 -42.98 20.69
CA THR D 71 -9.03 -43.33 20.78
C THR D 71 -8.48 -43.64 19.39
N VAL D 72 -7.15 -43.73 19.30
CA VAL D 72 -6.46 -44.08 18.06
C VAL D 72 -5.24 -44.92 18.39
N ASP D 73 -5.09 -46.06 17.71
CA ASP D 73 -3.84 -46.81 17.69
C ASP D 73 -3.11 -46.44 16.41
N LYS D 74 -2.00 -45.72 16.55
CA LYS D 74 -1.28 -45.19 15.39
C LYS D 74 -0.40 -46.24 14.71
N SER D 75 -0.12 -47.36 15.37
CA SER D 75 0.74 -48.38 14.77
C SER D 75 0.07 -49.06 13.60
N SER D 76 -1.22 -49.35 13.71
CA SER D 76 -2.00 -49.96 12.64
C SER D 76 -2.82 -48.93 11.87
N SER D 77 -2.68 -47.65 12.20
CA SER D 77 -3.44 -46.54 11.61
C SER D 77 -4.95 -46.75 11.76
N THR D 78 -5.37 -46.99 13.01
CA THR D 78 -6.74 -47.37 13.29
C THR D 78 -7.35 -46.41 14.31
N ALA D 79 -8.56 -45.93 14.02
CA ALA D 79 -9.33 -45.14 14.96
C ALA D 79 -10.34 -46.02 15.67
N TYR D 80 -10.80 -45.56 16.84
CA TYR D 80 -11.70 -46.32 17.69
C TYR D 80 -12.68 -45.38 18.38
N MET D 81 -13.92 -45.85 18.49
CA MET D 81 -14.95 -45.21 19.30
C MET D 81 -15.41 -46.19 20.36
N GLU D 82 -15.60 -45.70 21.59
CA GLU D 82 -16.25 -46.45 22.65
C GLU D 82 -17.48 -45.69 23.09
N LEU D 83 -18.66 -46.22 22.81
CA LEU D 83 -19.89 -45.70 23.41
C LEU D 83 -20.08 -46.34 24.77
N LEU D 84 -20.27 -45.49 25.78
CA LEU D 84 -20.47 -45.91 27.16
C LEU D 84 -21.92 -45.66 27.53
N SER D 85 -22.56 -46.66 28.16
CA SER D 85 -23.96 -46.64 28.59
C SER D 85 -24.89 -46.35 27.40
N LEU D 86 -24.90 -47.28 26.46
CA LEU D 86 -25.74 -47.16 25.27
C LEU D 86 -27.21 -47.28 25.65
N THR D 87 -28.04 -46.50 24.97
CA THR D 87 -29.50 -46.55 25.12
C THR D 87 -30.11 -46.94 23.78
N SER D 88 -31.44 -46.85 23.70
CA SER D 88 -32.15 -47.15 22.45
C SER D 88 -31.87 -46.12 21.36
N GLU D 89 -31.37 -44.93 21.72
CA GLU D 89 -31.02 -43.92 20.74
C GLU D 89 -29.68 -44.21 20.06
N ASP D 90 -28.90 -45.16 20.56
CA ASP D 90 -27.56 -45.41 20.05
C ASP D 90 -27.52 -46.54 19.03
N SER D 91 -28.65 -47.13 18.66
CA SER D 91 -28.71 -48.11 17.59
C SER D 91 -28.72 -47.33 16.28
N ALA D 92 -27.56 -47.22 15.64
CA ALA D 92 -27.39 -46.27 14.54
C ALA D 92 -26.27 -46.79 13.63
N VAL D 93 -26.05 -46.06 12.55
CA VAL D 93 -24.96 -46.36 11.61
C VAL D 93 -23.82 -45.38 11.89
N TYR D 94 -22.66 -45.92 12.22
CA TYR D 94 -21.54 -45.11 12.67
C TYR D 94 -20.46 -45.06 11.59
N TYR D 95 -19.98 -43.85 11.32
CA TYR D 95 -19.12 -43.54 10.18
C TYR D 95 -17.82 -42.93 10.68
N CYS D 96 -16.71 -43.34 10.07
CA CYS D 96 -15.46 -42.61 10.19
C CYS D 96 -15.23 -41.89 8.87
N ALA D 97 -14.89 -40.60 8.96
CA ALA D 97 -14.72 -39.75 7.79
C ALA D 97 -13.44 -38.95 7.93
N ARG D 98 -12.67 -38.87 6.86
CA ARG D 98 -11.38 -38.19 6.89
C ARG D 98 -11.54 -36.74 6.44
N SER D 99 -11.16 -35.80 7.31
CA SER D 99 -11.06 -34.40 6.97
C SER D 99 -9.60 -33.98 7.02
N GLY D 100 -9.34 -32.73 6.61
CA GLY D 100 -8.00 -32.21 6.66
C GLY D 100 -7.50 -32.02 8.08
N TYR D 101 -6.17 -31.99 8.20
CA TYR D 101 -5.56 -31.90 9.52
C TYR D 101 -5.76 -30.53 10.15
N TYR D 102 -5.80 -29.49 9.32
CA TYR D 102 -5.82 -28.12 9.80
C TYR D 102 -7.18 -27.49 9.52
N GLY D 103 -7.38 -26.30 10.09
CA GLY D 103 -8.66 -25.60 10.04
C GLY D 103 -9.08 -25.14 8.66
N ASP D 104 -8.16 -25.13 7.68
CA ASP D 104 -8.54 -24.76 6.33
C ASP D 104 -9.35 -25.86 5.64
N SER D 105 -9.19 -27.11 6.08
CA SER D 105 -9.84 -28.23 5.39
C SER D 105 -10.40 -29.28 6.34
N ASP D 106 -10.55 -28.98 7.63
CA ASP D 106 -11.12 -29.94 8.57
C ASP D 106 -12.64 -29.88 8.65
N TRP D 107 -13.26 -28.88 8.02
CA TRP D 107 -14.70 -28.70 8.13
C TRP D 107 -15.49 -29.56 7.14
N TYR D 108 -14.83 -30.10 6.11
CA TYR D 108 -15.47 -30.97 5.14
C TYR D 108 -14.81 -32.34 5.17
N PHE D 109 -15.61 -33.37 4.99
CA PHE D 109 -15.17 -34.76 5.14
C PHE D 109 -15.01 -35.35 3.73
N ASP D 110 -13.75 -35.61 3.34
CA ASP D 110 -13.46 -36.02 1.98
C ASP D 110 -13.93 -37.45 1.71
N VAL D 111 -13.38 -38.42 2.44
CA VAL D 111 -13.76 -39.82 2.30
C VAL D 111 -14.49 -40.23 3.57
N TRP D 112 -15.35 -41.24 3.48
CA TRP D 112 -16.09 -41.76 4.61
C TRP D 112 -15.88 -43.27 4.74
N GLY D 113 -16.22 -43.80 5.90
CA GLY D 113 -16.33 -45.22 6.07
C GLY D 113 -17.63 -45.75 5.50
N GLN D 114 -17.71 -47.08 5.38
CA GLN D 114 -18.95 -47.71 4.93
C GLN D 114 -20.04 -47.60 6.00
N GLY D 115 -19.64 -47.57 7.27
CA GLY D 115 -20.59 -47.43 8.35
C GLY D 115 -20.98 -48.75 8.98
N THR D 116 -21.01 -48.80 10.31
CA THR D 116 -21.41 -50.01 11.01
C THR D 116 -22.78 -49.81 11.65
N THR D 117 -23.63 -50.83 11.48
CA THR D 117 -24.93 -50.87 12.14
C THR D 117 -24.72 -51.41 13.54
N LEU D 118 -24.91 -50.56 14.54
CA LEU D 118 -24.77 -50.94 15.94
C LEU D 118 -26.14 -50.91 16.58
N THR D 119 -26.53 -52.05 17.17
CA THR D 119 -27.87 -52.24 17.70
C THR D 119 -27.82 -52.36 19.22
N VAL D 120 -28.78 -51.72 19.89
CA VAL D 120 -28.95 -51.79 21.33
C VAL D 120 -30.34 -52.36 21.60
N PHE D 121 -30.42 -53.35 22.49
CA PHE D 121 -31.66 -54.10 22.65
C PHE D 121 -31.67 -54.75 24.03
N SER D 122 -32.83 -54.74 24.67
CA SER D 122 -32.98 -55.37 25.98
C SER D 122 -33.07 -56.88 25.88
N ALA D 123 -33.72 -57.39 24.83
CA ALA D 123 -34.03 -58.81 24.73
C ALA D 123 -32.83 -59.58 24.19
N LYS D 124 -33.06 -60.85 23.83
CA LYS D 124 -32.00 -61.73 23.35
C LYS D 124 -32.37 -62.36 22.01
N THR D 125 -31.60 -63.35 21.58
CA THR D 125 -31.86 -64.04 20.33
C THR D 125 -33.17 -64.83 20.39
N THR D 126 -33.92 -64.79 19.28
CA THR D 126 -35.22 -65.44 19.20
C THR D 126 -35.31 -66.19 17.88
N PRO D 127 -35.68 -67.48 17.89
CA PRO D 127 -35.89 -68.18 16.63
C PRO D 127 -37.12 -67.68 15.91
N PRO D 128 -37.16 -67.75 14.58
CA PRO D 128 -38.29 -67.18 13.84
C PRO D 128 -39.56 -68.03 13.97
N SER D 129 -40.67 -67.40 13.63
CA SER D 129 -42.02 -67.97 13.73
C SER D 129 -42.79 -67.71 12.44
N VAL D 130 -42.18 -68.11 11.31
CA VAL D 130 -42.76 -67.85 9.99
C VAL D 130 -44.09 -68.57 9.81
N TYR D 131 -45.06 -67.87 9.21
CA TYR D 131 -46.31 -68.50 8.79
C TYR D 131 -46.77 -67.90 7.47
N PRO D 132 -47.45 -68.68 6.63
CA PRO D 132 -47.89 -68.17 5.33
C PRO D 132 -49.13 -67.30 5.45
N LEU D 133 -49.55 -66.75 4.31
CA LEU D 133 -50.71 -65.85 4.24
C LEU D 133 -51.43 -66.11 2.94
N ALA D 134 -52.65 -66.64 3.03
CA ALA D 134 -53.54 -66.96 1.92
C ALA D 134 -54.76 -66.04 1.94
N PRO D 135 -55.35 -65.74 0.78
CA PRO D 135 -56.58 -64.94 0.76
C PRO D 135 -57.74 -65.68 1.41
N GLY D 136 -58.64 -64.88 2.03
CA GLY D 136 -59.79 -65.47 2.69
C GLY D 136 -60.79 -66.07 1.72
N SER D 137 -61.02 -65.41 0.58
CA SER D 137 -61.96 -65.89 -0.42
C SER D 137 -61.38 -67.06 -1.20
N MET D 144 -54.08 -62.80 -11.42
CA MET D 144 -52.96 -62.50 -10.54
C MET D 144 -53.41 -62.53 -9.08
N VAL D 145 -53.03 -63.59 -8.37
CA VAL D 145 -53.40 -63.78 -6.97
C VAL D 145 -52.16 -63.56 -6.11
N THR D 146 -52.32 -62.75 -5.06
CA THR D 146 -51.23 -62.39 -4.17
C THR D 146 -51.18 -63.34 -2.99
N LEU D 147 -50.00 -63.85 -2.68
CA LEU D 147 -49.75 -64.68 -1.50
C LEU D 147 -48.68 -64.01 -0.65
N GLY D 148 -48.67 -64.31 0.64
CA GLY D 148 -47.77 -63.66 1.56
C GLY D 148 -47.07 -64.64 2.47
N CYS D 149 -45.99 -64.14 3.10
CA CYS D 149 -45.22 -64.91 4.07
C CYS D 149 -44.76 -63.96 5.16
N LEU D 150 -45.17 -64.21 6.40
CA LEU D 150 -44.90 -63.30 7.50
C LEU D 150 -43.90 -63.97 8.46
N VAL D 151 -42.80 -63.28 8.72
CA VAL D 151 -41.77 -63.71 9.66
C VAL D 151 -41.83 -62.74 10.84
N LYS D 152 -42.57 -63.10 11.88
CA LYS D 152 -42.76 -62.25 13.03
C LYS D 152 -42.18 -62.92 14.27
N GLY D 153 -41.51 -62.16 15.12
CA GLY D 153 -40.99 -62.72 16.34
C GLY D 153 -39.62 -63.36 16.16
N TYR D 154 -38.65 -62.58 15.69
CA TYR D 154 -37.29 -63.06 15.50
C TYR D 154 -36.32 -61.94 15.84
N PHE D 155 -35.07 -62.33 16.08
CA PHE D 155 -33.99 -61.42 16.41
C PHE D 155 -32.69 -62.17 16.24
N PRO D 156 -31.64 -61.56 15.67
CA PRO D 156 -31.57 -60.23 15.07
C PRO D 156 -31.73 -60.23 13.55
N GLU D 157 -31.45 -59.08 12.93
CA GLU D 157 -31.36 -58.92 11.48
C GLU D 157 -30.10 -59.63 10.97
N PRO D 158 -30.05 -60.07 9.70
CA PRO D 158 -31.09 -60.05 8.67
C PRO D 158 -31.69 -61.42 8.35
N VAL D 159 -32.74 -61.43 7.53
CA VAL D 159 -33.33 -62.67 7.02
C VAL D 159 -33.58 -62.49 5.53
N THR D 160 -33.32 -63.54 4.76
CA THR D 160 -33.62 -63.56 3.34
C THR D 160 -34.80 -64.50 3.09
N VAL D 161 -35.75 -64.04 2.28
CA VAL D 161 -36.94 -64.82 1.96
C VAL D 161 -36.91 -65.10 0.47
N THR D 162 -36.84 -66.39 0.12
CA THR D 162 -36.89 -66.84 -1.25
C THR D 162 -38.13 -67.71 -1.45
N TRP D 163 -38.64 -67.72 -2.67
CA TRP D 163 -39.86 -68.45 -3.01
C TRP D 163 -39.50 -69.60 -3.94
N ASN D 164 -39.87 -70.82 -3.52
CA ASN D 164 -39.67 -72.07 -4.26
C ASN D 164 -38.19 -72.29 -4.59
N SER D 165 -37.38 -72.25 -3.52
CA SER D 165 -35.92 -72.48 -3.56
C SER D 165 -35.21 -71.51 -4.51
N GLY D 166 -35.70 -70.27 -4.59
CA GLY D 166 -35.10 -69.27 -5.44
C GLY D 166 -35.55 -69.28 -6.89
N SER D 167 -36.37 -70.26 -7.29
CA SER D 167 -36.84 -70.30 -8.67
C SER D 167 -37.89 -69.23 -8.93
N LEU D 168 -38.76 -68.98 -7.95
CA LEU D 168 -39.80 -67.95 -8.07
C LEU D 168 -39.23 -66.65 -7.52
N SER D 169 -38.84 -65.75 -8.42
CA SER D 169 -38.25 -64.47 -8.03
C SER D 169 -38.91 -63.26 -8.68
N SER D 170 -39.70 -63.45 -9.74
CA SER D 170 -40.36 -62.33 -10.38
C SER D 170 -41.57 -61.87 -9.56
N GLY D 171 -41.68 -60.55 -9.40
CA GLY D 171 -42.76 -59.99 -8.62
C GLY D 171 -42.72 -60.29 -7.14
N VAL D 172 -41.53 -60.23 -6.53
CA VAL D 172 -41.33 -60.54 -5.12
C VAL D 172 -40.97 -59.24 -4.41
N HIS D 173 -41.73 -58.90 -3.37
CA HIS D 173 -41.45 -57.71 -2.57
C HIS D 173 -41.21 -58.15 -1.13
N THR D 174 -39.96 -58.09 -0.69
CA THR D 174 -39.58 -58.42 0.68
C THR D 174 -39.38 -57.11 1.44
N PHE D 175 -40.30 -56.81 2.35
CA PHE D 175 -40.30 -55.55 3.06
C PHE D 175 -39.21 -55.56 4.14
N PRO D 176 -38.58 -54.42 4.40
CA PRO D 176 -37.66 -54.33 5.56
C PRO D 176 -38.41 -54.50 6.87
N ALA D 177 -37.71 -55.04 7.85
CA ALA D 177 -38.31 -55.38 9.14
C ALA D 177 -38.59 -54.15 9.97
N VAL D 178 -39.44 -54.30 10.97
CA VAL D 178 -39.75 -53.24 11.92
C VAL D 178 -39.80 -53.87 13.32
N LEU D 179 -39.52 -53.04 14.33
CA LEU D 179 -39.36 -53.49 15.70
C LEU D 179 -40.55 -53.08 16.56
N LYS D 180 -41.07 -54.03 17.33
CA LYS D 180 -41.99 -53.74 18.43
C LYS D 180 -41.72 -54.74 19.54
N SER D 181 -41.80 -54.26 20.78
CA SER D 181 -41.55 -55.05 22.01
C SER D 181 -40.17 -55.71 21.98
N ASP D 182 -39.19 -54.98 21.43
CA ASP D 182 -37.83 -55.46 21.18
C ASP D 182 -37.82 -56.76 20.38
N LEU D 183 -38.65 -56.81 19.33
CA LEU D 183 -38.76 -57.98 18.49
C LEU D 183 -39.06 -57.54 17.06
N TYR D 184 -38.47 -58.24 16.10
CA TYR D 184 -38.56 -57.87 14.69
C TYR D 184 -39.67 -58.63 13.98
N THR D 185 -40.31 -57.96 13.03
CA THR D 185 -41.25 -58.59 12.12
C THR D 185 -41.00 -58.10 10.70
N LEU D 186 -41.22 -58.98 9.74
CA LEU D 186 -40.87 -58.72 8.34
C LEU D 186 -41.87 -59.48 7.46
N SER D 187 -42.22 -58.88 6.33
CA SER D 187 -43.23 -59.44 5.44
C SER D 187 -42.64 -59.66 4.06
N SER D 188 -43.21 -60.63 3.34
CA SER D 188 -42.84 -60.86 1.96
C SER D 188 -44.10 -61.15 1.15
N SER D 189 -44.15 -60.58 -0.06
CA SER D 189 -45.32 -60.68 -0.93
C SER D 189 -44.90 -61.24 -2.28
N VAL D 190 -45.67 -62.20 -2.78
CA VAL D 190 -45.50 -62.74 -4.12
C VAL D 190 -46.84 -62.67 -4.84
N THR D 191 -46.77 -62.65 -6.17
CA THR D 191 -47.97 -62.59 -7.01
C THR D 191 -47.84 -63.68 -8.07
N VAL D 192 -48.73 -64.67 -8.02
CA VAL D 192 -48.66 -65.78 -8.97
C VAL D 192 -49.94 -65.89 -9.77
N VAL D 202 -46.15 -73.25 -4.68
CA VAL D 202 -45.47 -72.11 -4.09
C VAL D 202 -44.97 -72.47 -2.69
N THR D 203 -43.68 -72.23 -2.44
CA THR D 203 -43.07 -72.55 -1.16
C THR D 203 -42.19 -71.39 -0.72
N CYS D 204 -42.52 -70.78 0.41
CA CYS D 204 -41.77 -69.66 0.96
C CYS D 204 -40.63 -70.19 1.82
N ASN D 205 -39.40 -69.83 1.46
CA ASN D 205 -38.20 -70.32 2.14
C ASN D 205 -37.53 -69.16 2.87
N VAL D 206 -37.31 -69.35 4.18
CA VAL D 206 -36.73 -68.31 5.04
C VAL D 206 -35.46 -68.87 5.65
N ALA D 207 -34.38 -68.10 5.57
CA ALA D 207 -33.08 -68.48 6.13
C ALA D 207 -32.67 -67.46 7.18
N HIS D 208 -32.36 -67.96 8.39
CA HIS D 208 -31.91 -67.12 9.50
C HIS D 208 -30.64 -67.72 10.07
N PRO D 209 -29.46 -67.30 9.59
CA PRO D 209 -28.21 -67.87 10.09
C PRO D 209 -27.87 -67.51 11.52
N ALA D 210 -28.48 -66.45 12.07
CA ALA D 210 -28.19 -66.07 13.46
C ALA D 210 -28.76 -67.08 14.45
N SER D 211 -29.97 -67.56 14.20
CA SER D 211 -30.59 -68.61 15.01
C SER D 211 -30.42 -69.99 14.40
N SER D 212 -29.69 -70.10 13.27
CA SER D 212 -29.46 -71.35 12.54
C SER D 212 -30.78 -72.03 12.16
N THR D 213 -31.68 -71.27 11.57
CA THR D 213 -33.02 -71.73 11.23
C THR D 213 -33.20 -71.69 9.72
N THR D 214 -33.72 -72.79 9.16
CA THR D 214 -34.05 -72.87 7.74
C THR D 214 -35.46 -73.43 7.63
N VAL D 215 -36.41 -72.58 7.24
CA VAL D 215 -37.82 -72.94 7.17
C VAL D 215 -38.25 -72.90 5.71
N ASP D 216 -38.85 -73.98 5.23
CA ASP D 216 -39.41 -74.08 3.89
C ASP D 216 -40.91 -74.29 4.03
N LYS D 217 -41.66 -73.19 3.99
CA LYS D 217 -43.10 -73.21 4.24
C LYS D 217 -43.83 -73.25 2.91
N LYS D 218 -44.52 -74.36 2.64
CA LYS D 218 -45.35 -74.47 1.45
C LYS D 218 -46.59 -73.59 1.59
N ILE D 219 -47.01 -73.00 0.49
CA ILE D 219 -48.13 -72.06 0.48
C ILE D 219 -49.34 -72.76 -0.15
N VAL D 220 -50.44 -72.78 0.59
CA VAL D 220 -51.69 -73.38 0.11
C VAL D 220 -52.81 -72.36 0.35
N PRO D 221 -53.86 -72.35 -0.47
CA PRO D 221 -54.99 -71.47 -0.20
C PRO D 221 -55.77 -71.90 1.03
N ARG D 222 -56.36 -70.93 1.71
CA ARG D 222 -57.12 -71.19 2.93
C ARG D 222 -58.49 -71.79 2.61
N PRO E 3 38.42 -5.61 14.84
CA PRO E 3 39.51 -6.34 14.19
C PRO E 3 40.74 -5.47 13.93
N LYS E 4 40.58 -4.15 14.01
CA LYS E 4 41.69 -3.22 13.83
C LYS E 4 41.87 -2.27 15.00
N LEU E 5 40.77 -1.75 15.55
CA LEU E 5 40.84 -0.70 16.57
C LEU E 5 41.40 -1.26 17.88
N CYS E 6 40.95 -2.46 18.27
CA CYS E 6 41.47 -3.15 19.44
C CYS E 6 42.95 -3.47 19.27
N TYR E 7 43.39 -3.76 18.04
CA TYR E 7 44.82 -3.95 17.79
C TYR E 7 45.60 -2.66 17.97
N LEU E 8 45.01 -1.50 17.64
CA LEU E 8 45.66 -0.23 17.95
C LEU E 8 45.78 0.00 19.46
N LEU E 9 44.73 -0.34 20.22
CA LEU E 9 44.82 -0.18 21.68
C LEU E 9 45.87 -1.13 22.28
N ASP E 10 45.92 -2.36 21.79
CA ASP E 10 46.93 -3.30 22.25
C ASP E 10 48.33 -2.87 21.81
N GLY E 11 48.46 -2.24 20.64
CA GLY E 11 49.74 -1.68 20.24
C GLY E 11 50.18 -0.54 21.12
N ILE E 12 49.23 0.27 21.59
CA ILE E 12 49.55 1.38 22.49
C ILE E 12 50.01 0.84 23.85
N LEU E 13 49.30 -0.17 24.37
CA LEU E 13 49.74 -0.82 25.60
C LEU E 13 51.08 -1.52 25.42
N PHE E 14 51.34 -2.08 24.24
CA PHE E 14 52.65 -2.66 23.95
C PHE E 14 53.74 -1.60 23.89
N ILE E 15 53.42 -0.42 23.38
CA ILE E 15 54.38 0.69 23.35
C ILE E 15 54.74 1.12 24.76
N TYR E 16 53.72 1.24 25.63
CA TYR E 16 53.97 1.56 27.04
C TYR E 16 54.79 0.47 27.72
N GLY E 17 54.46 -0.80 27.44
CA GLY E 17 55.21 -1.89 28.03
C GLY E 17 56.65 -1.97 27.55
N VAL E 18 56.89 -1.66 26.28
CA VAL E 18 58.25 -1.78 25.77
C VAL E 18 59.10 -0.58 26.20
N ILE E 19 58.53 0.62 26.35
CA ILE E 19 59.34 1.71 26.90
C ILE E 19 59.57 1.50 28.39
N LEU E 20 58.61 0.88 29.09
CA LEU E 20 58.80 0.51 30.49
C LEU E 20 59.89 -0.55 30.66
N THR E 21 59.90 -1.55 29.77
CA THR E 21 60.93 -2.58 29.81
C THR E 21 62.29 -2.01 29.40
N ALA E 22 62.32 -1.03 28.50
CA ALA E 22 63.57 -0.36 28.17
C ALA E 22 64.11 0.42 29.37
N LEU E 23 63.21 1.08 30.12
CA LEU E 23 63.63 1.75 31.35
C LEU E 23 64.14 0.76 32.38
N PHE E 24 63.48 -0.41 32.49
CA PHE E 24 63.93 -1.45 33.40
C PHE E 24 65.29 -2.00 33.01
N LEU E 25 65.53 -2.17 31.71
CA LEU E 25 66.82 -2.66 31.23
C LEU E 25 67.93 -1.62 31.45
N ARG E 26 67.62 -0.34 31.23
CA ARG E 26 68.63 0.70 31.45
C ARG E 26 68.91 0.90 32.93
N VAL E 27 67.94 0.61 33.80
CA VAL E 27 68.13 0.80 35.23
C VAL E 27 68.66 -0.45 35.91
N LYS E 28 68.61 -1.62 35.24
CA LYS E 28 69.08 -2.85 35.85
C LYS E 28 70.57 -3.09 35.64
N PHE E 29 71.24 -2.29 34.82
CA PHE E 29 72.69 -2.40 34.65
C PHE E 29 73.37 -1.24 35.37
N LEU F 1 38.20 -15.86 15.70
CA LEU F 1 38.50 -15.74 17.13
C LEU F 1 39.31 -14.48 17.40
N ASP F 2 39.36 -13.59 16.40
CA ASP F 2 40.17 -12.38 16.51
C ASP F 2 39.77 -11.40 17.62
N PRO F 3 38.49 -11.00 17.79
CA PRO F 3 38.23 -9.98 18.84
C PRO F 3 38.36 -10.51 20.26
N LYS F 4 37.92 -11.74 20.53
CA LYS F 4 38.05 -12.30 21.87
C LYS F 4 39.51 -12.51 22.25
N LEU F 5 40.34 -12.98 21.30
CA LEU F 5 41.78 -13.05 21.54
C LEU F 5 42.38 -11.65 21.69
N CYS F 6 41.80 -10.64 21.05
CA CYS F 6 42.29 -9.28 21.22
C CYS F 6 42.02 -8.76 22.62
N TYR F 7 40.83 -9.03 23.16
CA TYR F 7 40.55 -8.63 24.54
C TYR F 7 41.37 -9.45 25.54
N LEU F 8 41.61 -10.72 25.23
CA LEU F 8 42.48 -11.55 26.08
C LEU F 8 43.90 -11.02 26.11
N LEU F 9 44.44 -10.62 24.94
CA LEU F 9 45.77 -10.06 24.89
C LEU F 9 45.81 -8.66 25.50
N ASP F 10 44.68 -7.93 25.46
CA ASP F 10 44.59 -6.66 26.16
C ASP F 10 44.71 -6.85 27.67
N GLY F 11 44.02 -7.86 28.20
CA GLY F 11 44.15 -8.16 29.63
C GLY F 11 45.54 -8.66 29.99
N ILE F 12 46.13 -9.49 29.15
CA ILE F 12 47.48 -10.01 29.40
C ILE F 12 48.51 -8.88 29.37
N LEU F 13 48.39 -7.97 28.39
CA LEU F 13 49.29 -6.84 28.30
C LEU F 13 49.08 -5.87 29.45
N PHE F 14 47.84 -5.72 29.92
CA PHE F 14 47.56 -4.93 31.11
C PHE F 14 48.27 -5.51 32.33
N ILE F 15 48.20 -6.84 32.49
CA ILE F 15 48.81 -7.51 33.63
C ILE F 15 50.33 -7.39 33.58
N TYR F 16 50.92 -7.60 32.40
CA TYR F 16 52.36 -7.48 32.23
C TYR F 16 52.81 -6.05 32.50
N GLY F 17 52.04 -5.07 32.03
CA GLY F 17 52.38 -3.68 32.27
C GLY F 17 52.32 -3.28 33.74
N VAL F 18 51.26 -3.71 34.44
CA VAL F 18 51.12 -3.32 35.84
C VAL F 18 52.17 -4.03 36.70
N ILE F 19 52.50 -5.28 36.37
CA ILE F 19 53.54 -6.00 37.09
C ILE F 19 54.90 -5.35 36.87
N LEU F 20 55.20 -4.97 35.62
CA LEU F 20 56.51 -4.39 35.34
C LEU F 20 56.63 -2.99 35.93
N THR F 21 55.55 -2.20 35.92
CA THR F 21 55.65 -0.88 36.55
C THR F 21 55.68 -0.96 38.06
N ALA F 22 55.03 -1.95 38.68
CA ALA F 22 55.14 -2.14 40.11
C ALA F 22 56.56 -2.53 40.50
N LEU F 23 57.16 -3.48 39.74
CA LEU F 23 58.54 -3.88 40.00
C LEU F 23 59.51 -2.73 39.78
N PHE F 24 59.34 -1.99 38.69
CA PHE F 24 60.23 -0.89 38.36
C PHE F 24 60.18 0.20 39.42
N LEU F 25 58.98 0.67 39.76
CA LEU F 25 58.84 1.73 40.75
C LEU F 25 59.27 1.28 42.15
N ARG F 26 58.95 0.04 42.52
CA ARG F 26 59.24 -0.42 43.88
C ARG F 26 60.73 -0.65 44.08
N VAL F 27 61.39 -1.31 43.11
CA VAL F 27 62.82 -1.58 43.28
C VAL F 27 63.67 -0.34 43.00
N LYS F 28 63.23 0.59 42.15
CA LYS F 28 64.05 1.76 41.84
C LYS F 28 63.61 3.02 42.57
N PHE F 29 62.64 2.92 43.47
CA PHE F 29 62.21 4.06 44.27
C PHE F 29 62.27 3.79 45.77
N SER F 30 62.79 2.62 46.18
CA SER F 30 62.84 2.12 47.56
C SER F 30 61.41 2.13 48.12
N ARG F 31 61.22 2.50 49.38
CA ARG F 31 59.88 2.53 49.97
C ARG F 31 59.81 3.52 51.12
N PHE G 1 23.79 11.36 -24.27
CA PHE G 1 22.52 10.71 -24.00
C PHE G 1 22.40 10.31 -22.53
N LYS G 2 21.34 9.58 -22.19
CA LYS G 2 21.14 9.08 -20.83
C LYS G 2 21.74 7.69 -20.76
N ILE G 3 22.88 7.56 -20.10
CA ILE G 3 23.62 6.31 -20.01
C ILE G 3 23.06 5.52 -18.82
N PRO G 4 22.59 4.28 -19.03
CA PRO G 4 22.10 3.49 -17.91
C PRO G 4 23.24 2.82 -17.14
N ILE G 5 23.05 2.72 -15.83
CA ILE G 5 24.00 2.04 -14.95
C ILE G 5 23.32 0.76 -14.47
N GLU G 6 23.96 -0.39 -14.70
CA GLU G 6 23.41 -1.67 -14.30
C GLU G 6 23.92 -2.04 -12.92
N GLU G 7 22.99 -2.35 -12.02
CA GLU G 7 23.30 -2.74 -10.64
C GLU G 7 22.62 -4.08 -10.37
N LEU G 8 23.34 -5.16 -10.63
CA LEU G 8 22.79 -6.50 -10.49
C LEU G 8 23.80 -7.39 -9.78
N GLU G 9 23.28 -8.28 -8.91
CA GLU G 9 24.07 -9.26 -8.14
C GLU G 9 25.16 -8.59 -7.32
N ASP G 10 24.82 -7.45 -6.71
CA ASP G 10 25.74 -6.58 -5.96
C ASP G 10 26.93 -6.14 -6.80
N ARG G 11 26.72 -5.96 -8.10
CA ARG G 11 27.76 -5.52 -9.02
C ARG G 11 27.23 -4.36 -9.84
N VAL G 12 27.99 -3.26 -9.88
CA VAL G 12 27.62 -2.05 -10.60
C VAL G 12 28.57 -1.91 -11.78
N PHE G 13 28.00 -1.76 -12.98
CA PHE G 13 28.80 -1.54 -14.17
C PHE G 13 28.00 -0.66 -15.14
N VAL G 14 28.61 -0.34 -16.27
CA VAL G 14 27.99 0.48 -17.30
C VAL G 14 27.91 -0.33 -18.59
N ASN G 15 26.83 -0.11 -19.34
CA ASN G 15 26.57 -0.78 -20.61
C ASN G 15 26.07 0.28 -21.60
N CYS G 16 26.98 0.80 -22.41
CA CYS G 16 26.66 1.82 -23.39
C CYS G 16 26.75 1.26 -24.81
N ASN G 17 26.19 2.02 -25.75
CA ASN G 17 26.20 1.59 -27.15
C ASN G 17 27.57 1.72 -27.80
N THR G 18 28.48 2.50 -27.21
CA THR G 18 29.81 2.68 -27.78
C THR G 18 30.87 2.56 -26.70
N SER G 19 32.11 2.90 -27.04
CA SER G 19 33.20 2.88 -26.07
C SER G 19 33.03 4.01 -25.06
N ILE G 20 33.19 3.68 -23.78
CA ILE G 20 32.95 4.64 -22.70
C ILE G 20 34.20 5.47 -22.50
N THR G 21 34.06 6.79 -22.60
CA THR G 21 35.19 7.72 -22.48
C THR G 21 35.17 8.32 -21.08
N TRP G 22 35.91 7.70 -20.18
CA TRP G 22 36.04 8.21 -18.81
C TRP G 22 36.84 9.50 -18.78
N VAL G 23 36.45 10.40 -17.88
CA VAL G 23 37.13 11.68 -17.70
C VAL G 23 37.62 11.87 -16.27
N GLU G 24 36.77 11.57 -15.28
CA GLU G 24 37.11 11.82 -13.88
C GLU G 24 36.35 10.84 -13.00
N GLY G 25 37.06 10.25 -12.01
CA GLY G 25 36.45 9.38 -11.04
C GLY G 25 37.06 7.98 -11.06
N THR G 26 36.24 7.01 -10.67
CA THR G 26 36.68 5.62 -10.71
C THR G 26 36.68 5.11 -12.14
N VAL G 27 37.82 4.59 -12.60
CA VAL G 27 37.96 4.10 -13.95
C VAL G 27 37.23 2.77 -14.12
N THR G 35 31.96 -1.82 -24.70
CA THR G 35 30.57 -1.41 -24.55
C THR G 35 30.10 -1.60 -23.12
N ARG G 36 30.63 -2.62 -22.45
CA ARG G 36 30.31 -2.92 -21.06
C ARG G 36 31.59 -2.74 -20.24
N LEU G 37 31.58 -1.75 -19.35
CA LEU G 37 32.75 -1.41 -18.54
C LEU G 37 32.42 -1.64 -17.07
N ASP G 38 33.30 -2.37 -16.39
CA ASP G 38 33.08 -2.75 -15.00
C ASP G 38 33.45 -1.62 -14.05
N LEU G 39 32.89 -1.69 -12.85
CA LEU G 39 33.19 -0.72 -11.80
C LEU G 39 33.34 -1.38 -10.43
N GLY G 40 33.61 -2.68 -10.38
CA GLY G 40 33.67 -3.37 -9.11
C GLY G 40 32.29 -3.63 -8.54
N LYS G 41 32.23 -3.72 -7.23
CA LYS G 41 30.98 -3.98 -6.52
C LYS G 41 30.24 -2.65 -6.29
N ARG G 42 29.23 -2.68 -5.43
CA ARG G 42 28.50 -1.48 -5.06
C ARG G 42 28.76 -1.05 -3.62
N ILE G 43 29.54 -1.83 -2.86
CA ILE G 43 29.79 -1.50 -1.45
C ILE G 43 31.09 -0.71 -1.27
N LEU G 44 31.92 -0.61 -2.30
CA LEU G 44 33.15 0.17 -2.21
C LEU G 44 32.94 1.63 -2.60
N ASP G 45 31.69 2.03 -2.88
CA ASP G 45 31.25 3.38 -3.22
C ASP G 45 31.96 3.93 -4.46
N PRO G 46 31.62 3.45 -5.66
CA PRO G 46 32.27 3.99 -6.87
C PRO G 46 31.70 5.35 -7.24
N ARG G 47 32.59 6.27 -7.61
CA ARG G 47 32.22 7.60 -8.07
C ARG G 47 32.96 7.87 -9.38
N GLY G 48 32.24 8.32 -10.39
CA GLY G 48 32.89 8.52 -11.68
C GLY G 48 32.02 9.26 -12.69
N ILE G 49 32.69 9.85 -13.67
CA ILE G 49 32.05 10.60 -14.75
C ILE G 49 32.37 9.92 -16.07
N TYR G 50 31.31 9.60 -16.84
CA TYR G 50 31.48 8.87 -18.09
C TYR G 50 30.60 9.49 -19.16
N ARG G 51 31.08 9.43 -20.40
CA ARG G 51 30.37 9.98 -21.55
C ARG G 51 30.62 9.09 -22.76
N CYS G 52 29.55 8.72 -23.46
CA CYS G 52 29.64 7.93 -24.68
C CYS G 52 28.57 8.42 -25.65
N ASN G 53 28.46 7.72 -26.78
CA ASN G 53 27.46 8.06 -27.79
C ASN G 53 26.24 7.16 -27.71
N THR G 64 26.28 11.91 -20.70
CA THR G 64 27.21 11.92 -19.59
C THR G 64 26.49 11.59 -18.29
N VAL G 65 26.99 10.58 -17.58
CA VAL G 65 26.47 10.20 -16.27
C VAL G 65 27.60 10.29 -15.25
N GLN G 66 27.31 10.87 -14.09
CA GLN G 66 28.25 10.95 -12.99
C GLN G 66 27.66 10.16 -11.83
N VAL G 67 28.10 8.93 -11.67
CA VAL G 67 27.61 8.05 -10.62
C VAL G 67 28.31 8.40 -9.31
N HIS G 68 27.54 8.42 -8.22
CA HIS G 68 28.03 8.75 -6.89
C HIS G 68 27.26 7.88 -5.90
N TYR G 69 27.95 6.88 -5.34
CA TYR G 69 27.33 5.91 -4.45
C TYR G 69 27.80 6.15 -3.02
N ARG G 70 26.87 6.07 -2.07
CA ARG G 70 27.18 6.17 -0.65
C ARG G 70 26.50 5.04 0.12
N MET G 71 26.66 3.82 -0.35
CA MET G 71 26.33 2.65 0.47
C MET G 71 27.52 2.44 1.40
N CYS G 72 27.42 3.00 2.61
CA CYS G 72 28.54 3.02 3.54
C CYS G 72 28.79 1.63 4.12
N GLN G 73 30.07 1.26 4.20
CA GLN G 73 30.49 -0.02 4.76
C GLN G 73 31.17 0.10 6.10
N SER G 74 31.69 1.28 6.45
CA SER G 74 32.36 1.50 7.73
C SER G 74 31.72 2.67 8.48
N CYS G 75 30.41 2.85 8.33
CA CYS G 75 29.70 3.92 9.00
C CYS G 75 29.37 3.53 10.44
N VAL G 76 29.38 4.52 11.33
CA VAL G 76 29.02 4.33 12.74
C VAL G 76 27.74 5.10 13.00
N GLU G 77 26.83 4.50 13.76
CA GLU G 77 25.60 5.16 14.18
C GLU G 77 25.75 5.49 15.66
N LEU G 78 26.30 6.67 15.93
CA LEU G 78 26.54 7.10 17.31
C LEU G 78 25.40 7.98 17.78
N ASP G 79 24.78 7.60 18.89
CA ASP G 79 23.83 8.48 19.54
C ASP G 79 24.58 9.53 20.35
N PRO G 80 24.02 10.75 20.45
CA PRO G 80 24.72 11.80 21.22
C PRO G 80 24.76 11.55 22.71
N ALA G 81 23.91 10.66 23.24
CA ALA G 81 23.88 10.43 24.68
C ALA G 81 25.10 9.64 25.15
N THR G 82 25.45 8.57 24.45
CA THR G 82 26.55 7.72 24.90
C THR G 82 27.90 8.34 24.56
N VAL G 83 28.01 9.04 23.43
CA VAL G 83 29.30 9.56 23.01
C VAL G 83 29.66 10.80 23.83
N ALA G 84 28.67 11.52 24.36
CA ALA G 84 28.98 12.63 25.26
C ALA G 84 29.34 12.13 26.64
N GLY G 85 28.69 11.06 27.09
CA GLY G 85 29.02 10.48 28.38
C GLY G 85 30.41 9.85 28.42
N ILE G 86 30.81 9.22 27.32
CA ILE G 86 32.14 8.63 27.23
C ILE G 86 33.21 9.73 27.21
N ILE G 87 32.95 10.81 26.47
CA ILE G 87 33.90 11.92 26.38
C ILE G 87 34.01 12.64 27.73
N VAL G 88 32.88 12.90 28.39
CA VAL G 88 32.91 13.65 29.64
C VAL G 88 33.47 12.80 30.78
N THR G 89 33.44 11.48 30.64
CA THR G 89 34.09 10.64 31.65
C THR G 89 35.54 10.35 31.27
N ASP G 90 35.91 10.59 30.01
CA ASP G 90 37.32 10.59 29.64
C ASP G 90 38.00 11.87 30.09
N VAL G 91 37.25 12.97 30.09
CA VAL G 91 37.77 14.25 30.59
C VAL G 91 38.03 14.17 32.08
N ILE G 92 37.09 13.58 32.84
CA ILE G 92 37.29 13.44 34.28
C ILE G 92 38.33 12.37 34.58
N ALA G 93 38.60 11.47 33.62
CA ALA G 93 39.69 10.52 33.79
C ALA G 93 41.04 11.20 33.64
N THR G 94 41.19 12.03 32.61
CA THR G 94 42.48 12.70 32.39
C THR G 94 42.63 13.91 33.31
N LEU G 95 41.53 14.39 33.92
CA LEU G 95 41.68 15.35 34.99
C LEU G 95 42.12 14.66 36.28
N LEU G 96 41.66 13.43 36.49
CA LEU G 96 42.11 12.65 37.65
C LEU G 96 43.56 12.23 37.50
N LEU G 97 43.98 11.89 36.28
CA LEU G 97 45.38 11.55 36.05
C LEU G 97 46.27 12.79 36.12
N ALA G 98 45.72 13.95 35.77
CA ALA G 98 46.42 15.21 36.05
C ALA G 98 46.39 15.52 37.53
N LEU G 99 45.31 15.12 38.22
CA LEU G 99 45.27 15.25 39.68
C LEU G 99 46.21 14.24 40.34
N GLY G 100 46.55 13.18 39.61
CA GLY G 100 47.54 12.24 40.10
C GLY G 100 48.92 12.85 40.22
N VAL G 101 49.53 13.21 39.09
CA VAL G 101 50.91 13.71 39.10
C VAL G 101 51.05 15.07 39.77
N PHE G 102 49.96 15.81 39.96
CA PHE G 102 50.01 16.99 40.82
C PHE G 102 50.27 16.59 42.27
N CYS G 103 49.67 15.48 42.71
CA CYS G 103 49.94 14.97 44.05
C CYS G 103 51.29 14.30 44.15
N PHE G 104 51.87 13.90 43.01
CA PHE G 104 53.18 13.24 43.03
C PHE G 104 54.28 14.24 43.32
N ALA G 105 54.20 15.44 42.76
CA ALA G 105 55.21 16.47 42.97
C ALA G 105 54.71 17.55 43.92
N GLN H 1 30.54 19.88 -17.19
CA GLN H 1 31.83 19.33 -16.78
C GLN H 1 31.95 19.31 -15.26
N THR H 2 31.35 20.30 -14.61
CA THR H 2 31.42 20.39 -13.16
C THR H 2 30.52 19.33 -12.53
N PRO H 3 31.06 18.45 -11.68
CA PRO H 3 30.21 17.42 -11.06
C PRO H 3 29.38 18.00 -9.92
N TYR H 4 28.34 17.25 -9.57
CA TYR H 4 27.47 17.63 -8.47
C TYR H 4 28.18 17.43 -7.13
N LYS H 5 27.76 18.20 -6.14
CA LYS H 5 28.26 18.03 -4.78
C LYS H 5 27.15 17.44 -3.93
N VAL H 6 27.37 16.24 -3.42
CA VAL H 6 26.39 15.51 -2.61
C VAL H 6 26.93 15.43 -1.19
N SER H 7 26.17 15.95 -0.23
CA SER H 7 26.55 15.94 1.17
C SER H 7 25.45 15.24 1.96
N ILE H 8 25.77 14.07 2.51
CA ILE H 8 24.81 13.28 3.28
C ILE H 8 25.12 13.51 4.75
N SER H 9 24.18 14.15 5.46
CA SER H 9 24.36 14.51 6.86
C SER H 9 23.16 13.99 7.65
N GLY H 10 23.27 12.76 8.14
CA GLY H 10 22.19 12.17 8.92
C GLY H 10 21.01 11.81 8.03
N THR H 11 19.82 12.25 8.43
CA THR H 11 18.62 12.05 7.64
C THR H 11 18.36 13.24 6.72
N THR H 12 19.37 13.62 5.95
CA THR H 12 19.31 14.78 5.08
C THR H 12 20.39 14.65 4.04
N VAL H 13 20.01 14.73 2.77
CA VAL H 13 20.94 14.70 1.64
C VAL H 13 20.85 16.03 0.91
N ILE H 14 21.99 16.66 0.66
CA ILE H 14 22.07 17.92 -0.04
C ILE H 14 22.72 17.68 -1.40
N LEU H 15 22.03 18.11 -2.45
CA LEU H 15 22.53 18.01 -3.82
C LEU H 15 22.72 19.42 -4.36
N THR H 16 23.95 19.74 -4.80
CA THR H 16 24.24 21.04 -5.39
C THR H 16 24.75 20.84 -6.80
N CYS H 17 24.28 21.69 -7.71
CA CYS H 17 24.60 21.66 -9.14
C CYS H 17 25.35 22.94 -9.48
N PRO H 18 26.67 22.92 -9.51
CA PRO H 18 27.46 24.15 -9.71
C PRO H 18 27.83 24.46 -11.16
N GLN H 19 27.31 23.75 -12.15
CA GLN H 19 27.73 24.01 -13.53
C GLN H 19 27.07 25.27 -14.08
N TYR H 20 25.83 25.54 -13.70
CA TYR H 20 25.12 26.71 -14.20
C TYR H 20 25.20 27.84 -13.17
N PRO H 21 25.95 28.91 -13.43
CA PRO H 21 26.20 29.94 -12.41
C PRO H 21 25.05 30.92 -12.29
N GLY H 22 24.35 30.86 -11.16
CA GLY H 22 23.38 31.89 -10.81
C GLY H 22 22.02 31.78 -11.47
N SER H 23 21.85 30.86 -12.41
CA SER H 23 20.56 30.66 -13.06
C SER H 23 19.63 29.87 -12.14
N GLU H 24 18.33 30.10 -12.30
CA GLU H 24 17.34 29.35 -11.53
C GLU H 24 17.35 27.90 -11.95
N ILE H 25 17.63 27.01 -10.99
CA ILE H 25 17.90 25.61 -11.26
C ILE H 25 16.75 24.78 -10.71
N LEU H 26 16.19 23.91 -11.56
CA LEU H 26 15.15 22.99 -11.16
C LEU H 26 15.64 21.57 -11.33
N TRP H 27 15.12 20.67 -10.50
CA TRP H 27 15.68 19.34 -10.31
C TRP H 27 14.73 18.26 -10.79
N GLN H 28 15.31 17.16 -11.26
CA GLN H 28 14.54 16.03 -11.78
C GLN H 28 15.06 14.74 -11.18
N HIS H 29 14.12 13.89 -10.74
CA HIS H 29 14.39 12.57 -10.17
C HIS H 29 13.66 11.54 -11.01
N ASN H 30 14.44 10.75 -11.76
CA ASN H 30 13.96 9.64 -12.60
C ASN H 30 12.88 10.09 -13.58
N ASP H 31 13.17 11.21 -14.27
CA ASP H 31 12.26 11.90 -15.18
C ASP H 31 10.94 12.27 -14.49
N LYS H 32 11.03 12.67 -13.23
CA LYS H 32 9.91 13.26 -12.51
C LYS H 32 10.40 14.56 -11.87
N ASN H 33 9.72 15.66 -12.15
CA ASN H 33 10.24 16.97 -11.78
C ASN H 33 9.91 17.24 -10.31
N ILE H 34 10.93 17.57 -9.51
CA ILE H 34 10.75 17.77 -8.08
C ILE H 34 11.49 19.04 -7.66
N GLY H 35 11.08 19.57 -6.51
CA GLY H 35 11.67 20.80 -6.00
C GLY H 35 10.69 21.95 -6.07
N GLY H 36 10.33 22.51 -4.92
CA GLY H 36 9.31 23.53 -4.86
C GLY H 36 7.93 23.04 -5.22
N ASP H 37 7.55 21.85 -4.73
CA ASP H 37 6.27 21.26 -5.07
C ASP H 37 5.10 21.87 -4.34
N GLU H 38 5.35 22.74 -3.35
CA GLU H 38 4.41 23.34 -2.39
C GLU H 38 3.72 22.30 -1.50
N ASP H 39 4.17 21.05 -1.53
CA ASP H 39 3.70 19.99 -0.66
C ASP H 39 4.82 18.96 -0.57
N ASP H 40 4.71 18.08 0.42
CA ASP H 40 5.78 17.13 0.79
C ASP H 40 7.08 17.88 1.06
N LYS H 41 7.04 18.65 2.16
CA LYS H 41 8.04 19.67 2.47
C LYS H 41 9.42 19.12 2.79
N ASN H 42 9.57 17.79 2.92
CA ASN H 42 10.88 17.20 3.19
C ASN H 42 11.85 17.36 2.03
N ILE H 43 11.36 17.63 0.81
CA ILE H 43 12.21 17.95 -0.33
C ILE H 43 12.01 19.43 -0.67
N GLY H 44 13.13 20.14 -0.82
CA GLY H 44 13.08 21.55 -1.13
C GLY H 44 14.26 21.95 -1.98
N SER H 45 14.04 22.95 -2.83
CA SER H 45 15.01 23.36 -3.83
C SER H 45 15.47 24.80 -3.62
N ASP H 46 15.77 25.15 -2.37
CA ASP H 46 16.22 26.50 -2.05
C ASP H 46 17.61 26.75 -2.61
N GLU H 47 17.74 27.80 -3.42
CA GLU H 47 18.97 28.24 -4.09
C GLU H 47 19.46 27.08 -4.97
N ASP H 48 20.71 26.65 -4.84
CA ASP H 48 21.29 25.59 -5.66
C ASP H 48 21.12 24.21 -5.04
N HIS H 49 20.43 24.09 -3.91
CA HIS H 49 20.48 22.90 -3.09
C HIS H 49 19.13 22.19 -3.08
N LEU H 50 19.12 20.92 -3.47
CA LEU H 50 18.05 20.00 -3.11
C LEU H 50 18.36 19.41 -1.74
N SER H 51 17.55 19.79 -0.76
CA SER H 51 17.64 19.28 0.60
C SER H 51 16.54 18.26 0.79
N LEU H 52 16.89 16.98 0.68
CA LEU H 52 15.95 15.89 0.88
C LEU H 52 16.07 15.41 2.32
N LYS H 53 15.01 15.65 3.10
CA LYS H 53 14.95 15.23 4.49
C LYS H 53 14.23 13.89 4.58
N GLU H 54 14.72 13.03 5.47
CA GLU H 54 14.25 11.64 5.63
C GLU H 54 14.34 10.89 4.31
N PHE H 55 15.57 10.77 3.82
CA PHE H 55 15.88 10.27 2.48
C PHE H 55 15.59 8.77 2.43
N SER H 56 14.42 8.40 1.91
CA SER H 56 14.10 7.00 1.76
C SER H 56 14.91 6.41 0.62
N GLU H 57 15.78 5.44 0.95
CA GLU H 57 16.73 4.91 -0.03
C GLU H 57 16.02 4.17 -1.17
N LEU H 58 14.91 3.48 -0.88
CA LEU H 58 14.22 2.73 -1.89
C LEU H 58 13.43 3.61 -2.87
N GLU H 59 13.04 4.81 -2.45
CA GLU H 59 12.14 5.63 -3.27
C GLU H 59 12.69 7.01 -3.64
N GLN H 60 13.70 7.52 -2.95
CA GLN H 60 14.26 8.83 -3.26
C GLN H 60 15.61 8.76 -3.96
N SER H 61 16.06 7.56 -4.30
CA SER H 61 17.34 7.39 -4.98
C SER H 61 17.10 7.21 -6.48
N GLY H 62 18.19 7.18 -7.25
CA GLY H 62 18.12 7.02 -8.69
C GLY H 62 18.76 8.19 -9.41
N TYR H 63 18.16 8.58 -10.53
CA TYR H 63 18.72 9.66 -11.33
C TYR H 63 18.32 11.01 -10.75
N TYR H 64 19.18 12.00 -10.96
CA TYR H 64 18.95 13.37 -10.52
C TYR H 64 19.68 14.28 -11.50
N VAL H 65 18.94 15.16 -12.18
CA VAL H 65 19.54 16.10 -13.12
C VAL H 65 19.01 17.50 -12.84
N CYS H 66 19.92 18.46 -12.73
CA CYS H 66 19.58 19.87 -12.64
C CYS H 66 19.45 20.45 -14.03
N TYR H 67 18.61 21.47 -14.17
CA TYR H 67 18.57 22.21 -15.42
C TYR H 67 18.27 23.67 -15.10
N PRO H 68 18.85 24.61 -15.86
CA PRO H 68 18.54 26.02 -15.62
C PRO H 68 17.13 26.36 -16.08
N ARG H 69 16.67 27.52 -15.64
CA ARG H 69 15.37 28.02 -16.07
C ARG H 69 15.43 28.37 -17.55
N GLY H 70 14.50 27.81 -18.32
CA GLY H 70 14.50 27.96 -19.76
C GLY H 70 15.21 26.85 -20.50
N SER H 71 15.65 25.81 -19.81
CA SER H 71 16.23 24.63 -20.44
C SER H 71 15.38 23.42 -20.09
N LYS H 72 15.13 22.58 -21.09
CA LYS H 72 14.20 21.48 -20.94
C LYS H 72 14.80 20.37 -20.09
N PRO H 73 13.96 19.54 -19.46
CA PRO H 73 14.48 18.33 -18.80
C PRO H 73 15.09 17.32 -19.77
N GLU H 74 14.77 17.39 -21.06
CA GLU H 74 15.14 16.37 -22.02
C GLU H 74 16.34 16.72 -22.88
N ASP H 75 16.87 17.95 -22.78
CA ASP H 75 18.07 18.31 -23.53
C ASP H 75 19.27 18.58 -22.62
N ALA H 76 19.17 18.26 -21.34
CA ALA H 76 20.30 18.31 -20.42
C ALA H 76 20.86 16.90 -20.28
N ASN H 77 22.12 16.73 -20.64
CA ASN H 77 22.75 15.41 -20.74
C ASN H 77 23.87 15.24 -19.73
N PHE H 78 23.63 15.65 -18.49
CA PHE H 78 24.60 15.50 -17.40
C PHE H 78 23.81 15.04 -16.17
N TYR H 79 23.70 13.72 -16.01
CA TYR H 79 22.87 13.11 -14.99
C TYR H 79 23.72 12.58 -13.84
N LEU H 80 23.13 12.58 -12.64
CA LEU H 80 23.78 12.07 -11.44
C LEU H 80 23.03 10.84 -10.94
N TYR H 81 23.77 9.79 -10.62
CA TYR H 81 23.20 8.62 -9.96
C TYR H 81 23.43 8.76 -8.46
N LEU H 82 22.35 8.77 -7.69
CA LEU H 82 22.39 8.91 -6.24
C LEU H 82 21.89 7.63 -5.60
N ARG H 83 22.67 7.11 -4.66
CA ARG H 83 22.28 5.95 -3.86
C ARG H 83 23.03 6.06 -2.53
N ALA H 84 22.29 6.23 -1.44
CA ALA H 84 22.92 6.53 -0.16
C ALA H 84 22.09 5.98 0.99
N ARG H 85 22.75 5.83 2.13
CA ARG H 85 22.09 5.41 3.36
C ARG H 85 21.66 6.63 4.18
N VAL H 86 20.72 6.40 5.09
CA VAL H 86 20.03 7.47 5.79
C VAL H 86 20.08 7.23 7.29
N CYS H 87 21.17 6.60 7.75
CA CYS H 87 21.33 6.28 9.17
C CYS H 87 21.36 7.54 10.02
N GLU H 88 20.52 7.56 11.05
CA GLU H 88 20.29 8.77 11.84
C GLU H 88 21.44 9.02 12.80
N ASN H 89 21.93 10.27 12.83
CA ASN H 89 23.09 10.70 13.63
C ASN H 89 24.32 9.85 13.32
N CYS H 90 24.50 9.52 12.04
CA CYS H 90 25.44 8.51 11.62
C CYS H 90 26.31 9.05 10.49
N MET H 91 27.63 8.91 10.63
CA MET H 91 28.60 9.40 9.67
C MET H 91 29.59 8.30 9.34
N GLU H 92 30.49 8.57 8.40
CA GLU H 92 31.37 7.56 7.82
C GLU H 92 32.82 7.96 8.04
N MET H 93 33.60 7.06 8.65
CA MET H 93 35.05 7.15 8.64
C MET H 93 35.63 5.74 8.76
N ASP H 94 36.87 5.60 8.31
CA ASP H 94 37.59 4.34 8.31
C ASP H 94 38.36 4.19 9.63
N VAL H 95 39.29 3.24 9.68
CA VAL H 95 40.15 3.06 10.85
C VAL H 95 41.09 4.25 11.04
N MET H 96 41.36 5.01 9.97
CA MET H 96 42.32 6.12 10.02
C MET H 96 41.86 7.23 10.94
N SER H 97 40.59 7.62 10.88
CA SER H 97 40.13 8.75 11.68
C SER H 97 39.95 8.39 13.15
N VAL H 98 39.48 7.17 13.45
CA VAL H 98 39.39 6.78 14.86
C VAL H 98 40.78 6.54 15.45
N ALA H 99 41.72 6.04 14.65
CA ALA H 99 43.10 5.98 15.08
C ALA H 99 43.68 7.37 15.29
N THR H 100 43.28 8.32 14.45
CA THR H 100 43.73 9.71 14.60
C THR H 100 43.19 10.33 15.89
N ILE H 101 41.91 10.11 16.21
CA ILE H 101 41.37 10.71 17.42
C ILE H 101 41.91 10.01 18.68
N VAL H 102 42.17 8.71 18.64
CA VAL H 102 42.75 8.07 19.82
C VAL H 102 44.23 8.47 19.97
N ILE H 103 44.94 8.70 18.84
CA ILE H 103 46.32 9.17 18.91
C ILE H 103 46.35 10.61 19.43
N VAL H 104 45.37 11.42 19.04
CA VAL H 104 45.22 12.78 19.56
C VAL H 104 44.99 12.75 21.06
N ASP H 105 44.13 11.83 21.54
CA ASP H 105 43.89 11.68 22.96
C ASP H 105 45.15 11.27 23.72
N ILE H 106 45.93 10.34 23.13
CA ILE H 106 47.21 9.93 23.71
C ILE H 106 48.16 11.12 23.80
N CYS H 107 48.22 11.92 22.74
CA CYS H 107 49.15 13.04 22.66
C CYS H 107 48.79 14.12 23.69
N ILE H 108 47.51 14.48 23.78
CA ILE H 108 47.13 15.54 24.71
C ILE H 108 47.22 15.05 26.14
N THR H 109 46.95 13.75 26.38
CA THR H 109 47.05 13.22 27.74
C THR H 109 48.50 13.17 28.19
N GLY H 110 49.42 12.69 27.34
CA GLY H 110 50.83 12.68 27.70
C GLY H 110 51.42 14.06 27.82
N GLY H 111 51.02 14.99 26.95
CA GLY H 111 51.50 16.36 27.05
C GLY H 111 51.01 17.05 28.31
N LEU H 112 49.74 16.83 28.66
CA LEU H 112 49.20 17.39 29.90
C LEU H 112 49.87 16.77 31.12
N LEU H 113 50.15 15.47 31.08
CA LEU H 113 50.82 14.80 32.19
C LEU H 113 52.21 15.35 32.41
N LEU H 114 53.00 15.45 31.32
CA LEU H 114 54.35 15.99 31.42
C LEU H 114 54.34 17.47 31.82
N LEU H 115 53.39 18.24 31.28
CA LEU H 115 53.30 19.66 31.58
C LEU H 115 52.92 19.89 33.05
N VAL H 116 51.98 19.10 33.57
CA VAL H 116 51.55 19.24 34.96
C VAL H 116 52.68 18.83 35.90
N TYR H 117 53.39 17.74 35.58
CA TYR H 117 54.51 17.32 36.41
C TYR H 117 55.64 18.36 36.40
N TYR H 118 55.92 18.94 35.23
CA TYR H 118 56.99 19.93 35.13
C TYR H 118 56.60 21.23 35.83
N TRP H 119 55.33 21.63 35.72
CA TRP H 119 54.85 22.83 36.39
C TRP H 119 54.86 22.66 37.91
N SER H 120 54.49 21.47 38.39
CA SER H 120 54.55 21.21 39.82
C SER H 120 55.99 21.06 40.31
N LYS H 121 56.90 20.67 39.42
CA LYS H 121 58.31 20.59 39.78
C LYS H 121 58.91 21.97 39.93
N ASN H 122 58.61 22.87 39.00
CA ASN H 122 59.08 24.25 39.13
C ASN H 122 58.18 25.03 40.08
N GLN I 1 -7.03 -11.62 23.01
CA GLN I 1 -6.92 -10.66 24.10
C GLN I 1 -5.71 -10.95 24.98
N THR I 2 -5.66 -12.17 25.51
CA THR I 2 -4.56 -12.57 26.38
C THR I 2 -3.32 -12.78 25.52
N PRO I 3 -2.20 -12.09 25.79
CA PRO I 3 -1.14 -11.99 24.81
C PRO I 3 -0.33 -13.28 24.63
N TYR I 4 0.29 -13.40 23.46
CA TYR I 4 1.11 -14.56 23.13
C TYR I 4 2.38 -14.56 23.97
N LYS I 5 2.76 -15.73 24.46
CA LYS I 5 3.97 -15.87 25.30
C LYS I 5 5.08 -16.45 24.44
N VAL I 6 6.03 -15.62 24.05
CA VAL I 6 7.17 -16.05 23.25
C VAL I 6 8.36 -16.24 24.17
N SER I 7 8.88 -17.46 24.23
CA SER I 7 10.04 -17.79 25.04
C SER I 7 11.14 -18.30 24.14
N ILE I 8 12.26 -17.58 24.08
CA ILE I 8 13.36 -17.92 23.20
C ILE I 8 14.55 -18.31 24.06
N SER I 9 15.02 -19.54 23.90
CA SER I 9 16.20 -20.05 24.59
C SER I 9 17.13 -20.65 23.55
N GLY I 10 18.33 -20.09 23.42
CA GLY I 10 19.27 -20.51 22.41
C GLY I 10 18.76 -20.26 21.01
N THR I 11 18.46 -21.34 20.29
CA THR I 11 17.85 -21.27 18.97
C THR I 11 16.43 -21.84 18.96
N THR I 12 15.85 -22.10 20.13
CA THR I 12 14.52 -22.68 20.24
C THR I 12 13.55 -21.60 20.69
N VAL I 13 12.52 -21.34 19.88
CA VAL I 13 11.49 -20.37 20.19
C VAL I 13 10.18 -21.12 20.40
N ILE I 14 9.55 -20.89 21.56
CA ILE I 14 8.29 -21.52 21.92
C ILE I 14 7.23 -20.43 21.97
N LEU I 15 6.20 -20.58 21.15
CA LEU I 15 5.08 -19.66 21.11
C LEU I 15 3.91 -20.28 21.85
N THR I 16 3.37 -19.57 22.85
CA THR I 16 2.26 -20.04 23.64
C THR I 16 1.06 -19.12 23.39
N CYS I 17 -0.12 -19.72 23.33
CA CYS I 17 -1.37 -19.04 22.98
C CYS I 17 -2.36 -19.27 24.13
N PRO I 18 -2.25 -18.48 25.21
CA PRO I 18 -3.11 -18.74 26.38
C PRO I 18 -4.59 -18.49 26.14
N GLN I 19 -4.97 -17.75 25.11
CA GLN I 19 -6.37 -17.70 24.72
C GLN I 19 -6.78 -19.02 24.08
N TYR I 20 -8.10 -19.28 24.08
CA TYR I 20 -8.73 -20.57 23.79
C TYR I 20 -8.13 -21.67 24.66
N PRO I 21 -8.40 -21.70 25.96
CA PRO I 21 -7.84 -22.77 26.80
C PRO I 21 -8.55 -24.10 26.58
N GLY I 22 -7.80 -25.17 26.77
CA GLY I 22 -8.36 -26.52 26.64
C GLY I 22 -8.50 -27.08 25.24
N SER I 23 -8.97 -26.26 24.31
CA SER I 23 -9.17 -26.71 22.93
C SER I 23 -7.83 -26.91 22.23
N GLU I 24 -7.84 -27.75 21.20
CA GLU I 24 -6.65 -28.02 20.42
C GLU I 24 -6.27 -26.78 19.61
N ILE I 25 -4.98 -26.42 19.66
CA ILE I 25 -4.49 -25.21 19.02
C ILE I 25 -3.74 -25.61 17.74
N LEU I 26 -4.15 -25.04 16.62
CA LEU I 26 -3.48 -25.21 15.34
C LEU I 26 -2.80 -23.91 14.96
N TRP I 27 -1.65 -24.02 14.30
CA TRP I 27 -0.79 -22.88 14.03
C TRP I 27 -0.62 -22.67 12.53
N GLN I 28 -0.67 -21.41 12.12
CA GLN I 28 -0.44 -21.05 10.73
C GLN I 28 0.65 -19.99 10.65
N HIS I 29 1.65 -20.24 9.80
CA HIS I 29 2.78 -19.35 9.59
C HIS I 29 2.85 -19.01 8.11
N ASN I 30 2.84 -17.71 7.80
CA ASN I 30 2.87 -17.16 6.44
C ASN I 30 1.76 -17.77 5.58
N ASP I 31 0.54 -17.76 6.16
CA ASP I 31 -0.68 -18.43 5.66
C ASP I 31 -0.44 -19.86 5.16
N LYS I 32 0.49 -20.57 5.79
CA LYS I 32 0.72 -21.99 5.54
C LYS I 32 0.69 -22.70 6.89
N ASN I 33 -0.09 -23.79 6.95
CA ASN I 33 -0.39 -24.41 8.23
C ASN I 33 0.74 -25.34 8.66
N ILE I 34 1.24 -25.14 9.89
CA ILE I 34 2.34 -25.95 10.41
C ILE I 34 2.02 -26.44 11.82
N GLY I 35 2.70 -27.51 12.22
CA GLY I 35 2.49 -28.09 13.54
C GLY I 35 1.96 -29.50 13.50
N GLY I 36 2.04 -30.14 12.34
CA GLY I 36 1.59 -31.50 12.16
C GLY I 36 2.69 -32.36 11.57
N ASP I 37 2.27 -33.40 10.85
CA ASP I 37 3.18 -34.32 10.20
C ASP I 37 3.77 -33.63 8.98
N GLU I 38 5.00 -33.13 9.12
CA GLU I 38 5.72 -32.49 8.03
C GLU I 38 7.12 -33.09 7.94
N ASP I 39 7.83 -32.72 6.87
CA ASP I 39 9.21 -33.15 6.72
C ASP I 39 10.12 -32.51 7.76
N ASP I 40 9.80 -31.29 8.19
CA ASP I 40 10.56 -30.61 9.23
C ASP I 40 10.02 -31.05 10.59
N LYS I 41 10.80 -31.85 11.31
CA LYS I 41 10.43 -32.29 12.65
C LYS I 41 10.70 -31.23 13.71
N ASN I 42 11.35 -30.12 13.33
CA ASN I 42 11.63 -29.04 14.28
C ASN I 42 10.35 -28.32 14.69
N ILE I 43 9.45 -28.08 13.74
CA ILE I 43 8.22 -27.35 14.02
C ILE I 43 7.22 -28.27 14.70
N GLY I 44 7.24 -28.30 16.03
CA GLY I 44 6.39 -29.21 16.78
C GLY I 44 5.29 -28.49 17.52
N SER I 45 4.23 -29.22 17.88
CA SER I 45 3.09 -28.63 18.56
C SER I 45 2.83 -29.38 19.85
N ASP I 46 2.33 -28.65 20.85
CA ASP I 46 1.99 -29.20 22.15
C ASP I 46 0.55 -28.84 22.47
N GLU I 47 0.14 -29.01 23.73
CA GLU I 47 -1.20 -28.64 24.15
C GLU I 47 -1.45 -27.15 23.96
N ASP I 48 -0.42 -26.33 24.16
CA ASP I 48 -0.52 -24.90 23.87
C ASP I 48 0.68 -24.45 23.04
N HIS I 49 1.82 -25.10 23.24
CA HIS I 49 3.08 -24.59 22.70
C HIS I 49 3.26 -24.96 21.24
N LEU I 50 3.94 -24.07 20.52
CA LEU I 50 4.50 -24.33 19.20
C LEU I 50 6.00 -24.11 19.30
N SER I 51 6.77 -25.17 19.15
CA SER I 51 8.22 -25.13 19.34
C SER I 51 8.91 -25.14 17.99
N LEU I 52 9.89 -24.24 17.84
CA LEU I 52 10.69 -24.13 16.63
C LEU I 52 12.15 -24.17 17.05
N LYS I 53 12.81 -25.29 16.82
CA LYS I 53 14.23 -25.40 17.06
C LYS I 53 14.98 -25.34 15.73
N GLU I 54 16.29 -25.07 15.81
CA GLU I 54 17.09 -24.53 14.71
C GLU I 54 16.34 -23.44 13.94
N PHE I 55 15.89 -22.42 14.68
CA PHE I 55 15.16 -21.31 14.07
C PHE I 55 16.08 -20.51 13.15
N SER I 56 15.56 -20.19 11.97
CA SER I 56 16.32 -19.46 10.98
C SER I 56 15.60 -18.14 10.67
N GLU I 57 16.39 -17.12 10.36
CA GLU I 57 15.85 -15.76 10.30
C GLU I 57 15.06 -15.49 9.02
N LEU I 58 15.51 -16.00 7.88
CA LEU I 58 15.00 -15.52 6.59
C LEU I 58 13.79 -16.28 6.07
N GLU I 59 13.39 -17.38 6.70
CA GLU I 59 12.20 -18.09 6.23
C GLU I 59 11.20 -18.34 7.34
N GLN I 60 11.67 -18.54 8.57
CA GLN I 60 10.78 -18.86 9.68
C GLN I 60 10.31 -17.63 10.44
N SER I 61 10.71 -16.44 10.02
CA SER I 61 10.19 -15.21 10.63
C SER I 61 9.02 -14.69 9.81
N GLY I 62 7.88 -14.48 10.48
CA GLY I 62 6.71 -14.00 9.77
C GLY I 62 5.45 -13.89 10.59
N TYR I 63 4.34 -14.36 10.03
CA TYR I 63 3.00 -14.13 10.57
C TYR I 63 2.49 -15.43 11.18
N TYR I 64 2.61 -15.55 12.50
CA TYR I 64 2.14 -16.71 13.22
C TYR I 64 0.77 -16.41 13.83
N VAL I 65 -0.19 -17.29 13.59
CA VAL I 65 -1.53 -17.17 14.15
C VAL I 65 -1.94 -18.52 14.74
N CYS I 66 -2.37 -18.49 16.00
CA CYS I 66 -2.94 -19.64 16.68
C CYS I 66 -4.46 -19.58 16.56
N TYR I 67 -5.08 -20.71 16.25
CA TYR I 67 -6.52 -20.77 16.13
C TYR I 67 -6.99 -22.11 16.69
N PRO I 68 -8.15 -22.15 17.35
CA PRO I 68 -8.65 -23.42 17.88
C PRO I 68 -9.13 -24.32 16.76
N ARG I 69 -9.30 -25.59 17.11
CA ARG I 69 -9.76 -26.60 16.16
C ARG I 69 -11.20 -26.29 15.72
N GLY I 70 -11.44 -26.37 14.42
CA GLY I 70 -12.73 -26.03 13.83
C GLY I 70 -12.80 -24.59 13.38
N SER I 71 -12.30 -23.66 14.18
CA SER I 71 -12.25 -22.27 13.80
C SER I 71 -11.22 -22.04 12.70
N LYS I 72 -11.51 -21.08 11.83
CA LYS I 72 -10.65 -20.76 10.71
C LYS I 72 -9.41 -20.01 11.16
N PRO I 73 -8.33 -20.04 10.38
CA PRO I 73 -7.20 -19.14 10.65
C PRO I 73 -7.57 -17.66 10.59
N GLU I 74 -8.50 -17.31 9.70
CA GLU I 74 -9.01 -15.95 9.64
C GLU I 74 -9.99 -15.65 10.78
N ASP I 75 -10.54 -16.68 11.42
CA ASP I 75 -11.50 -16.49 12.48
C ASP I 75 -10.85 -16.24 13.84
N ALA I 76 -9.52 -16.23 13.91
CA ALA I 76 -8.84 -15.91 15.15
C ALA I 76 -8.99 -14.44 15.51
N ASN I 77 -9.02 -14.16 16.81
CA ASN I 77 -9.12 -12.80 17.33
C ASN I 77 -7.76 -12.15 17.51
N PHE I 78 -6.73 -12.64 16.82
CA PHE I 78 -5.37 -12.29 17.14
C PHE I 78 -4.48 -12.53 15.93
N TYR I 79 -3.25 -12.03 16.01
CA TYR I 79 -2.19 -12.36 15.09
C TYR I 79 -0.86 -12.07 15.78
N LEU I 80 0.23 -12.54 15.18
CA LEU I 80 1.55 -12.25 15.70
C LEU I 80 2.54 -12.10 14.55
N TYR I 81 3.35 -11.06 14.63
CA TYR I 81 4.52 -10.92 13.75
C TYR I 81 5.77 -11.20 14.57
N LEU I 82 6.64 -12.06 14.04
CA LEU I 82 7.86 -12.45 14.74
C LEU I 82 9.02 -12.39 13.78
N ARG I 83 10.06 -11.63 14.15
CA ARG I 83 11.34 -11.64 13.45
C ARG I 83 12.43 -11.68 14.50
N ALA I 84 13.13 -12.81 14.59
CA ALA I 84 14.03 -13.08 15.71
C ALA I 84 15.43 -13.41 15.20
N ARG I 85 16.42 -12.85 15.88
CA ARG I 85 17.81 -13.24 15.69
C ARG I 85 18.21 -14.15 16.84
N VAL I 86 18.53 -15.41 16.52
CA VAL I 86 18.84 -16.40 17.54
C VAL I 86 20.25 -16.93 17.31
N CYS I 87 20.88 -17.38 18.39
CA CYS I 87 22.22 -17.93 18.34
C CYS I 87 22.38 -18.86 19.53
N GLU I 88 23.45 -19.66 19.49
CA GLU I 88 23.69 -20.62 20.56
C GLU I 88 24.11 -19.92 21.84
N ASN I 89 23.44 -20.25 22.94
CA ASN I 89 23.75 -19.79 24.30
C ASN I 89 23.69 -18.27 24.43
N CYS I 90 22.79 -17.63 23.70
CA CYS I 90 22.65 -16.17 23.73
C CYS I 90 21.50 -15.79 24.66
N MET I 91 21.76 -14.89 25.60
CA MET I 91 20.70 -14.28 26.39
C MET I 91 20.73 -12.77 26.20
N GLU I 92 19.54 -12.17 26.10
CA GLU I 92 19.43 -10.72 26.17
C GLU I 92 19.80 -10.24 27.57
N MET I 93 20.61 -9.18 27.64
CA MET I 93 20.99 -8.58 28.91
C MET I 93 20.04 -7.43 29.19
N ASP I 94 18.96 -7.72 29.91
CA ASP I 94 17.97 -6.71 30.24
C ASP I 94 18.47 -5.81 31.37
N VAL I 95 17.68 -4.76 31.64
CA VAL I 95 18.09 -3.76 32.63
C VAL I 95 18.11 -4.35 34.04
N MET I 96 17.15 -5.22 34.36
CA MET I 96 17.13 -5.88 35.66
C MET I 96 18.30 -6.85 35.81
N SER I 97 18.62 -7.57 34.73
CA SER I 97 19.74 -8.52 34.78
C SER I 97 21.07 -7.81 34.99
N VAL I 98 21.30 -6.71 34.26
CA VAL I 98 22.58 -6.01 34.37
C VAL I 98 22.65 -5.27 35.71
N ALA I 99 21.52 -4.79 36.22
CA ALA I 99 21.51 -4.15 37.54
C ALA I 99 21.83 -5.17 38.63
N THR I 100 21.28 -6.38 38.52
CA THR I 100 21.56 -7.40 39.52
C THR I 100 23.01 -7.85 39.48
N ILE I 101 23.59 -8.04 38.28
CA ILE I 101 24.97 -8.52 38.26
C ILE I 101 25.92 -7.41 38.68
N VAL I 102 25.63 -6.15 38.35
CA VAL I 102 26.52 -5.08 38.79
C VAL I 102 26.38 -4.82 40.28
N ILE I 103 25.19 -5.02 40.87
CA ILE I 103 25.08 -4.80 42.31
C ILE I 103 25.68 -5.98 43.08
N VAL I 104 25.61 -7.20 42.54
CA VAL I 104 26.25 -8.31 43.24
C VAL I 104 27.76 -8.26 43.05
N ASP I 105 28.24 -7.66 41.95
CA ASP I 105 29.67 -7.48 41.77
C ASP I 105 30.21 -6.39 42.68
N ILE I 106 29.43 -5.30 42.87
CA ILE I 106 29.83 -4.26 43.82
C ILE I 106 29.84 -4.82 45.24
N CYS I 107 28.82 -5.62 45.60
CA CYS I 107 28.77 -6.21 46.94
C CYS I 107 29.92 -7.20 47.17
N ILE I 108 30.21 -8.07 46.19
CA ILE I 108 31.29 -9.04 46.37
C ILE I 108 32.65 -8.35 46.34
N THR I 109 32.78 -7.24 45.59
CA THR I 109 34.04 -6.50 45.59
C THR I 109 34.27 -5.81 46.92
N GLY I 110 33.22 -5.20 47.50
CA GLY I 110 33.35 -4.59 48.80
C GLY I 110 33.67 -5.60 49.89
N GLY I 111 32.97 -6.73 49.88
CA GLY I 111 33.23 -7.78 50.87
C GLY I 111 34.61 -8.39 50.75
N LEU I 112 35.03 -8.70 49.52
CA LEU I 112 36.34 -9.32 49.33
C LEU I 112 37.48 -8.34 49.58
N LEU I 113 37.30 -7.06 49.24
CA LEU I 113 38.31 -6.06 49.58
C LEU I 113 38.40 -5.84 51.07
N LEU I 114 37.27 -5.89 51.79
CA LEU I 114 37.30 -5.82 53.25
C LEU I 114 38.03 -7.02 53.84
N LEU I 115 37.79 -8.22 53.29
CA LEU I 115 38.46 -9.42 53.78
C LEU I 115 39.96 -9.39 53.51
N VAL I 116 40.39 -8.97 52.32
CA VAL I 116 41.82 -8.96 52.03
C VAL I 116 42.50 -7.74 52.67
N TYR I 117 41.73 -6.73 53.07
CA TYR I 117 42.29 -5.67 53.90
C TYR I 117 42.50 -6.15 55.32
N TYR I 118 41.53 -6.88 55.86
CA TYR I 118 41.62 -7.32 57.25
C TYR I 118 42.58 -8.48 57.42
N TRP I 119 42.84 -9.26 56.37
CA TRP I 119 43.89 -10.27 56.41
C TRP I 119 45.26 -9.62 56.60
N SER I 120 45.51 -8.54 55.86
CA SER I 120 46.73 -7.76 56.06
C SER I 120 46.73 -7.01 57.38
N LYS I 121 45.54 -6.63 57.87
CA LYS I 121 45.44 -5.96 59.16
C LYS I 121 45.81 -6.91 60.30
N ASN I 122 45.39 -8.17 60.21
CA ASN I 122 45.87 -9.17 61.17
C ASN I 122 47.32 -9.56 60.91
N ARG I 123 47.82 -9.35 59.70
CA ARG I 123 49.25 -9.51 59.43
C ARG I 123 50.03 -8.21 59.60
N LYS I 124 49.52 -7.28 60.40
CA LYS I 124 50.21 -6.01 60.63
C LYS I 124 50.83 -5.97 62.02
N SER J 1 -4.33 -11.56 6.17
CA SER J 1 -5.05 -11.14 4.98
C SER J 1 -6.09 -10.08 5.32
N ILE J 2 -6.82 -9.63 4.30
CA ILE J 2 -7.85 -8.62 4.50
C ILE J 2 -9.05 -9.22 5.26
N LYS J 3 -9.32 -10.51 5.07
CA LYS J 3 -10.40 -11.16 5.79
C LYS J 3 -10.01 -11.40 7.24
N GLY J 4 -11.02 -11.43 8.12
CA GLY J 4 -10.79 -11.60 9.53
C GLY J 4 -10.27 -10.36 10.24
N ASN J 5 -10.45 -9.18 9.64
CA ASN J 5 -10.11 -7.87 10.20
C ASN J 5 -8.61 -7.72 10.50
N HIS J 6 -7.76 -8.50 9.83
CA HIS J 6 -6.32 -8.44 10.06
C HIS J 6 -5.68 -7.41 9.11
N LEU J 7 -6.05 -6.14 9.32
CA LEU J 7 -5.63 -5.08 8.41
C LEU J 7 -4.24 -4.54 8.74
N VAL J 8 -3.75 -4.73 9.95
CA VAL J 8 -2.42 -4.28 10.32
C VAL J 8 -1.39 -5.27 9.78
N LYS J 9 -0.46 -4.77 8.99
CA LYS J 9 0.59 -5.59 8.40
C LYS J 9 1.94 -4.94 8.62
N VAL J 10 2.99 -5.77 8.62
CA VAL J 10 4.36 -5.33 8.83
C VAL J 10 5.17 -5.69 7.60
N TYR J 11 5.82 -4.69 7.01
CA TYR J 11 6.61 -4.88 5.80
C TYR J 11 7.88 -5.67 6.07
N ASP J 16 16.19 -1.37 5.69
CA ASP J 16 16.74 -0.53 6.74
C ASP J 16 16.37 -1.07 8.11
N GLY J 17 16.92 -0.44 9.16
CA GLY J 17 16.63 -0.87 10.51
C GLY J 17 15.19 -0.63 10.92
N SER J 18 14.62 0.50 10.51
CA SER J 18 13.22 0.78 10.79
C SER J 18 12.32 -0.09 9.93
N VAL J 19 11.10 -0.30 10.42
CA VAL J 19 10.12 -1.15 9.75
C VAL J 19 8.80 -0.40 9.68
N LEU J 20 7.95 -0.79 8.74
CA LEU J 20 6.72 -0.07 8.43
C LEU J 20 5.53 -0.84 9.00
N LEU J 21 4.73 -0.18 9.82
CA LEU J 21 3.48 -0.75 10.34
C LEU J 21 2.37 -0.31 9.41
N THR J 22 2.13 -1.10 8.37
CA THR J 22 1.15 -0.76 7.34
C THR J 22 -0.23 -1.24 7.74
N CYS J 23 -1.23 -0.40 7.45
CA CYS J 23 -2.63 -0.72 7.73
C CYS J 23 -3.44 -0.61 6.45
N ASP J 24 -4.37 -1.55 6.27
CA ASP J 24 -5.20 -1.63 5.07
C ASP J 24 -6.58 -1.09 5.44
N ALA J 25 -6.79 0.19 5.21
CA ALA J 25 -8.06 0.84 5.50
C ALA J 25 -8.24 1.97 4.49
N GLU J 26 -9.18 2.89 4.78
CA GLU J 26 -9.36 4.06 3.94
C GLU J 26 -8.15 4.98 4.06
N ALA J 27 -7.73 5.53 2.93
CA ALA J 27 -6.52 6.36 2.87
C ALA J 27 -6.83 7.83 3.14
N LYS J 28 -7.51 8.10 4.25
CA LYS J 28 -7.76 9.47 4.70
C LYS J 28 -7.17 9.73 6.07
N ASN J 29 -7.49 8.91 7.06
CA ASN J 29 -6.96 9.07 8.41
C ASN J 29 -7.00 7.71 9.11
N ILE J 30 -5.93 7.40 9.84
CA ILE J 30 -5.80 6.14 10.55
C ILE J 30 -5.57 6.45 12.02
N THR J 31 -6.49 5.99 12.87
CA THR J 31 -6.31 6.07 14.32
C THR J 31 -5.67 4.76 14.77
N TRP J 32 -4.42 4.82 15.21
CA TRP J 32 -3.65 3.64 15.55
C TRP J 32 -3.41 3.59 17.06
N PHE J 33 -3.77 2.46 17.65
CA PHE J 33 -3.75 2.26 19.09
C PHE J 33 -2.65 1.25 19.43
N LYS J 34 -2.02 1.46 20.59
CA LYS J 34 -1.10 0.48 21.16
C LYS J 34 -1.56 0.14 22.56
N ASP J 35 -1.76 -1.17 22.80
CA ASP J 35 -2.26 -1.71 24.07
C ASP J 35 -3.62 -1.10 24.45
N GLY J 36 -4.46 -0.86 23.45
CA GLY J 36 -5.81 -0.37 23.67
C GLY J 36 -5.91 1.07 24.11
N LYS J 37 -4.89 1.89 23.85
CA LYS J 37 -4.88 3.29 24.27
C LYS J 37 -4.41 4.14 23.09
N MET J 38 -4.95 5.37 23.02
CA MET J 38 -4.69 6.26 21.89
C MET J 38 -3.22 6.67 21.83
N ILE J 39 -2.54 6.32 20.75
CA ILE J 39 -1.14 6.74 20.57
C ILE J 39 -1.00 7.59 19.32
N GLY J 40 -1.50 7.12 18.18
CA GLY J 40 -1.24 7.80 16.92
C GLY J 40 -2.51 8.11 16.17
N PHE J 41 -2.50 9.25 15.46
CA PHE J 41 -3.57 9.66 14.56
C PHE J 41 -2.89 10.16 13.29
N LEU J 42 -2.67 9.27 12.33
CA LEU J 42 -1.88 9.59 11.15
C LEU J 42 -2.79 10.00 10.00
N THR J 43 -2.48 11.14 9.38
CA THR J 43 -3.32 11.73 8.35
C THR J 43 -2.76 11.43 6.96
N GLU J 44 -3.35 12.05 5.94
CA GLU J 44 -2.91 11.87 4.57
C GLU J 44 -1.54 12.52 4.35
N ASP J 45 -0.68 11.86 3.58
CA ASP J 45 -0.95 10.57 2.93
C ASP J 45 -0.13 9.45 3.54
N LYS J 46 0.45 9.70 4.71
CA LYS J 46 1.23 8.69 5.40
C LYS J 46 0.32 7.61 5.97
N LYS J 47 0.72 6.35 5.80
CA LYS J 47 -0.05 5.22 6.30
C LYS J 47 0.80 4.17 7.00
N LYS J 48 2.13 4.30 6.98
CA LYS J 48 3.03 3.30 7.56
C LYS J 48 3.68 3.91 8.80
N TRP J 49 3.29 3.42 9.97
CA TRP J 49 3.94 3.82 11.22
C TRP J 49 5.33 3.20 11.27
N ASN J 50 6.32 4.03 11.60
CA ASN J 50 7.68 3.58 11.86
C ASN J 50 7.86 3.49 13.37
N LEU J 51 7.89 2.27 13.89
CA LEU J 51 8.01 2.02 15.33
C LEU J 51 9.40 2.31 15.86
N GLY J 52 10.37 2.55 14.99
CA GLY J 52 11.77 2.61 15.35
C GLY J 52 12.54 1.51 14.64
N SER J 53 13.83 1.46 14.93
CA SER J 53 14.68 0.44 14.35
C SER J 53 14.36 -0.93 14.93
N ASN J 54 14.67 -1.97 14.16
CA ASN J 54 14.49 -3.34 14.66
C ASN J 54 15.52 -3.69 15.73
N ALA J 55 16.60 -2.92 15.82
CA ALA J 55 17.52 -3.04 16.95
C ALA J 55 16.86 -2.62 18.25
N LYS J 56 15.91 -1.68 18.20
CA LYS J 56 15.14 -1.26 19.36
C LYS J 56 14.10 -2.30 19.78
N ASP J 57 13.83 -3.30 18.92
CA ASP J 57 12.92 -4.46 19.03
C ASP J 57 11.62 -4.13 19.74
N PRO J 58 10.70 -3.41 19.08
CA PRO J 58 9.41 -3.09 19.72
C PRO J 58 8.54 -4.32 19.90
N ARG J 59 7.76 -4.32 20.98
CA ARG J 59 6.91 -5.43 21.37
C ARG J 59 5.53 -4.93 21.73
N GLY J 60 4.51 -5.72 21.43
CA GLY J 60 3.21 -5.50 22.05
C GLY J 60 2.09 -5.36 21.04
N MET J 61 0.96 -4.85 21.53
CA MET J 61 -0.24 -4.68 20.76
C MET J 61 -0.16 -3.47 19.84
N TYR J 62 -0.58 -3.64 18.59
CA TYR J 62 -0.70 -2.53 17.66
C TYR J 62 -1.91 -2.78 16.76
N GLN J 63 -2.78 -1.78 16.65
CA GLN J 63 -4.00 -1.92 15.86
C GLN J 63 -4.29 -0.60 15.15
N CYS J 64 -5.04 -0.69 14.06
CA CYS J 64 -5.42 0.46 13.26
C CYS J 64 -6.92 0.51 13.08
N LYS J 65 -7.45 1.73 12.91
CA LYS J 65 -8.87 1.94 12.68
C LYS J 65 -9.06 3.06 11.66
N GLY J 66 -9.92 2.82 10.68
CA GLY J 66 -10.22 3.82 9.67
C GLY J 66 -11.64 4.34 9.77
N SER J 67 -12.31 4.45 8.61
CA SER J 67 -13.70 4.89 8.60
C SER J 67 -14.63 3.83 9.17
N GLN J 68 -14.31 2.56 8.94
CA GLN J 68 -15.10 1.45 9.47
C GLN J 68 -14.68 1.15 10.90
N ASN J 69 -15.10 0.00 11.42
CA ASN J 69 -14.73 -0.42 12.76
C ASN J 69 -13.24 -0.76 12.82
N LYS J 70 -12.73 -0.85 14.06
CA LYS J 70 -11.32 -1.09 14.28
C LYS J 70 -10.91 -2.49 13.85
N SER J 71 -9.69 -2.59 13.32
CA SER J 71 -9.17 -3.87 12.85
C SER J 71 -8.81 -4.76 14.04
N LYS J 72 -8.55 -6.03 13.72
CA LYS J 72 -8.08 -6.96 14.74
C LYS J 72 -6.67 -6.59 15.16
N PRO J 73 -6.37 -6.53 16.46
CA PRO J 73 -5.06 -6.08 16.90
C PRO J 73 -3.99 -7.13 16.64
N LEU J 74 -2.83 -6.67 16.16
CA LEU J 74 -1.71 -7.54 15.84
C LEU J 74 -0.61 -7.34 16.87
N GLN J 75 -0.03 -8.45 17.32
CA GLN J 75 1.17 -8.39 18.14
C GLN J 75 2.40 -8.21 17.26
N VAL J 76 3.29 -7.35 17.69
CA VAL J 76 4.64 -7.30 17.15
C VAL J 76 5.58 -7.86 18.22
N TYR J 77 6.56 -8.65 17.78
CA TYR J 77 7.53 -9.25 18.70
C TYR J 77 8.82 -9.42 17.90
N TYR J 78 9.72 -8.45 18.02
CA TYR J 78 11.02 -8.50 17.37
C TYR J 78 12.05 -8.98 18.37
N ARG J 79 12.93 -9.89 17.93
CA ARG J 79 14.04 -10.35 18.74
C ARG J 79 15.34 -10.25 17.95
N MET J 80 15.52 -9.11 17.28
CA MET J 80 16.85 -8.71 16.84
C MET J 80 17.58 -8.19 18.08
N CYS J 81 18.59 -8.95 18.53
CA CYS J 81 19.07 -8.81 19.90
C CYS J 81 19.77 -7.49 20.17
N GLN J 82 20.95 -7.29 19.57
CA GLN J 82 21.82 -6.11 19.69
C GLN J 82 22.28 -5.82 21.13
N ASN J 83 21.92 -6.69 22.07
CA ASN J 83 22.39 -6.65 23.44
C ASN J 83 22.67 -8.06 23.93
N CYS J 84 22.51 -9.06 23.06
CA CYS J 84 22.64 -10.46 23.41
C CYS J 84 24.11 -10.82 23.53
N ILE J 85 24.50 -11.37 24.67
CA ILE J 85 25.83 -11.93 24.87
C ILE J 85 25.72 -13.44 24.82
N GLU J 86 26.76 -14.09 24.30
CA GLU J 86 26.73 -15.53 24.10
C GLU J 86 27.51 -16.24 25.20
N LEU J 87 27.00 -17.38 25.65
CA LEU J 87 27.66 -18.18 26.66
C LEU J 87 28.41 -19.36 26.03
N ASN J 88 29.40 -19.03 25.21
CA ASN J 88 30.29 -20.08 24.76
C ASN J 88 31.36 -20.35 25.83
N ALA J 89 32.21 -21.34 25.55
CA ALA J 89 33.23 -21.72 26.53
C ALA J 89 34.29 -20.63 26.68
N ALA J 90 34.77 -20.09 25.56
CA ALA J 90 35.81 -19.07 25.60
C ALA J 90 35.30 -17.76 26.18
N THR J 91 34.03 -17.42 25.95
CA THR J 91 33.48 -16.16 26.46
C THR J 91 33.34 -16.18 27.97
N ILE J 92 32.75 -17.25 28.52
CA ILE J 92 32.63 -17.35 29.97
C ILE J 92 33.99 -17.63 30.62
N SER J 93 34.92 -18.26 29.88
CA SER J 93 36.27 -18.41 30.39
C SER J 93 36.99 -17.07 30.49
N GLY J 94 36.83 -16.21 29.48
CA GLY J 94 37.38 -14.88 29.56
C GLY J 94 36.73 -14.01 30.62
N PHE J 95 35.41 -14.18 30.82
CA PHE J 95 34.74 -13.45 31.89
C PHE J 95 35.25 -13.86 33.27
N LEU J 96 35.41 -15.16 33.50
CA LEU J 96 35.98 -15.62 34.76
C LEU J 96 37.44 -15.23 34.92
N PHE J 97 38.18 -15.21 33.80
CA PHE J 97 39.57 -14.77 33.80
C PHE J 97 39.66 -13.31 34.23
N ALA J 98 38.84 -12.45 33.62
CA ALA J 98 38.85 -11.04 33.95
C ALA J 98 38.40 -10.80 35.39
N GLU J 99 37.36 -11.52 35.84
CA GLU J 99 36.84 -11.34 37.19
C GLU J 99 37.87 -11.76 38.24
N ILE J 100 38.43 -12.97 38.08
CA ILE J 100 39.39 -13.49 39.05
C ILE J 100 40.67 -12.67 39.05
N VAL J 101 41.16 -12.29 37.86
CA VAL J 101 42.41 -11.54 37.77
C VAL J 101 42.25 -10.12 38.32
N SER J 102 41.12 -9.46 38.02
CA SER J 102 40.87 -8.13 38.54
C SER J 102 40.70 -8.14 40.05
N ILE J 103 39.98 -9.14 40.59
CA ILE J 103 39.83 -9.28 42.02
C ILE J 103 41.18 -9.55 42.68
N PHE J 104 42.03 -10.36 42.02
CA PHE J 104 43.35 -10.65 42.55
C PHE J 104 44.25 -9.41 42.57
N VAL J 105 44.19 -8.59 41.51
CA VAL J 105 45.04 -7.40 41.45
C VAL J 105 44.57 -6.36 42.47
N LEU J 106 43.26 -6.16 42.60
CA LEU J 106 42.76 -5.27 43.65
C LEU J 106 43.06 -5.81 45.04
N ALA J 107 43.03 -7.13 45.23
CA ALA J 107 43.39 -7.71 46.52
C ALA J 107 44.86 -7.52 46.84
N VAL J 108 45.73 -7.65 45.83
CA VAL J 108 47.16 -7.42 46.02
C VAL J 108 47.43 -5.96 46.39
N GLY J 109 46.77 -5.04 45.67
CA GLY J 109 46.93 -3.63 45.98
C GLY J 109 46.39 -3.24 47.34
N VAL J 110 45.26 -3.84 47.74
CA VAL J 110 44.69 -3.58 49.06
C VAL J 110 45.56 -4.19 50.16
N TYR J 111 46.15 -5.36 49.90
CA TYR J 111 47.15 -5.94 50.79
C TYR J 111 48.35 -5.03 50.96
N PHE J 112 48.74 -4.34 49.89
CA PHE J 112 49.90 -3.45 49.96
C PHE J 112 49.62 -2.11 50.63
N ILE J 113 48.44 -1.91 51.21
CA ILE J 113 48.18 -0.74 52.05
C ILE J 113 48.01 -1.25 53.48
N ALA J 114 48.71 -2.33 53.81
CA ALA J 114 48.77 -2.79 55.19
C ALA J 114 49.45 -1.75 56.08
N GLY J 115 50.54 -1.17 55.59
CA GLY J 115 51.26 -0.15 56.35
C GLY J 115 52.13 -0.73 57.45
N HIS K 1 22.92 -4.80 10.32
CA HIS K 1 23.10 -3.46 10.88
C HIS K 1 24.55 -3.27 11.34
N THR K 2 25.45 -3.05 10.38
CA THR K 2 26.87 -2.86 10.70
C THR K 2 27.15 -1.54 11.39
N GLU K 3 26.23 -0.57 11.31
CA GLU K 3 26.45 0.72 11.97
C GLU K 3 26.43 0.59 13.48
N LYS K 4 25.46 -0.18 14.03
CA LYS K 4 25.44 -0.42 15.46
C LYS K 4 26.62 -1.26 15.92
N VAL K 5 27.07 -2.20 15.08
CA VAL K 5 28.22 -3.05 15.40
C VAL K 5 29.48 -2.21 15.49
N ASN K 6 29.67 -1.31 14.52
CA ASN K 6 30.86 -0.46 14.53
C ASN K 6 30.81 0.60 15.62
N MET K 7 29.60 1.08 15.96
CA MET K 7 29.45 1.97 17.11
C MET K 7 29.80 1.24 18.41
N MET K 8 29.40 -0.03 18.51
CA MET K 8 29.75 -0.85 19.68
C MET K 8 31.26 -1.05 19.76
N SER K 9 31.91 -1.25 18.61
CA SER K 9 33.37 -1.36 18.58
C SER K 9 34.04 -0.06 19.03
N LEU K 10 33.51 1.08 18.59
CA LEU K 10 34.07 2.37 18.97
C LEU K 10 33.90 2.65 20.46
N THR K 11 32.73 2.33 21.02
CA THR K 11 32.58 2.55 22.46
C THR K 11 33.30 1.49 23.29
N VAL K 12 33.59 0.33 22.72
CA VAL K 12 34.49 -0.62 23.36
C VAL K 12 35.90 -0.04 23.42
N LEU K 13 36.35 0.60 22.34
CA LEU K 13 37.63 1.31 22.37
C LEU K 13 37.62 2.45 23.40
N GLY K 14 36.51 3.18 23.48
CA GLY K 14 36.42 4.26 24.45
C GLY K 14 36.44 3.78 25.89
N LEU K 15 35.72 2.69 26.17
CA LEU K 15 35.73 2.10 27.50
C LEU K 15 37.09 1.49 27.83
N ARG K 16 37.80 0.98 26.81
CA ARG K 16 39.14 0.44 27.04
C ARG K 16 40.15 1.54 27.34
N MET K 17 40.04 2.68 26.65
CA MET K 17 40.83 3.86 27.01
C MET K 17 40.52 4.37 28.40
N LEU K 18 39.24 4.38 28.77
CA LEU K 18 38.84 4.78 30.12
C LEU K 18 39.42 3.82 31.16
N PHE K 19 39.41 2.51 30.86
CA PHE K 19 40.00 1.52 31.74
C PHE K 19 41.50 1.71 31.89
N ALA K 20 42.18 2.01 30.78
CA ALA K 20 43.63 2.26 30.84
C ALA K 20 43.95 3.48 31.68
N LYS K 21 43.17 4.55 31.52
CA LYS K 21 43.40 5.77 32.29
C LYS K 21 43.12 5.55 33.77
N THR K 22 42.05 4.83 34.12
CA THR K 22 41.76 4.64 35.53
C THR K 22 42.71 3.62 36.17
N VAL K 23 43.21 2.65 35.39
CA VAL K 23 44.21 1.73 35.90
C VAL K 23 45.52 2.46 36.18
N ALA K 24 45.92 3.35 35.27
CA ALA K 24 47.15 4.12 35.47
C ALA K 24 47.03 5.07 36.67
N VAL K 25 45.90 5.77 36.79
CA VAL K 25 45.76 6.70 37.90
C VAL K 25 45.59 5.96 39.23
N ASN K 26 45.03 4.76 39.22
CA ASN K 26 44.85 4.04 40.47
C ASN K 26 46.15 3.37 40.90
N PHE K 27 46.97 2.94 39.95
CA PHE K 27 48.33 2.50 40.27
C PHE K 27 49.16 3.64 40.84
N LEU K 28 49.06 4.83 40.24
CA LEU K 28 49.78 5.98 40.76
C LEU K 28 49.31 6.35 42.16
N LEU K 29 47.99 6.26 42.39
CA LEU K 29 47.43 6.57 43.71
C LEU K 29 47.87 5.56 44.76
N THR K 30 47.93 4.26 44.42
CA THR K 30 48.38 3.29 45.43
C THR K 30 49.89 3.38 45.66
N ALA K 31 50.65 3.78 44.64
CA ALA K 31 52.07 4.05 44.84
C ALA K 31 52.28 5.24 45.78
N LYS K 32 51.44 6.27 45.66
CA LYS K 32 51.53 7.39 46.60
C LYS K 32 51.07 6.98 48.00
N LEU K 33 50.03 6.16 48.09
CA LEU K 33 49.49 5.79 49.40
C LEU K 33 50.39 4.82 50.14
N PHE K 34 51.29 4.14 49.45
CA PHE K 34 52.41 3.51 50.14
C PHE K 34 53.70 4.31 50.03
N PHE K 35 53.66 5.52 49.47
CA PHE K 35 54.81 6.41 49.41
C PHE K 35 54.57 7.68 50.23
N LEU K 36 53.95 7.51 51.40
CA LEU K 36 53.67 8.58 52.37
C LEU K 36 52.87 9.76 51.79
N THR L 1 29.20 -11.47 10.86
CA THR L 1 29.51 -10.23 11.56
C THR L 1 28.66 -10.10 12.82
N LEU L 2 27.71 -11.02 12.98
CA LEU L 2 26.92 -11.04 14.22
C LEU L 2 27.76 -11.49 15.41
N LEU L 3 28.69 -12.42 15.17
CA LEU L 3 29.55 -12.93 16.24
C LEU L 3 30.45 -11.84 16.79
N LEU L 4 30.96 -10.97 15.92
CA LEU L 4 31.78 -9.85 16.39
C LEU L 4 30.94 -8.88 17.21
N GLN L 5 29.67 -8.72 16.86
CA GLN L 5 28.75 -7.92 17.69
C GLN L 5 28.54 -8.55 19.06
N LEU L 6 28.42 -9.89 19.11
CA LEU L 6 28.24 -10.57 20.40
C LEU L 6 29.47 -10.41 21.30
N THR L 7 30.67 -10.59 20.74
CA THR L 7 31.88 -10.37 21.53
C THR L 7 32.04 -8.90 21.92
N ASN L 8 31.62 -7.98 21.04
CA ASN L 8 31.71 -6.55 21.36
C ASN L 8 30.80 -6.18 22.52
N THR L 9 29.57 -6.70 22.54
CA THR L 9 28.70 -6.32 23.64
C THR L 9 29.08 -7.06 24.93
N SER L 10 29.57 -8.30 24.83
CA SER L 10 30.07 -8.99 26.02
C SER L 10 31.28 -8.27 26.61
N ALA L 11 32.18 -7.78 25.75
CA ALA L 11 33.28 -6.96 26.22
C ALA L 11 32.79 -5.62 26.75
N TYR L 12 31.66 -5.11 26.25
CA TYR L 12 31.13 -3.85 26.76
C TYR L 12 30.71 -3.98 28.21
N TYR L 13 29.90 -5.00 28.55
CA TYR L 13 29.57 -5.11 29.98
C TYR L 13 30.74 -5.65 30.81
N MET L 14 31.67 -6.41 30.20
CA MET L 14 32.85 -6.84 30.94
C MET L 14 33.74 -5.66 31.32
N TYR L 15 33.96 -4.74 30.38
CA TYR L 15 34.77 -3.57 30.67
C TYR L 15 34.03 -2.55 31.51
N LEU L 16 32.69 -2.52 31.44
CA LEU L 16 31.93 -1.72 32.40
C LEU L 16 32.07 -2.25 33.82
N LEU L 17 32.06 -3.58 33.97
CA LEU L 17 32.28 -4.19 35.28
C LEU L 17 33.69 -3.92 35.79
N LEU L 18 34.69 -4.01 34.90
CA LEU L 18 36.08 -3.71 35.28
C LEU L 18 36.24 -2.24 35.65
N LEU L 19 35.53 -1.36 34.94
CA LEU L 19 35.48 0.06 35.30
C LEU L 19 34.86 0.26 36.68
N LEU L 20 33.82 -0.51 36.99
CA LEU L 20 33.20 -0.41 38.31
C LEU L 20 34.14 -0.88 39.41
N LYS L 21 34.92 -1.94 39.13
CA LYS L 21 35.94 -2.39 40.10
C LYS L 21 37.02 -1.34 40.31
N SER L 22 37.50 -0.71 39.24
CA SER L 22 38.49 0.34 39.40
C SER L 22 37.91 1.57 40.08
N VAL L 23 36.64 1.88 39.82
CA VAL L 23 35.97 3.00 40.48
C VAL L 23 35.82 2.74 41.98
N VAL L 24 35.45 1.52 42.36
CA VAL L 24 35.29 1.26 43.79
C VAL L 24 36.64 1.16 44.50
N TYR L 25 37.70 0.71 43.81
CA TYR L 25 39.03 0.75 44.40
C TYR L 25 39.50 2.20 44.56
N PHE L 26 39.17 3.06 43.58
CA PHE L 26 39.43 4.48 43.72
C PHE L 26 38.62 5.10 44.86
N ALA L 27 37.42 4.59 45.11
CA ALA L 27 36.60 5.09 46.21
C ALA L 27 37.19 4.73 47.57
N ILE L 28 37.66 3.48 47.71
CA ILE L 28 38.32 3.07 48.96
C ILE L 28 39.62 3.83 49.15
N ILE L 29 40.38 4.06 48.07
CA ILE L 29 41.63 4.79 48.23
C ILE L 29 41.38 6.28 48.47
N THR L 30 40.24 6.80 48.00
CA THR L 30 39.88 8.19 48.29
C THR L 30 39.46 8.34 49.75
N CYS L 31 38.73 7.36 50.28
CA CYS L 31 38.41 7.35 51.70
C CYS L 31 39.67 7.22 52.55
N CYS L 32 40.63 6.41 52.11
CA CYS L 32 41.89 6.27 52.82
C CYS L 32 42.70 7.57 52.80
N LEU L 33 42.73 8.26 51.65
CA LEU L 33 43.42 9.54 51.56
C LEU L 33 42.73 10.61 52.42
N LEU L 34 41.40 10.60 52.45
CA LEU L 34 40.67 11.55 53.28
C LEU L 34 40.87 11.28 54.76
N ARG L 35 40.99 10.01 55.15
CA ARG L 35 41.33 9.68 56.53
C ARG L 35 42.77 10.08 56.84
N ARG L 36 43.65 10.00 55.85
CA ARG L 36 45.03 10.44 56.03
C ARG L 36 45.13 11.94 56.21
N THR L 37 44.31 12.72 55.50
CA THR L 37 44.35 14.17 55.64
C THR L 37 43.79 14.64 56.97
N ALA L 38 42.78 13.97 57.50
CA ALA L 38 42.18 14.35 58.78
C ALA L 38 43.08 13.94 59.94
#